data_7NBH
#
_entry.id   7NBH
#
_cell.length_a   48.180
_cell.length_b   154.880
_cell.length_c   85.480
_cell.angle_alpha   90.000
_cell.angle_beta   98.040
_cell.angle_gamma   90.000
#
_symmetry.space_group_name_H-M   'P 1 21 1'
#
loop_
_entity.id
_entity.type
_entity.pdbx_description
1 polymer 'Serine racemase'
2 non-polymer 1,2-ETHANEDIOL
3 non-polymer 'SODIUM ION'
4 non-polymer 'CALCIUM ION'
5 non-polymer GLYCEROL
6 non-polymer N-[(1H-benzimidazol-2-yl)methyl]furan-2-carboxamide
7 non-polymer 'MAGNESIUM ION'
8 non-polymer 'CHLORIDE ION'
9 non-polymer 'TRIETHYLENE GLYCOL'
10 water water
#
_entity_poly.entity_id   1
_entity_poly.type   'polypeptide(L)'
_entity_poly.pdbx_seq_one_letter_code
;MDAQYDISFADVEKAHINIRDSIHLTPVLTSSILNQLTGRNLFFKCELFQKTGSF(LLP)IRGALNAVRSLVPDALERKP
KAVVTHSSGNHGQALTYAAKLEGIPAYIVVPQTAPDCKKLAIQAYGASIVYCEPSDESRENVAKRVTEETEGIMVHPNQE
PAVIAGQGTIALEVLNQVPLVDALVVPVGGGGMLAGIAITVKALKPSVKVYAAEPSNADDCYQSKLKGKLMPNLYPPETI
ADGVKSSIGLNTWPIIRDLVDDIFTVTEDEIKCATQLVWERMKLLIEPTAGVGVAAVLSQHFQTVSPEVKNICIVLSGGN
VDLTSSITWVKQAERPASYQSVSVHHHHHH
;
_entity_poly.pdbx_strand_id   AAA,BBB,CCC,DDD
#
loop_
_chem_comp.id
_chem_comp.type
_chem_comp.name
_chem_comp.formula
CA non-polymer 'CALCIUM ION' 'Ca 2'
CL non-polymer 'CHLORIDE ION' 'Cl -1'
EDO non-polymer 1,2-ETHANEDIOL 'C2 H6 O2'
GOL non-polymer GLYCEROL 'C3 H8 O3'
MG non-polymer 'MAGNESIUM ION' 'Mg 2'
NA non-polymer 'SODIUM ION' 'Na 1'
PGE non-polymer 'TRIETHYLENE GLYCOL' 'C6 H14 O4'
W0D non-polymer N-[(1H-benzimidazol-2-yl)methyl]furan-2-carboxamide 'C13 H11 N3 O2'
#
# COMPACT_ATOMS: atom_id res chain seq x y z
N GLN A 4 9.77 5.20 36.37
CA GLN A 4 8.59 5.66 37.15
C GLN A 4 7.57 4.52 37.33
N TYR A 5 7.28 3.72 36.28
CA TYR A 5 6.37 2.58 36.38
C TYR A 5 7.14 1.26 36.25
N ASP A 6 6.44 0.13 36.37
CA ASP A 6 7.05 -1.19 36.29
C ASP A 6 7.57 -1.48 34.87
N ILE A 7 7.14 -0.72 33.84
CA ILE A 7 7.78 -0.84 32.52
C ILE A 7 7.96 0.57 32.01
N SER A 8 8.81 0.72 31.00
CA SER A 8 8.98 1.97 30.29
C SER A 8 8.73 1.73 28.81
N PHE A 9 8.65 2.80 28.01
CA PHE A 9 8.55 2.70 26.57
C PHE A 9 9.76 1.93 26.04
N ALA A 10 10.95 2.11 26.64
CA ALA A 10 12.13 1.35 26.19
C ALA A 10 11.89 -0.17 26.30
N ASP A 11 11.20 -0.64 27.36
CA ASP A 11 10.83 -2.05 27.50
C ASP A 11 9.85 -2.52 26.43
N VAL A 12 8.95 -1.63 26.03
CA VAL A 12 8.01 -1.98 24.97
C VAL A 12 8.72 -2.18 23.63
N GLU A 13 9.72 -1.32 23.33
N GLU A 13 9.54 -1.20 23.22
CA GLU A 13 10.46 -1.46 22.09
CA GLU A 13 10.28 -1.38 21.99
C GLU A 13 11.34 -2.71 22.12
C GLU A 13 11.19 -2.62 22.09
N LYS A 14 11.93 -2.93 23.24
CA LYS A 14 12.67 -4.19 23.43
C LYS A 14 11.82 -5.44 23.20
N ALA A 15 10.59 -5.38 23.70
CA ALA A 15 9.64 -6.46 23.46
C ALA A 15 9.31 -6.61 21.97
N HIS A 16 9.03 -5.50 21.25
N HIS A 16 9.17 -5.46 21.27
CA HIS A 16 8.55 -5.64 19.86
CA HIS A 16 8.91 -5.49 19.82
C HIS A 16 9.65 -6.28 19.03
C HIS A 16 10.07 -6.19 19.11
N ILE A 17 10.90 -5.88 19.34
N ILE A 17 11.30 -5.74 19.41
CA ILE A 17 12.09 -6.42 18.68
CA ILE A 17 12.47 -6.38 18.78
C ILE A 17 12.24 -7.91 19.01
C ILE A 17 12.44 -7.90 19.06
N ASN A 18 12.13 -8.25 20.31
CA ASN A 18 12.14 -9.64 20.78
C ASN A 18 11.10 -10.53 20.10
N ILE A 19 9.88 -10.01 19.72
CA ILE A 19 8.82 -10.94 19.34
C ILE A 19 8.50 -10.84 17.85
N ARG A 20 8.95 -9.79 17.15
N ARG A 20 8.99 -9.77 17.17
CA ARG A 20 8.37 -9.46 15.84
CA ARG A 20 8.57 -9.37 15.82
C ARG A 20 8.58 -10.57 14.80
C ARG A 20 8.61 -10.55 14.83
N ASP A 21 9.63 -11.40 14.91
CA ASP A 21 9.84 -12.46 13.91
C ASP A 21 8.81 -13.61 14.06
N SER A 22 7.94 -13.57 15.08
CA SER A 22 7.12 -14.73 15.39
C SER A 22 5.65 -14.36 15.57
N ILE A 23 5.30 -13.06 15.47
CA ILE A 23 3.88 -12.70 15.57
C ILE A 23 3.47 -12.06 14.26
N HIS A 24 2.15 -11.81 14.13
CA HIS A 24 1.67 -11.17 12.93
C HIS A 24 1.48 -9.69 13.22
N LEU A 25 1.87 -8.86 12.26
N LEU A 25 1.84 -8.86 12.24
CA LEU A 25 1.40 -7.50 12.21
CA LEU A 25 1.42 -7.46 12.19
C LEU A 25 -0.05 -7.53 11.74
C LEU A 25 -0.04 -7.40 11.75
N THR A 26 -0.98 -7.51 12.70
CA THR A 26 -2.38 -7.72 12.35
C THR A 26 -2.95 -6.48 11.67
N PRO A 27 -3.88 -6.65 10.72
CA PRO A 27 -4.40 -5.53 9.99
C PRO A 27 -5.34 -4.69 10.84
N VAL A 28 -5.56 -3.48 10.33
CA VAL A 28 -6.57 -2.56 10.87
C VAL A 28 -7.68 -2.50 9.84
N LEU A 29 -8.88 -2.95 10.24
CA LEU A 29 -10.01 -2.98 9.28
C LEU A 29 -10.99 -1.87 9.64
N THR A 30 -11.90 -1.54 8.73
CA THR A 30 -12.89 -0.48 8.92
C THR A 30 -14.23 -1.06 8.56
N SER A 31 -15.29 -0.34 8.94
CA SER A 31 -16.66 -0.70 8.69
C SER A 31 -17.48 0.58 8.52
N SER A 32 -18.07 0.79 7.35
CA SER A 32 -18.94 1.95 7.16
C SER A 32 -20.12 1.91 8.11
N ILE A 33 -20.65 0.72 8.41
CA ILE A 33 -21.82 0.56 9.24
C ILE A 33 -21.51 1.02 10.66
N LEU A 34 -20.40 0.54 11.21
N LEU A 34 -20.40 0.54 11.21
CA LEU A 34 -20.10 0.98 12.57
CA LEU A 34 -20.09 0.97 12.56
C LEU A 34 -19.75 2.48 12.62
C LEU A 34 -19.74 2.46 12.63
N ASN A 35 -19.13 3.00 11.56
CA ASN A 35 -18.93 4.45 11.45
C ASN A 35 -20.27 5.20 11.54
N GLN A 36 -21.29 4.76 10.77
CA GLN A 36 -22.59 5.41 10.82
C GLN A 36 -23.25 5.28 12.17
N LEU A 37 -23.15 4.11 12.83
CA LEU A 37 -23.81 3.94 14.11
C LEU A 37 -23.22 4.81 15.22
N THR A 38 -21.91 5.13 15.21
CA THR A 38 -21.23 5.71 16.36
C THR A 38 -21.00 7.21 16.21
N GLY A 39 -21.08 7.71 14.97
N GLY A 39 -21.10 7.71 14.97
CA GLY A 39 -20.73 9.09 14.64
CA GLY A 39 -20.74 9.09 14.64
C GLY A 39 -19.25 9.32 14.34
C GLY A 39 -19.24 9.34 14.75
N ARG A 40 -18.42 8.29 14.58
CA ARG A 40 -16.96 8.39 14.56
C ARG A 40 -16.37 7.62 13.38
N ASN A 41 -15.07 7.81 13.18
N ASN A 41 -15.09 7.89 13.05
CA ASN A 41 -14.26 7.12 12.20
CA ASN A 41 -14.26 7.11 12.17
C ASN A 41 -13.50 5.98 12.87
C ASN A 41 -13.58 6.00 12.98
N LEU A 42 -14.06 4.75 12.83
CA LEU A 42 -13.54 3.65 13.63
C LEU A 42 -12.48 2.85 12.87
N PHE A 43 -11.52 2.31 13.61
CA PHE A 43 -10.45 1.49 13.10
C PHE A 43 -10.35 0.31 14.04
N PHE A 44 -10.27 -0.91 13.47
CA PHE A 44 -10.34 -2.12 14.27
C PHE A 44 -9.01 -2.85 14.14
N LYS A 45 -8.25 -2.84 15.25
CA LYS A 45 -6.98 -3.55 15.28
C LYS A 45 -7.28 -5.02 15.52
N CYS A 46 -6.98 -5.89 14.53
CA CYS A 46 -7.53 -7.24 14.50
C CYS A 46 -6.64 -8.25 15.21
N GLU A 47 -6.45 -8.08 16.55
CA GLU A 47 -5.69 -9.09 17.28
C GLU A 47 -6.40 -10.47 17.29
N LEU A 48 -7.71 -10.56 16.89
CA LEU A 48 -8.33 -11.90 16.75
C LEU A 48 -7.62 -12.71 15.64
N PHE A 49 -6.84 -12.06 14.77
CA PHE A 49 -6.10 -12.80 13.74
C PHE A 49 -4.65 -13.06 14.19
N GLN A 50 -4.26 -12.63 15.42
CA GLN A 50 -2.90 -12.89 15.89
C GLN A 50 -2.68 -14.41 16.04
N LYS A 51 -1.39 -14.86 16.05
CA LYS A 51 -1.08 -16.26 16.42
C LYS A 51 -1.73 -16.58 17.78
N THR A 52 -2.35 -17.78 17.90
CA THR A 52 -2.99 -18.32 19.08
C THR A 52 -4.41 -17.78 19.26
N GLY A 53 -4.82 -16.82 18.42
CA GLY A 53 -6.18 -16.25 18.42
C GLY A 53 -6.39 -15.08 19.37
N SER A 54 -5.28 -14.57 19.96
CA SER A 54 -5.42 -13.39 20.80
C SER A 54 -4.08 -12.68 20.92
N PHE A 55 -4.11 -11.41 21.42
CA PHE A 55 -2.88 -10.65 21.48
C PHE A 55 -1.93 -11.27 22.51
N1 LLP A 56 -9.41 -9.58 25.53
N1 LLP A 56 -9.41 -9.66 25.61
C2 LLP A 56 -9.01 -10.84 25.39
C2 LLP A 56 -8.92 -10.88 25.37
C2' LLP A 56 -9.58 -11.65 24.25
C2' LLP A 56 -9.44 -11.67 24.21
C3 LLP A 56 -8.11 -11.42 26.30
C3 LLP A 56 -7.97 -11.44 26.25
O3 LLP A 56 -7.76 -12.69 26.11
O3 LLP A 56 -7.50 -12.66 25.97
C4 LLP A 56 -7.60 -10.66 27.35
C4 LLP A 56 -7.50 -10.69 27.35
C4' LLP A 56 -6.60 -11.28 28.22
C4' LLP A 56 -6.42 -11.24 28.19
C5 LLP A 56 -8.03 -9.32 27.48
C5 LLP A 56 -8.01 -9.41 27.54
C6 LLP A 56 -8.94 -8.85 26.56
C6 LLP A 56 -8.97 -8.95 26.67
C5' LLP A 56 -7.63 -8.41 28.61
C5' LLP A 56 -7.66 -8.55 28.72
OP4 LLP A 56 -6.20 -8.36 28.90
OP4 LLP A 56 -6.24 -8.25 28.88
P LLP A 56 -5.75 -7.86 30.35
P LLP A 56 -5.73 -7.84 30.33
OP1 LLP A 56 -4.28 -7.56 30.17
OP1 LLP A 56 -4.24 -7.59 30.16
OP2 LLP A 56 -6.60 -6.61 30.68
OP2 LLP A 56 -6.52 -6.56 30.70
OP3 LLP A 56 -6.02 -9.00 31.26
OP3 LLP A 56 -6.06 -9.00 31.21
N LLP A 56 -2.37 -12.23 23.33
N LLP A 56 -2.40 -12.24 23.30
CA LLP A 56 -1.56 -12.56 24.51
CA LLP A 56 -1.66 -12.70 24.49
CB LLP A 56 -2.32 -13.40 25.52
CB LLP A 56 -2.46 -13.75 25.26
CG LLP A 56 -3.39 -12.66 26.34
CG LLP A 56 -3.69 -13.26 26.03
CD LLP A 56 -3.91 -13.53 27.46
CD LLP A 56 -3.29 -12.42 27.24
CE LLP A 56 -4.70 -12.74 28.46
CE LLP A 56 -4.34 -12.40 28.33
NZ LLP A 56 -5.99 -12.38 27.86
NZ LLP A 56 -5.66 -12.19 27.74
C LLP A 56 -0.26 -13.26 24.12
C LLP A 56 -0.29 -13.26 24.11
O LLP A 56 0.65 -13.39 24.95
O LLP A 56 0.63 -13.28 24.94
N ILE A 57 -0.15 -13.69 22.86
CA ILE A 57 1.14 -14.21 22.39
C ILE A 57 2.25 -13.16 22.50
N ARG A 58 1.87 -11.86 22.49
CA ARG A 58 2.88 -10.80 22.51
C ARG A 58 3.62 -10.80 23.87
N GLY A 59 2.84 -10.66 24.93
CA GLY A 59 3.39 -10.67 26.29
C GLY A 59 4.02 -12.05 26.63
N ALA A 60 3.41 -13.15 26.17
CA ALA A 60 3.86 -14.48 26.54
C ALA A 60 5.23 -14.74 25.87
N LEU A 61 5.35 -14.43 24.58
CA LEU A 61 6.63 -14.61 23.89
C LEU A 61 7.70 -13.67 24.44
N ASN A 62 7.35 -12.44 24.79
CA ASN A 62 8.33 -11.55 25.35
C ASN A 62 8.84 -12.11 26.68
N ALA A 63 7.92 -12.70 27.46
CA ALA A 63 8.32 -13.22 28.78
C ALA A 63 9.25 -14.44 28.59
N VAL A 64 8.93 -15.31 27.62
CA VAL A 64 9.76 -16.50 27.39
C VAL A 64 11.16 -16.08 26.90
N ARG A 65 11.23 -15.05 26.04
CA ARG A 65 12.50 -14.60 25.50
C ARG A 65 13.25 -13.58 26.38
N SER A 66 12.69 -13.10 27.51
N SER A 66 12.62 -13.08 27.46
CA SER A 66 13.39 -12.09 28.29
CA SER A 66 13.20 -12.03 28.31
C SER A 66 13.57 -12.41 29.77
C SER A 66 13.62 -12.54 29.68
N LEU A 67 12.74 -13.29 30.35
CA LEU A 67 12.84 -13.55 31.79
C LEU A 67 13.90 -14.60 32.08
N VAL A 68 14.54 -14.50 33.25
CA VAL A 68 15.51 -15.51 33.70
C VAL A 68 14.88 -16.29 34.86
N PRO A 69 15.02 -17.62 34.90
CA PRO A 69 14.46 -18.41 36.00
C PRO A 69 15.14 -18.12 37.34
N ASP A 70 16.39 -17.66 37.29
N ASP A 70 16.42 -17.72 37.31
CA ASP A 70 17.24 -17.72 38.47
CA ASP A 70 17.08 -17.47 38.58
C ASP A 70 18.44 -16.79 38.27
C ASP A 70 18.41 -16.80 38.29
N ALA A 71 19.07 -16.33 39.35
CA ALA A 71 20.34 -15.62 39.26
C ALA A 71 21.40 -16.42 38.48
N LEU A 72 21.34 -17.75 38.56
CA LEU A 72 22.42 -18.59 38.07
C LEU A 72 22.14 -19.25 36.71
N GLU A 73 20.94 -19.04 36.18
N GLU A 73 20.92 -19.05 36.19
CA GLU A 73 20.55 -19.58 34.89
CA GLU A 73 20.51 -19.63 34.92
C GLU A 73 19.81 -18.50 34.10
C GLU A 73 19.78 -18.53 34.12
N ARG A 74 20.36 -18.15 32.94
N ARG A 74 20.34 -18.17 32.96
N ARG A 74 20.33 -18.26 32.95
CA ARG A 74 19.83 -17.07 32.10
CA ARG A 74 19.82 -17.09 32.13
CA ARG A 74 19.79 -17.13 32.21
C ARG A 74 18.69 -17.56 31.20
C ARG A 74 18.69 -17.57 31.20
C ARG A 74 18.68 -17.57 31.24
N LYS A 75 18.57 -18.88 30.97
CA LYS A 75 17.58 -19.43 30.01
C LYS A 75 16.47 -20.17 30.75
N PRO A 76 15.18 -19.80 30.63
CA PRO A 76 14.10 -20.63 31.17
C PRO A 76 14.10 -22.04 30.60
N LYS A 77 13.84 -23.01 31.49
N LYS A 77 13.85 -23.01 31.48
CA LYS A 77 13.84 -24.39 31.05
CA LYS A 77 13.85 -24.40 31.05
C LYS A 77 12.42 -24.93 30.93
C LYS A 77 12.42 -24.94 30.95
N ALA A 78 11.46 -24.09 31.31
CA ALA A 78 10.06 -24.46 31.20
C ALA A 78 9.25 -23.20 31.51
N VAL A 79 7.95 -23.24 31.20
CA VAL A 79 7.06 -22.14 31.60
C VAL A 79 5.89 -22.72 32.39
N VAL A 80 5.37 -21.93 33.37
CA VAL A 80 4.30 -22.42 34.23
C VAL A 80 3.31 -21.28 34.44
N THR A 81 2.02 -21.60 34.39
CA THR A 81 1.00 -20.58 34.66
C THR A 81 -0.26 -21.25 35.20
N HIS A 82 -1.08 -20.47 35.97
N HIS A 82 -1.03 -20.49 36.00
CA HIS A 82 -2.40 -20.90 36.40
CA HIS A 82 -2.33 -20.95 36.46
C HIS A 82 -3.53 -20.66 35.36
C HIS A 82 -3.41 -20.63 35.44
N SER A 83 -3.33 -20.12 34.10
N SER A 83 -3.04 -19.90 34.36
CA SER A 83 -4.29 -19.73 33.06
CA SER A 83 -4.04 -19.51 33.36
C SER A 83 -4.52 -20.85 32.07
C SER A 83 -4.30 -20.62 32.35
N SER A 84 -5.76 -21.16 32.07
N SER A 84 -5.58 -20.96 32.06
CA SER A 84 -6.14 -22.19 31.17
CA SER A 84 -5.95 -22.04 31.14
C SER A 84 -6.74 -21.57 29.93
C SER A 84 -6.68 -21.51 29.90
N GLY A 85 -6.75 -20.23 29.82
N GLY A 85 -6.79 -20.18 29.81
CA GLY A 85 -7.48 -19.63 28.68
CA GLY A 85 -7.53 -19.57 28.70
C GLY A 85 -6.51 -19.08 27.63
C GLY A 85 -6.55 -19.07 27.64
N ASN A 86 -6.79 -17.86 27.15
CA ASN A 86 -5.96 -17.29 26.09
C ASN A 86 -4.52 -17.20 26.58
N HIS A 87 -4.28 -16.93 27.87
CA HIS A 87 -2.89 -16.80 28.32
C HIS A 87 -2.14 -18.13 28.25
N GLY A 88 -2.81 -19.21 28.67
CA GLY A 88 -2.18 -20.52 28.70
C GLY A 88 -1.91 -21.02 27.28
N GLN A 89 -2.91 -20.81 26.43
CA GLN A 89 -2.69 -21.13 25.04
C GLN A 89 -1.49 -20.35 24.47
N ALA A 90 -1.42 -19.06 24.75
CA ALA A 90 -0.34 -18.23 24.19
C ALA A 90 1.01 -18.67 24.78
N LEU A 91 1.05 -18.91 26.09
CA LEU A 91 2.29 -19.29 26.76
C LEU A 91 2.81 -20.63 26.24
N THR A 92 1.89 -21.55 25.98
CA THR A 92 2.24 -22.84 25.42
C THR A 92 2.88 -22.67 24.04
N TYR A 93 2.23 -21.91 23.15
CA TYR A 93 2.77 -21.64 21.82
C TYR A 93 4.16 -21.02 21.96
N ALA A 94 4.31 -20.04 22.87
CA ALA A 94 5.59 -19.35 23.01
C ALA A 94 6.67 -20.37 23.45
N ALA A 95 6.31 -21.27 24.39
CA ALA A 95 7.25 -22.28 24.89
C ALA A 95 7.66 -23.24 23.77
N LYS A 96 6.66 -23.72 23.00
N LYS A 96 6.67 -23.73 23.00
CA LYS A 96 6.89 -24.58 21.85
CA LYS A 96 6.90 -24.59 21.84
C LYS A 96 7.85 -23.91 20.87
C LYS A 96 7.86 -23.92 20.87
N LEU A 97 7.65 -22.63 20.55
CA LEU A 97 8.60 -21.93 19.70
C LEU A 97 10.01 -21.95 20.26
N GLU A 98 10.15 -21.86 21.57
CA GLU A 98 11.47 -21.79 22.18
C GLU A 98 12.01 -23.17 22.53
N GLY A 99 11.24 -24.25 22.26
CA GLY A 99 11.65 -25.63 22.49
C GLY A 99 11.70 -26.04 23.97
N ILE A 100 10.84 -25.41 24.80
CA ILE A 100 10.82 -25.73 26.24
C ILE A 100 9.39 -26.15 26.59
N PRO A 101 9.23 -27.01 27.59
CA PRO A 101 7.92 -27.51 27.95
C PRO A 101 7.07 -26.44 28.63
N ALA A 102 5.76 -26.55 28.46
CA ALA A 102 4.81 -25.70 29.18
C ALA A 102 3.96 -26.49 30.21
N TYR A 103 3.84 -25.97 31.45
CA TYR A 103 2.91 -26.59 32.39
C TYR A 103 1.80 -25.63 32.81
N ILE A 104 0.55 -26.13 32.75
CA ILE A 104 -0.61 -25.36 33.21
C ILE A 104 -1.11 -25.94 34.53
N VAL A 105 -1.09 -25.14 35.62
CA VAL A 105 -1.56 -25.69 36.92
C VAL A 105 -3.09 -25.59 36.85
N VAL A 106 -3.79 -26.71 37.01
CA VAL A 106 -5.22 -26.84 36.82
C VAL A 106 -5.86 -27.43 38.08
N PRO A 107 -6.87 -26.76 38.67
CA PRO A 107 -7.80 -27.39 39.62
C PRO A 107 -8.36 -28.71 39.09
N GLN A 108 -8.47 -29.69 40.02
CA GLN A 108 -9.20 -30.95 39.86
C GLN A 108 -10.65 -30.72 39.37
N THR A 109 -11.20 -29.56 39.77
CA THR A 109 -12.58 -29.18 39.53
C THR A 109 -12.78 -28.59 38.14
N ALA A 110 -11.69 -28.43 37.36
CA ALA A 110 -11.82 -27.87 36.02
C ALA A 110 -12.62 -28.83 35.15
N PRO A 111 -13.47 -28.27 34.24
CA PRO A 111 -14.26 -29.08 33.28
C PRO A 111 -13.34 -29.99 32.48
N ASP A 112 -13.85 -31.16 32.06
N ASP A 112 -13.84 -31.17 32.06
CA ASP A 112 -13.07 -32.11 31.27
CA ASP A 112 -13.04 -32.10 31.28
C ASP A 112 -12.64 -31.50 29.93
C ASP A 112 -12.65 -31.50 29.92
N CYS A 113 -13.49 -30.61 29.38
CA CYS A 113 -13.23 -30.03 28.07
C CYS A 113 -12.00 -29.12 28.17
N LYS A 114 -11.84 -28.41 29.29
CA LYS A 114 -10.67 -27.58 29.55
C LYS A 114 -9.40 -28.45 29.60
N LYS A 115 -9.46 -29.58 30.33
CA LYS A 115 -8.31 -30.46 30.49
C LYS A 115 -7.92 -31.07 29.14
N LEU A 116 -8.94 -31.39 28.31
CA LEU A 116 -8.69 -32.03 27.02
C LEU A 116 -8.00 -31.06 26.09
N ALA A 117 -8.47 -29.80 26.08
CA ALA A 117 -7.93 -28.86 25.12
C ALA A 117 -6.47 -28.57 25.49
N ILE A 118 -6.22 -28.27 26.79
CA ILE A 118 -4.89 -27.90 27.21
C ILE A 118 -3.90 -28.91 26.65
N GLN A 119 -4.29 -30.19 26.61
CA GLN A 119 -3.35 -31.28 26.37
C GLN A 119 -3.15 -31.43 24.86
N ALA A 120 -4.19 -31.09 24.09
CA ALA A 120 -4.16 -31.31 22.64
C ALA A 120 -3.31 -30.25 21.97
N TYR A 121 -3.29 -29.04 22.53
CA TYR A 121 -2.39 -27.96 22.14
C TYR A 121 -0.92 -28.30 22.40
N GLY A 122 -0.64 -29.05 23.46
CA GLY A 122 0.71 -29.49 23.71
C GLY A 122 1.25 -29.02 25.05
N ALA A 123 0.40 -28.49 25.95
CA ALA A 123 0.87 -28.27 27.31
C ALA A 123 0.75 -29.55 28.16
N SER A 124 1.52 -29.67 29.26
CA SER A 124 1.33 -30.65 30.31
C SER A 124 0.50 -30.07 31.44
N ILE A 125 -0.46 -30.84 31.97
CA ILE A 125 -1.25 -30.44 33.12
C ILE A 125 -0.59 -30.88 34.43
N VAL A 126 -0.56 -29.97 35.40
CA VAL A 126 -0.26 -30.33 36.78
C VAL A 126 -1.49 -29.99 37.63
N TYR A 127 -2.00 -30.97 38.40
CA TYR A 127 -3.24 -30.79 39.17
C TYR A 127 -2.97 -30.14 40.53
N CYS A 128 -3.89 -29.27 40.99
CA CYS A 128 -3.82 -28.71 42.33
C CYS A 128 -5.18 -28.88 43.01
N GLU A 129 -5.33 -28.43 44.26
CA GLU A 129 -6.66 -28.36 44.87
C GLU A 129 -7.24 -27.02 44.46
N PRO A 130 -8.59 -26.83 44.44
CA PRO A 130 -9.15 -25.58 43.93
C PRO A 130 -8.70 -24.40 44.79
N SER A 131 -8.12 -24.70 45.97
CA SER A 131 -7.66 -23.68 46.92
C SER A 131 -6.48 -22.89 46.35
N ASP A 132 -6.39 -21.60 46.71
CA ASP A 132 -5.26 -20.76 46.36
C ASP A 132 -4.00 -21.34 46.97
N GLU A 133 -4.09 -21.82 48.22
CA GLU A 133 -2.91 -22.35 48.91
C GLU A 133 -2.28 -23.46 48.07
N SER A 134 -3.11 -24.39 47.59
CA SER A 134 -2.64 -25.52 46.82
C SER A 134 -2.07 -25.05 45.47
N ARG A 135 -2.79 -24.11 44.82
CA ARG A 135 -2.42 -23.69 43.48
C ARG A 135 -1.02 -23.10 43.56
N GLU A 136 -0.79 -22.25 44.57
CA GLU A 136 0.50 -21.57 44.73
C GLU A 136 1.57 -22.61 45.04
N ASN A 137 1.26 -23.52 45.98
CA ASN A 137 2.20 -24.57 46.36
C ASN A 137 2.62 -25.37 45.13
N VAL A 138 1.62 -25.85 44.37
CA VAL A 138 1.92 -26.70 43.25
C VAL A 138 2.73 -25.93 42.21
N ALA A 139 2.33 -24.70 41.87
CA ALA A 139 3.01 -23.97 40.81
C ALA A 139 4.46 -23.66 41.19
N LYS A 140 4.72 -23.30 42.46
CA LYS A 140 6.07 -23.03 42.91
C LYS A 140 6.90 -24.32 42.86
N ARG A 141 6.30 -25.46 43.26
CA ARG A 141 6.95 -26.75 43.14
C ARG A 141 7.36 -27.00 41.67
N VAL A 142 6.39 -27.00 40.77
CA VAL A 142 6.65 -27.18 39.33
C VAL A 142 7.73 -26.21 38.85
N THR A 143 7.58 -24.91 39.15
CA THR A 143 8.53 -23.89 38.71
C THR A 143 9.98 -24.25 39.11
N GLU A 144 10.15 -24.82 40.31
CA GLU A 144 11.46 -25.05 40.91
C GLU A 144 12.03 -26.35 40.38
N GLU A 145 11.22 -27.42 40.41
CA GLU A 145 11.56 -28.72 39.88
C GLU A 145 12.00 -28.58 38.42
N THR A 146 11.29 -27.73 37.64
CA THR A 146 11.51 -27.76 36.22
C THR A 146 12.57 -26.71 35.85
N GLU A 147 13.02 -25.91 36.82
CA GLU A 147 13.80 -24.70 36.51
C GLU A 147 13.05 -23.80 35.53
N GLY A 148 11.75 -23.61 35.79
CA GLY A 148 10.89 -22.86 34.88
C GLY A 148 10.69 -21.39 35.29
N ILE A 149 10.00 -20.61 34.47
CA ILE A 149 9.50 -19.29 34.85
C ILE A 149 7.98 -19.40 35.03
N MET A 150 7.45 -18.74 36.07
N MET A 150 7.44 -18.75 36.07
CA MET A 150 6.02 -18.59 36.22
CA MET A 150 6.01 -18.60 36.22
C MET A 150 5.71 -17.29 35.49
C MET A 150 5.64 -17.27 35.56
N VAL A 151 4.69 -17.28 34.60
CA VAL A 151 4.43 -16.09 33.79
C VAL A 151 2.99 -15.62 34.08
N HIS A 152 2.87 -14.57 34.88
CA HIS A 152 1.57 -14.02 35.26
C HIS A 152 0.87 -13.38 34.05
N PRO A 153 -0.46 -13.60 33.86
CA PRO A 153 -1.14 -13.15 32.65
C PRO A 153 -1.20 -11.65 32.47
N ASN A 154 -1.00 -10.85 33.54
CA ASN A 154 -1.21 -9.43 33.40
C ASN A 154 -0.32 -8.55 34.26
N GLN A 155 0.36 -9.10 35.30
CA GLN A 155 1.12 -8.24 36.18
C GLN A 155 2.63 -8.37 35.95
N GLU A 156 3.05 -9.36 35.16
CA GLU A 156 4.48 -9.60 34.90
C GLU A 156 4.95 -8.46 33.98
N PRO A 157 5.97 -7.67 34.36
CA PRO A 157 6.41 -6.58 33.51
C PRO A 157 6.74 -7.00 32.08
N ALA A 158 7.39 -8.15 31.87
CA ALA A 158 7.68 -8.54 30.50
C ALA A 158 6.39 -8.75 29.69
N VAL A 159 5.32 -9.24 30.36
CA VAL A 159 4.02 -9.43 29.68
C VAL A 159 3.44 -8.07 29.34
N ILE A 160 3.39 -7.14 30.31
CA ILE A 160 2.85 -5.80 30.05
C ILE A 160 3.58 -5.10 28.89
N ALA A 161 4.93 -5.21 28.87
CA ALA A 161 5.74 -4.64 27.81
C ALA A 161 5.42 -5.24 26.44
N GLY A 162 5.27 -6.56 26.38
CA GLY A 162 4.86 -7.17 25.10
C GLY A 162 3.47 -6.71 24.67
N GLN A 163 2.48 -6.65 25.58
CA GLN A 163 1.15 -6.21 25.09
C GLN A 163 1.20 -4.77 24.54
N GLY A 164 2.11 -3.91 25.06
CA GLY A 164 2.15 -2.51 24.61
C GLY A 164 2.54 -2.43 23.12
N THR A 165 3.17 -3.51 22.55
CA THR A 165 3.54 -3.46 21.14
C THR A 165 2.32 -3.28 20.25
N ILE A 166 1.14 -3.69 20.70
CA ILE A 166 -0.09 -3.41 19.89
C ILE A 166 -0.12 -1.92 19.54
N ALA A 167 0.19 -1.02 20.51
CA ALA A 167 0.06 0.44 20.31
C ALA A 167 1.15 0.93 19.37
N LEU A 168 2.34 0.26 19.34
CA LEU A 168 3.32 0.71 18.35
C LEU A 168 2.75 0.46 16.96
N GLU A 169 2.13 -0.69 16.76
CA GLU A 169 1.55 -1.00 15.45
C GLU A 169 0.41 -0.02 15.14
N VAL A 170 -0.52 0.18 16.10
CA VAL A 170 -1.66 1.04 15.83
C VAL A 170 -1.21 2.43 15.38
N LEU A 171 -0.29 3.05 16.12
CA LEU A 171 0.16 4.41 15.84
C LEU A 171 0.76 4.46 14.45
N ASN A 172 1.56 3.39 14.12
CA ASN A 172 2.20 3.37 12.80
C ASN A 172 1.14 3.14 11.74
N GLN A 173 0.12 2.32 12.03
CA GLN A 173 -0.88 1.96 11.02
C GLN A 173 -1.95 3.02 10.81
N VAL A 174 -2.21 3.84 11.83
CA VAL A 174 -3.31 4.80 11.77
C VAL A 174 -2.77 6.14 12.24
N PRO A 175 -2.00 6.83 11.37
CA PRO A 175 -1.25 8.02 11.79
C PRO A 175 -2.19 9.11 12.30
N LEU A 176 -3.46 9.15 11.81
CA LEU A 176 -4.38 10.20 12.29
C LEU A 176 -5.23 9.75 13.48
N VAL A 177 -4.87 8.66 14.14
CA VAL A 177 -5.69 8.17 15.24
C VAL A 177 -5.76 9.19 16.39
N ASP A 178 -6.94 9.33 17.01
CA ASP A 178 -7.26 10.26 18.09
C ASP A 178 -7.37 9.56 19.44
N ALA A 179 -7.67 8.25 19.44
CA ALA A 179 -7.93 7.55 20.69
C ALA A 179 -7.77 6.05 20.37
N LEU A 180 -7.30 5.28 21.36
CA LEU A 180 -7.43 3.83 21.39
C LEU A 180 -8.43 3.38 22.46
N VAL A 181 -9.30 2.43 22.12
CA VAL A 181 -10.23 1.83 23.05
C VAL A 181 -9.78 0.39 23.28
N VAL A 182 -9.52 0.05 24.55
CA VAL A 182 -8.89 -1.20 24.97
C VAL A 182 -9.73 -1.88 26.06
N PRO A 183 -10.14 -3.13 25.87
CA PRO A 183 -10.88 -3.87 26.90
C PRO A 183 -9.88 -4.07 28.07
N VAL A 184 -10.38 -3.99 29.30
CA VAL A 184 -9.49 -4.18 30.43
C VAL A 184 -10.01 -5.30 31.34
N GLY A 185 -9.08 -6.21 31.70
CA GLY A 185 -9.27 -7.12 32.81
C GLY A 185 -8.16 -6.92 33.85
N GLY A 186 -7.04 -7.65 33.71
CA GLY A 186 -5.94 -7.42 34.64
C GLY A 186 -5.18 -6.13 34.28
N GLY A 187 -5.44 -5.61 33.07
CA GLY A 187 -4.86 -4.32 32.65
C GLY A 187 -3.42 -4.44 32.10
N GLY A 188 -2.97 -5.65 31.77
CA GLY A 188 -1.64 -5.72 31.13
C GLY A 188 -1.65 -5.08 29.74
N MET A 189 -2.70 -5.40 28.99
CA MET A 189 -2.82 -4.75 27.68
C MET A 189 -3.11 -3.24 27.79
N LEU A 190 -4.06 -2.84 28.62
CA LEU A 190 -4.27 -1.42 28.83
C LEU A 190 -3.00 -0.70 29.26
N ALA A 191 -2.29 -1.21 30.29
CA ALA A 191 -1.14 -0.48 30.81
C ALA A 191 0.03 -0.43 29.78
N GLY A 192 0.24 -1.54 29.04
CA GLY A 192 1.30 -1.50 28.07
C GLY A 192 0.96 -0.50 26.97
N ILE A 193 -0.30 -0.53 26.48
CA ILE A 193 -0.71 0.47 25.51
C ILE A 193 -0.58 1.88 26.08
N ALA A 194 -1.08 2.14 27.30
CA ALA A 194 -0.99 3.49 27.86
C ALA A 194 0.46 4.00 27.91
N ILE A 195 1.41 3.18 28.40
CA ILE A 195 2.82 3.59 28.50
C ILE A 195 3.24 4.00 27.08
N THR A 196 2.85 3.18 26.08
CA THR A 196 3.36 3.38 24.71
C THR A 196 2.83 4.68 24.11
N VAL A 197 1.51 4.83 24.13
CA VAL A 197 0.87 5.99 23.51
C VAL A 197 1.31 7.28 24.23
N LYS A 198 1.45 7.23 25.55
CA LYS A 198 1.76 8.43 26.31
C LYS A 198 3.22 8.83 26.11
N ALA A 199 4.13 7.86 25.87
CA ALA A 199 5.51 8.18 25.55
C ALA A 199 5.64 8.71 24.13
N LEU A 200 4.81 8.26 23.19
CA LEU A 200 5.05 8.60 21.78
C LEU A 200 4.19 9.78 21.33
N LYS A 201 2.91 9.83 21.76
CA LYS A 201 2.03 10.87 21.24
C LYS A 201 0.90 11.08 22.26
N PRO A 202 1.21 11.70 23.41
CA PRO A 202 0.26 11.77 24.51
C PRO A 202 -1.02 12.53 24.17
N SER A 203 -1.04 13.27 23.06
CA SER A 203 -2.27 13.92 22.62
C SER A 203 -3.35 12.86 22.26
N VAL A 204 -2.92 11.63 21.95
CA VAL A 204 -3.87 10.54 21.64
C VAL A 204 -4.43 9.97 22.95
N LYS A 205 -5.77 9.88 23.01
CA LYS A 205 -6.46 9.42 24.22
C LYS A 205 -6.31 7.90 24.33
N VAL A 206 -6.31 7.42 25.59
CA VAL A 206 -6.34 5.99 25.86
C VAL A 206 -7.55 5.73 26.77
N TYR A 207 -8.49 4.96 26.22
CA TYR A 207 -9.72 4.67 26.94
C TYR A 207 -9.85 3.19 27.23
N ALA A 208 -10.33 2.88 28.46
CA ALA A 208 -10.55 1.48 28.78
C ALA A 208 -12.06 1.17 28.65
N ALA A 209 -12.34 -0.10 28.36
CA ALA A 209 -13.72 -0.57 28.27
C ALA A 209 -13.80 -1.76 29.17
N GLU A 210 -14.88 -1.80 29.98
CA GLU A 210 -14.93 -2.81 30.99
C GLU A 210 -16.39 -3.24 31.18
N PRO A 211 -16.69 -4.52 31.48
CA PRO A 211 -18.08 -4.90 31.82
C PRO A 211 -18.48 -4.23 33.15
N SER A 212 -19.66 -3.61 33.18
N SER A 212 -19.69 -3.64 33.17
CA SER A 212 -20.22 -3.09 34.45
CA SER A 212 -20.31 -3.14 34.40
C SER A 212 -20.37 -4.19 35.51
C SER A 212 -20.32 -4.19 35.49
N ASN A 213 -20.54 -5.46 35.09
CA ASN A 213 -20.55 -6.59 36.04
C ASN A 213 -19.20 -6.94 36.64
N ALA A 214 -18.14 -6.35 36.11
CA ALA A 214 -16.81 -6.64 36.63
C ALA A 214 -16.02 -5.32 36.66
N ASP A 215 -16.56 -4.30 37.36
CA ASP A 215 -16.13 -2.91 37.11
C ASP A 215 -15.05 -2.44 38.11
N ASP A 216 -14.11 -3.32 38.52
CA ASP A 216 -13.05 -2.89 39.44
C ASP A 216 -12.15 -1.77 38.84
N CYS A 217 -11.92 -1.77 37.50
CA CYS A 217 -11.00 -0.75 37.00
C CYS A 217 -11.69 0.63 37.05
N TYR A 218 -12.99 0.68 36.73
CA TYR A 218 -13.79 1.88 36.89
C TYR A 218 -13.85 2.28 38.38
N GLN A 219 -14.07 1.34 39.30
CA GLN A 219 -14.26 1.70 40.70
C GLN A 219 -12.93 2.22 41.25
N SER A 220 -11.83 1.62 40.81
CA SER A 220 -10.51 2.00 41.26
C SER A 220 -10.17 3.40 40.75
N LYS A 221 -10.43 3.68 39.46
CA LYS A 221 -10.20 5.03 38.95
C LYS A 221 -11.10 6.06 39.68
N LEU A 222 -12.34 5.65 39.95
CA LEU A 222 -13.28 6.55 40.65
C LEU A 222 -12.70 6.87 42.05
N LYS A 223 -12.31 5.86 42.80
N LYS A 223 -12.30 5.84 42.79
CA LYS A 223 -11.94 6.05 44.21
CA LYS A 223 -11.94 5.93 44.20
C LYS A 223 -10.54 6.62 44.31
C LYS A 223 -10.54 6.53 44.33
N GLY A 224 -9.69 6.41 43.28
CA GLY A 224 -8.30 6.86 43.34
C GLY A 224 -7.40 5.85 44.05
N LYS A 225 -7.85 4.58 44.26
CA LYS A 225 -6.98 3.53 44.76
C LYS A 225 -7.44 2.19 44.22
N LEU A 226 -6.56 1.18 44.30
CA LEU A 226 -6.78 -0.14 43.72
C LEU A 226 -7.90 -0.82 44.54
N MET A 227 -8.99 -1.17 43.88
CA MET A 227 -10.17 -1.77 44.48
C MET A 227 -10.56 -3.00 43.69
N PRO A 228 -10.02 -4.20 43.99
CA PRO A 228 -10.24 -5.37 43.15
C PRO A 228 -11.69 -5.81 43.32
N ASN A 229 -12.20 -6.63 42.38
CA ASN A 229 -13.48 -7.28 42.63
C ASN A 229 -13.38 -8.13 43.93
N LEU A 230 -14.34 -7.92 44.83
N LEU A 230 -14.38 -7.96 44.80
CA LEU A 230 -14.41 -8.65 46.09
CA LEU A 230 -14.49 -8.69 46.06
C LEU A 230 -14.78 -10.12 45.87
C LEU A 230 -14.89 -10.15 45.83
N TYR A 231 -15.51 -10.41 44.79
N TYR A 231 -15.66 -10.40 44.77
CA TYR A 231 -15.95 -11.75 44.47
CA TYR A 231 -16.08 -11.75 44.43
C TYR A 231 -15.73 -12.01 42.98
C TYR A 231 -15.78 -12.02 42.96
N PRO A 232 -15.62 -13.29 42.54
N PRO A 232 -15.70 -13.30 42.55
CA PRO A 232 -15.45 -13.58 41.11
CA PRO A 232 -15.52 -13.64 41.14
C PRO A 232 -16.64 -13.00 40.36
C PRO A 232 -16.67 -13.00 40.35
N PRO A 233 -16.40 -12.16 39.33
CA PRO A 233 -17.48 -11.55 38.56
C PRO A 233 -18.20 -12.52 37.63
N GLU A 234 -19.47 -12.22 37.35
N GLU A 234 -19.46 -12.21 37.34
CA GLU A 234 -20.24 -12.99 36.39
CA GLU A 234 -20.23 -13.00 36.39
C GLU A 234 -20.39 -12.12 35.15
C GLU A 234 -20.41 -12.14 35.14
N THR A 235 -19.79 -12.56 34.03
CA THR A 235 -19.86 -11.79 32.78
C THR A 235 -19.60 -12.76 31.62
N ILE A 236 -20.25 -12.51 30.47
N ILE A 236 -20.25 -12.51 30.47
CA ILE A 236 -19.95 -13.30 29.28
CA ILE A 236 -19.96 -13.27 29.26
C ILE A 236 -18.57 -12.91 28.77
C ILE A 236 -18.57 -12.90 28.76
N ALA A 237 -18.02 -11.76 29.22
CA ALA A 237 -16.67 -11.34 28.80
C ALA A 237 -15.63 -12.05 29.66
N ASP A 238 -15.47 -13.37 29.42
CA ASP A 238 -14.71 -14.28 30.28
C ASP A 238 -13.22 -13.94 30.30
N GLY A 239 -12.69 -13.26 29.27
CA GLY A 239 -11.28 -12.93 29.23
C GLY A 239 -10.92 -11.71 30.08
N VAL A 240 -11.91 -11.00 30.68
CA VAL A 240 -11.63 -9.81 31.50
C VAL A 240 -12.27 -9.99 32.89
N LYS A 241 -12.14 -11.21 33.43
CA LYS A 241 -12.66 -11.45 34.75
C LYS A 241 -11.60 -11.14 35.80
N SER A 242 -10.32 -11.09 35.44
CA SER A 242 -9.27 -10.70 36.40
C SER A 242 -9.48 -9.25 36.84
N SER A 243 -9.07 -8.90 38.05
CA SER A 243 -9.02 -7.54 38.50
C SER A 243 -7.69 -6.93 38.06
N ILE A 244 -7.60 -5.62 38.04
CA ILE A 244 -6.33 -4.95 37.88
C ILE A 244 -5.49 -5.26 39.11
N GLY A 245 -4.17 -5.13 38.96
CA GLY A 245 -3.26 -5.51 40.03
C GLY A 245 -2.28 -4.41 40.37
N LEU A 246 -1.28 -4.76 41.21
CA LEU A 246 -0.44 -3.72 41.77
C LEU A 246 0.50 -3.13 40.73
N ASN A 247 0.83 -3.87 39.65
CA ASN A 247 1.77 -3.37 38.69
C ASN A 247 1.03 -2.57 37.58
N THR A 248 -0.21 -2.97 37.26
CA THR A 248 -0.91 -2.24 36.18
C THR A 248 -1.69 -1.03 36.71
N TRP A 249 -2.14 -1.07 37.98
CA TRP A 249 -2.97 0.01 38.50
C TRP A 249 -2.29 1.39 38.45
N PRO A 250 -1.02 1.58 38.83
CA PRO A 250 -0.45 2.91 38.82
C PRO A 250 -0.39 3.49 37.40
N ILE A 251 -0.10 2.65 36.41
CA ILE A 251 -0.12 3.09 35.01
C ILE A 251 -1.52 3.53 34.61
N ILE A 252 -2.52 2.73 34.96
CA ILE A 252 -3.89 2.98 34.58
C ILE A 252 -4.38 4.26 35.26
N ARG A 253 -4.04 4.41 36.55
CA ARG A 253 -4.46 5.60 37.28
C ARG A 253 -3.93 6.86 36.58
N ASP A 254 -2.64 6.85 36.15
CA ASP A 254 -1.98 8.09 35.74
C ASP A 254 -2.14 8.33 34.24
N LEU A 255 -2.19 7.25 33.40
CA LEU A 255 -1.96 7.45 31.97
C LEU A 255 -3.22 7.09 31.18
N VAL A 256 -4.28 6.55 31.85
CA VAL A 256 -5.47 6.20 31.05
C VAL A 256 -6.47 7.35 31.24
N ASP A 257 -7.09 7.80 30.13
CA ASP A 257 -7.85 9.05 30.17
C ASP A 257 -9.23 8.83 30.73
N ASP A 258 -9.86 7.68 30.44
CA ASP A 258 -11.21 7.44 30.94
C ASP A 258 -11.54 5.96 30.80
N ILE A 259 -12.56 5.52 31.54
N ILE A 259 -12.66 5.54 31.42
CA ILE A 259 -13.03 4.15 31.60
CA ILE A 259 -13.04 4.14 31.54
C ILE A 259 -14.51 4.23 31.25
C ILE A 259 -14.56 4.04 31.39
N PHE A 260 -14.97 3.35 30.32
CA PHE A 260 -16.39 3.24 30.01
C PHE A 260 -16.85 1.83 30.35
N THR A 261 -17.96 1.71 31.12
CA THR A 261 -18.43 0.41 31.55
C THR A 261 -19.64 0.09 30.66
N VAL A 262 -19.84 -1.21 30.40
CA VAL A 262 -20.90 -1.65 29.50
C VAL A 262 -21.62 -2.83 30.10
N THR A 263 -22.94 -2.84 29.93
CA THR A 263 -23.77 -3.93 30.46
C THR A 263 -23.57 -5.19 29.66
N GLU A 264 -23.99 -6.32 30.24
CA GLU A 264 -23.97 -7.62 29.54
C GLU A 264 -24.73 -7.52 28.23
N ASP A 265 -25.92 -6.86 28.22
CA ASP A 265 -26.70 -6.85 26.98
C ASP A 265 -25.93 -6.02 25.95
N GLU A 266 -25.25 -4.96 26.38
CA GLU A 266 -24.49 -4.13 25.44
C GLU A 266 -23.32 -4.94 24.84
N ILE A 267 -22.64 -5.74 25.65
CA ILE A 267 -21.53 -6.60 25.15
C ILE A 267 -22.09 -7.58 24.14
N LYS A 268 -23.21 -8.25 24.50
CA LYS A 268 -23.83 -9.22 23.61
C LYS A 268 -24.21 -8.59 22.28
N CYS A 269 -24.87 -7.43 22.32
N CYS A 269 -24.89 -7.45 22.36
CA CYS A 269 -25.38 -6.78 21.12
CA CYS A 269 -25.39 -6.73 21.20
C CYS A 269 -24.19 -6.34 20.25
C CYS A 269 -24.21 -6.37 20.29
N ALA A 270 -23.14 -5.83 20.90
CA ALA A 270 -21.99 -5.36 20.13
C ALA A 270 -21.29 -6.55 19.48
N THR A 271 -21.19 -7.65 20.20
CA THR A 271 -20.49 -8.84 19.67
C THR A 271 -21.27 -9.32 18.43
N GLN A 272 -22.60 -9.40 18.56
N GLN A 272 -22.59 -9.41 18.58
CA GLN A 272 -23.43 -9.88 17.46
CA GLN A 272 -23.46 -9.86 17.50
C GLN A 272 -23.29 -8.96 16.26
C GLN A 272 -23.31 -8.97 16.28
N LEU A 273 -23.25 -7.65 16.52
CA LEU A 273 -23.13 -6.64 15.46
C LEU A 273 -21.81 -6.86 14.68
N VAL A 274 -20.70 -7.10 15.42
CA VAL A 274 -19.43 -7.36 14.73
C VAL A 274 -19.51 -8.65 13.93
N TRP A 275 -20.06 -9.74 14.51
CA TRP A 275 -20.23 -10.98 13.77
C TRP A 275 -21.04 -10.72 12.47
N GLU A 276 -22.20 -10.07 12.61
N GLU A 276 -22.20 -10.07 12.62
CA GLU A 276 -23.14 -10.01 11.51
CA GLU A 276 -23.17 -10.01 11.53
C GLU A 276 -22.72 -8.98 10.47
C GLU A 276 -22.75 -8.98 10.47
N ARG A 277 -22.20 -7.85 10.92
CA ARG A 277 -21.99 -6.73 10.02
C ARG A 277 -20.53 -6.58 9.64
N MET A 278 -19.57 -7.12 10.42
CA MET A 278 -18.19 -7.11 9.97
C MET A 278 -17.68 -8.49 9.55
N LYS A 279 -18.41 -9.56 9.93
CA LYS A 279 -18.07 -10.95 9.59
C LYS A 279 -16.73 -11.31 10.25
N LEU A 280 -16.52 -10.76 11.47
CA LEU A 280 -15.34 -11.15 12.25
C LEU A 280 -15.78 -11.96 13.47
N LEU A 281 -15.16 -13.13 13.65
N LEU A 281 -15.17 -13.14 13.65
CA LEU A 281 -15.49 -14.02 14.77
CA LEU A 281 -15.53 -14.00 14.77
C LEU A 281 -14.75 -13.58 16.04
C LEU A 281 -14.77 -13.59 16.04
N ILE A 282 -15.15 -12.41 16.58
CA ILE A 282 -14.54 -11.97 17.86
C ILE A 282 -15.16 -12.77 19.00
N GLU A 283 -14.36 -12.99 20.06
CA GLU A 283 -14.94 -13.45 21.29
C GLU A 283 -15.67 -12.28 21.97
N PRO A 284 -16.72 -12.58 22.78
CA PRO A 284 -17.51 -11.52 23.44
C PRO A 284 -16.61 -10.56 24.24
N THR A 285 -15.49 -11.05 24.81
CA THR A 285 -14.58 -10.15 25.51
C THR A 285 -14.09 -9.02 24.61
N ALA A 286 -13.86 -9.32 23.32
CA ALA A 286 -13.37 -8.34 22.37
C ALA A 286 -14.53 -7.46 21.89
N GLY A 287 -15.77 -7.85 22.23
CA GLY A 287 -16.94 -7.02 21.89
C GLY A 287 -17.07 -5.91 22.94
N VAL A 288 -16.33 -5.96 24.04
CA VAL A 288 -16.42 -4.98 25.13
C VAL A 288 -16.06 -3.58 24.65
N GLY A 289 -14.97 -3.50 23.90
CA GLY A 289 -14.50 -2.20 23.42
C GLY A 289 -15.46 -1.62 22.38
N VAL A 290 -16.05 -2.49 21.55
CA VAL A 290 -17.07 -2.02 20.58
C VAL A 290 -18.30 -1.52 21.37
N ALA A 291 -18.77 -2.29 22.35
CA ALA A 291 -19.91 -1.84 23.15
C ALA A 291 -19.61 -0.46 23.76
N ALA A 292 -18.38 -0.25 24.25
CA ALA A 292 -18.02 1.00 24.89
C ALA A 292 -18.25 2.17 23.95
N VAL A 293 -17.86 2.04 22.67
CA VAL A 293 -17.89 3.16 21.74
C VAL A 293 -19.36 3.39 21.34
N LEU A 294 -20.20 2.34 21.42
CA LEU A 294 -21.61 2.47 21.12
C LEU A 294 -22.41 2.97 22.34
N SER A 295 -21.78 3.04 23.51
CA SER A 295 -22.51 3.29 24.75
C SER A 295 -22.95 4.74 24.87
N GLN A 296 -23.96 5.00 25.70
CA GLN A 296 -24.42 6.37 25.93
C GLN A 296 -23.29 7.25 26.51
N HIS A 297 -22.50 6.71 27.47
CA HIS A 297 -21.52 7.56 28.13
C HIS A 297 -20.41 7.98 27.17
N PHE A 298 -20.14 7.14 26.14
CA PHE A 298 -19.15 7.52 25.14
C PHE A 298 -19.52 8.80 24.37
N GLN A 299 -20.80 9.19 24.38
CA GLN A 299 -21.22 10.45 23.73
C GLN A 299 -20.61 11.68 24.40
N THR A 300 -20.18 11.55 25.66
CA THR A 300 -19.45 12.61 26.35
C THR A 300 -18.06 12.84 25.78
N VAL A 301 -17.55 11.87 24.98
CA VAL A 301 -16.24 12.09 24.38
C VAL A 301 -16.35 13.23 23.35
N SER A 302 -15.45 14.20 23.46
CA SER A 302 -15.37 15.36 22.60
C SER A 302 -15.51 14.97 21.12
N PRO A 303 -16.22 15.78 20.32
CA PRO A 303 -16.36 15.50 18.89
C PRO A 303 -15.03 15.64 18.12
N GLU A 304 -14.02 16.30 18.73
CA GLU A 304 -12.67 16.39 18.19
C GLU A 304 -11.98 15.01 18.17
N VAL A 305 -12.38 14.10 19.08
CA VAL A 305 -11.84 12.75 19.11
C VAL A 305 -12.58 11.94 18.05
N LYS A 306 -12.08 11.97 16.81
CA LYS A 306 -12.88 11.45 15.69
C LYS A 306 -12.41 10.07 15.24
N ASN A 307 -11.09 9.86 15.17
CA ASN A 307 -10.48 8.65 14.62
C ASN A 307 -10.13 7.69 15.77
N ILE A 308 -10.92 6.63 15.97
CA ILE A 308 -10.86 5.84 17.21
C ILE A 308 -10.50 4.41 16.79
N CYS A 309 -9.40 3.90 17.34
CA CYS A 309 -9.00 2.55 17.04
C CYS A 309 -9.44 1.68 18.22
N ILE A 310 -10.25 0.67 17.93
CA ILE A 310 -10.70 -0.29 18.97
C ILE A 310 -9.90 -1.59 18.82
N VAL A 311 -9.31 -2.08 19.95
CA VAL A 311 -8.60 -3.34 19.82
C VAL A 311 -9.58 -4.50 19.87
N LEU A 312 -9.72 -5.28 18.76
CA LEU A 312 -10.45 -6.56 18.79
C LEU A 312 -9.51 -7.65 19.29
N SER A 313 -9.50 -7.83 20.64
CA SER A 313 -8.39 -8.42 21.34
C SER A 313 -8.27 -9.95 21.11
N GLY A 314 -9.36 -10.68 20.71
CA GLY A 314 -9.26 -12.13 20.61
C GLY A 314 -10.44 -12.69 19.80
N GLY A 315 -10.21 -13.88 19.28
CA GLY A 315 -11.19 -14.60 18.46
C GLY A 315 -11.36 -16.03 18.93
N ASN A 316 -10.93 -16.35 20.17
CA ASN A 316 -11.02 -17.72 20.67
C ASN A 316 -12.41 -17.99 21.25
N VAL A 317 -13.37 -18.29 20.37
CA VAL A 317 -14.76 -18.42 20.80
C VAL A 317 -15.15 -19.90 20.74
N ASP A 318 -15.96 -20.34 21.72
CA ASP A 318 -16.50 -21.68 21.70
C ASP A 318 -17.71 -21.63 20.76
N LEU A 319 -17.53 -22.16 19.56
CA LEU A 319 -18.55 -22.09 18.51
C LEU A 319 -19.82 -22.79 18.96
N THR A 320 -19.68 -23.96 19.61
CA THR A 320 -20.81 -24.72 20.12
C THR A 320 -21.63 -23.86 21.10
N SER A 321 -20.93 -23.17 22.02
CA SER A 321 -21.59 -22.33 23.02
C SER A 321 -22.29 -21.11 22.42
N SER A 322 -21.69 -20.50 21.37
CA SER A 322 -22.21 -19.30 20.72
C SER A 322 -23.72 -19.11 20.92
N TRP A 325 -26.13 -17.82 23.86
CA TRP A 325 -25.65 -17.32 25.18
C TRP A 325 -26.85 -16.92 26.05
N GLN B 4 -18.15 8.35 -34.86
CA GLN B 4 -17.14 7.30 -35.24
C GLN B 4 -15.84 8.00 -35.63
N TYR B 5 -14.81 7.78 -34.80
CA TYR B 5 -13.47 8.34 -34.96
C TYR B 5 -12.56 7.24 -35.49
N ASP B 6 -11.28 7.56 -35.71
CA ASP B 6 -10.31 6.59 -36.23
C ASP B 6 -10.00 5.51 -35.18
N ILE B 7 -10.22 5.80 -33.88
CA ILE B 7 -10.10 4.74 -32.87
C ILE B 7 -11.32 4.84 -31.98
N SER B 8 -11.54 3.78 -31.19
CA SER B 8 -12.52 3.74 -30.14
C SER B 8 -11.83 3.38 -28.82
N PHE B 9 -12.57 3.48 -27.72
CA PHE B 9 -12.02 3.05 -26.44
C PHE B 9 -11.65 1.57 -26.49
N ALA B 10 -12.48 0.72 -27.16
CA ALA B 10 -12.16 -0.70 -27.34
C ALA B 10 -10.74 -0.89 -27.92
N ASP B 11 -10.33 -0.01 -28.86
CA ASP B 11 -8.99 -0.12 -29.45
C ASP B 11 -7.91 0.20 -28.41
N VAL B 12 -8.22 1.14 -27.53
CA VAL B 12 -7.22 1.50 -26.52
C VAL B 12 -7.04 0.33 -25.55
N GLU B 13 -8.16 -0.33 -25.19
CA GLU B 13 -7.98 -1.41 -24.24
C GLU B 13 -7.21 -2.54 -24.90
N LYS B 14 -7.55 -2.84 -26.16
N LYS B 14 -7.55 -2.84 -26.16
CA LYS B 14 -6.84 -3.86 -26.89
CA LYS B 14 -6.86 -3.86 -26.94
C LYS B 14 -5.33 -3.57 -26.90
C LYS B 14 -5.36 -3.57 -26.96
N ALA B 15 -5.00 -2.30 -27.14
CA ALA B 15 -3.65 -1.82 -27.12
C ALA B 15 -2.99 -2.14 -25.78
N HIS B 16 -3.66 -1.78 -24.67
N HIS B 16 -3.65 -1.78 -24.65
CA HIS B 16 -3.09 -2.04 -23.35
CA HIS B 16 -3.16 -2.06 -23.30
C HIS B 16 -2.81 -3.54 -23.14
C HIS B 16 -2.81 -3.54 -23.14
N ILE B 17 -3.75 -4.42 -23.53
CA ILE B 17 -3.54 -5.86 -23.42
C ILE B 17 -2.33 -6.28 -24.25
N ASN B 18 -2.19 -5.66 -25.43
N ASN B 18 -2.19 -5.70 -25.45
CA ASN B 18 -1.15 -6.03 -26.41
CA ASN B 18 -1.11 -6.06 -26.37
C ASN B 18 0.24 -5.60 -25.95
C ASN B 18 0.26 -5.69 -25.82
N ILE B 19 0.36 -4.53 -25.15
CA ILE B 19 1.67 -4.00 -24.79
C ILE B 19 2.08 -4.17 -23.32
N ARG B 20 1.12 -4.49 -22.45
N ARG B 20 1.13 -4.55 -22.46
CA ARG B 20 1.36 -4.32 -21.02
CA ARG B 20 1.33 -4.34 -21.03
C ARG B 20 2.58 -5.12 -20.52
C ARG B 20 2.55 -5.12 -20.51
N ASP B 21 2.91 -6.24 -21.18
CA ASP B 21 4.01 -7.07 -20.67
C ASP B 21 5.39 -6.45 -20.95
N SER B 22 5.42 -5.36 -21.70
CA SER B 22 6.66 -4.90 -22.31
C SER B 22 6.92 -3.42 -22.03
N ILE B 23 6.01 -2.77 -21.27
CA ILE B 23 6.17 -1.36 -20.92
C ILE B 23 6.07 -1.25 -19.40
N HIS B 24 6.58 -0.13 -18.83
CA HIS B 24 6.43 0.14 -17.41
C HIS B 24 5.11 0.83 -17.13
N LEU B 25 4.48 0.36 -16.05
CA LEU B 25 3.37 1.11 -15.47
C LEU B 25 4.02 2.24 -14.69
N THR B 26 4.25 3.39 -15.34
CA THR B 26 5.14 4.39 -14.75
C THR B 26 4.46 5.01 -13.53
N PRO B 27 5.24 5.47 -12.52
CA PRO B 27 4.68 6.07 -11.31
C PRO B 27 4.11 7.45 -11.52
N VAL B 28 3.21 7.82 -10.62
CA VAL B 28 2.68 9.15 -10.52
C VAL B 28 3.33 9.80 -9.29
N LEU B 29 4.09 10.89 -9.52
CA LEU B 29 4.73 11.61 -8.43
C LEU B 29 4.01 12.92 -8.17
N THR B 30 4.28 13.49 -7.00
CA THR B 30 3.73 14.76 -6.60
C THR B 30 4.88 15.67 -6.12
N SER B 31 4.55 16.96 -5.96
CA SER B 31 5.48 18.00 -5.56
C SER B 31 4.69 19.07 -4.79
N SER B 32 5.04 19.23 -3.50
CA SER B 32 4.45 20.30 -2.68
C SER B 32 4.67 21.67 -3.32
N ILE B 33 5.85 21.91 -3.89
CA ILE B 33 6.26 23.21 -4.34
C ILE B 33 5.36 23.58 -5.53
N LEU B 34 5.23 22.66 -6.49
N LEU B 34 5.21 22.65 -6.48
CA LEU B 34 4.45 22.91 -7.69
CA LEU B 34 4.46 22.95 -7.69
C LEU B 34 2.98 23.11 -7.34
C LEU B 34 2.97 23.09 -7.36
N ASN B 35 2.50 22.39 -6.32
CA ASN B 35 1.17 22.60 -5.75
C ASN B 35 1.00 24.04 -5.25
N GLN B 36 1.99 24.55 -4.49
CA GLN B 36 1.86 25.91 -3.97
C GLN B 36 1.86 26.91 -5.12
N LEU B 37 2.69 26.71 -6.13
CA LEU B 37 2.80 27.66 -7.23
C LEU B 37 1.53 27.68 -8.08
N THR B 38 0.73 26.60 -8.02
CA THR B 38 -0.34 26.41 -8.99
C THR B 38 -1.71 26.69 -8.35
N GLY B 39 -1.80 26.52 -7.03
CA GLY B 39 -3.10 26.49 -6.36
C GLY B 39 -3.79 25.13 -6.47
N ARG B 40 -3.19 24.14 -7.14
CA ARG B 40 -3.89 22.88 -7.38
C ARG B 40 -3.17 21.70 -6.75
N ASN B 41 -3.83 20.55 -6.86
N ASN B 41 -3.86 20.56 -6.72
CA ASN B 41 -3.28 19.30 -6.40
CA ASN B 41 -3.23 19.29 -6.38
C ASN B 41 -2.74 18.52 -7.62
C ASN B 41 -2.75 18.65 -7.68
N LEU B 42 -1.41 18.62 -7.87
CA LEU B 42 -0.80 18.11 -9.11
C LEU B 42 -0.28 16.69 -8.95
N PHE B 43 -0.43 15.92 -10.04
CA PHE B 43 0.01 14.53 -10.16
C PHE B 43 0.80 14.44 -11.48
N PHE B 44 2.01 13.90 -11.40
CA PHE B 44 2.88 13.85 -12.56
C PHE B 44 3.01 12.41 -12.99
N LYS B 45 2.46 12.09 -14.17
CA LYS B 45 2.53 10.76 -14.72
C LYS B 45 3.90 10.66 -15.42
N CYS B 46 4.76 9.80 -14.87
CA CYS B 46 6.19 9.87 -15.23
C CYS B 46 6.56 9.01 -16.44
N GLU B 47 6.06 9.41 -17.63
CA GLU B 47 6.47 8.71 -18.86
C GLU B 47 7.93 9.03 -19.24
N LEU B 48 8.59 9.94 -18.53
CA LEU B 48 10.07 10.07 -18.70
C LEU B 48 10.79 8.80 -18.21
N PHE B 49 10.11 8.00 -17.37
CA PHE B 49 10.75 6.75 -16.90
C PHE B 49 10.32 5.55 -17.77
N GLN B 50 9.53 5.76 -18.81
CA GLN B 50 9.10 4.68 -19.68
C GLN B 50 10.29 4.06 -20.43
N LYS B 51 10.11 2.80 -20.83
N LYS B 51 10.12 2.80 -20.81
CA LYS B 51 11.06 2.17 -21.75
CA LYS B 51 11.03 2.16 -21.76
C LYS B 51 11.22 3.11 -22.95
C LYS B 51 11.21 3.11 -22.94
N THR B 52 12.49 3.26 -23.34
CA THR B 52 12.98 4.13 -24.43
C THR B 52 13.06 5.65 -24.09
N GLY B 53 12.64 6.04 -22.89
CA GLY B 53 12.71 7.41 -22.36
C GLY B 53 11.50 8.28 -22.73
N SER B 54 10.44 7.70 -23.34
CA SER B 54 9.22 8.48 -23.60
C SER B 54 8.06 7.50 -23.70
N PHE B 55 6.83 8.05 -23.75
CA PHE B 55 5.63 7.25 -23.83
C PHE B 55 5.53 6.59 -25.21
N1 LLP B 56 6.20 14.83 -25.67
C2 LLP B 56 7.18 14.02 -26.05
C2' LLP B 56 8.34 13.86 -25.13
C3 LLP B 56 7.11 13.36 -27.30
O3 LLP B 56 8.13 12.54 -27.64
C4 LLP B 56 6.00 13.52 -28.12
C4' LLP B 56 5.91 12.78 -29.39
C5 LLP B 56 4.99 14.40 -27.70
C6 LLP B 56 5.14 15.04 -26.49
C5' LLP B 56 3.77 14.75 -28.50
OP4 LLP B 56 2.99 13.59 -28.89
P LLP B 56 2.02 13.75 -30.20
OP1 LLP B 56 1.27 12.45 -30.30
OP2 LLP B 56 1.17 14.95 -29.86
OP3 LLP B 56 2.94 13.98 -31.40
N LLP B 56 6.28 7.07 -26.23
CA LLP B 56 6.03 6.63 -27.61
CB LLP B 56 6.85 7.45 -28.63
CG LLP B 56 6.33 8.85 -28.92
CD LLP B 56 7.00 9.46 -30.15
CE LLP B 56 6.39 10.78 -30.61
NZ LLP B 56 6.75 11.85 -29.67
C LLP B 56 6.18 5.12 -27.82
O LLP B 56 5.69 4.61 -28.83
N ILE B 57 6.86 4.42 -26.90
CA ILE B 57 6.94 2.96 -27.01
C ILE B 57 5.52 2.34 -26.98
N ARG B 58 4.55 3.00 -26.34
CA ARG B 58 3.19 2.46 -26.25
C ARG B 58 2.56 2.32 -27.65
N GLY B 59 2.53 3.44 -28.40
CA GLY B 59 1.99 3.43 -29.77
C GLY B 59 2.83 2.57 -30.72
N ALA B 60 4.16 2.68 -30.56
CA ALA B 60 5.10 2.02 -31.46
C ALA B 60 4.94 0.51 -31.32
N LEU B 61 4.93 0.04 -30.07
CA LEU B 61 4.81 -1.41 -29.85
C LEU B 61 3.43 -1.92 -30.27
N ASN B 62 2.37 -1.15 -29.97
CA ASN B 62 1.03 -1.55 -30.40
C ASN B 62 0.95 -1.70 -31.93
N ALA B 63 1.62 -0.79 -32.66
CA ALA B 63 1.58 -0.82 -34.12
C ALA B 63 2.34 -2.04 -34.64
N VAL B 64 3.48 -2.36 -34.04
CA VAL B 64 4.35 -3.43 -34.51
C VAL B 64 3.69 -4.79 -34.22
N ARG B 65 3.09 -4.95 -33.02
CA ARG B 65 2.37 -6.17 -32.60
C ARG B 65 0.95 -6.31 -33.18
N SER B 66 0.30 -5.20 -33.58
CA SER B 66 -1.00 -5.16 -34.26
C SER B 66 -0.88 -5.40 -35.79
N LEU B 67 0.13 -4.77 -36.42
CA LEU B 67 0.28 -4.71 -37.89
C LEU B 67 1.38 -5.69 -38.34
C PRO B 76 7.39 -7.91 -40.96
N LYS B 77 8.14 -7.58 -42.02
CA LYS B 77 9.52 -8.03 -42.19
C LYS B 77 10.47 -7.02 -41.57
N ALA B 78 10.03 -5.74 -41.53
CA ALA B 78 10.84 -4.65 -41.01
C ALA B 78 9.96 -3.48 -40.57
N VAL B 79 10.52 -2.56 -39.79
CA VAL B 79 9.88 -1.30 -39.43
C VAL B 79 10.75 -0.21 -40.05
N VAL B 80 10.13 0.83 -40.62
CA VAL B 80 10.87 1.95 -41.18
C VAL B 80 10.22 3.24 -40.68
N THR B 81 11.03 4.27 -40.38
CA THR B 81 10.51 5.61 -40.11
C THR B 81 11.58 6.63 -40.46
N HIS B 82 11.16 7.84 -40.85
CA HIS B 82 12.10 8.94 -41.04
C HIS B 82 12.19 9.80 -39.77
N SER B 83 11.73 9.28 -38.62
CA SER B 83 11.86 9.97 -37.33
C SER B 83 13.10 9.50 -36.58
N SER B 84 13.99 10.41 -36.23
CA SER B 84 15.24 10.08 -35.56
C SER B 84 15.13 10.52 -34.11
N GLY B 85 13.91 10.85 -33.68
CA GLY B 85 13.70 11.34 -32.31
C GLY B 85 13.06 10.24 -31.47
N ASN B 86 12.19 10.67 -30.55
CA ASN B 86 11.54 9.73 -29.65
C ASN B 86 10.86 8.60 -30.40
N HIS B 87 10.16 8.93 -31.52
CA HIS B 87 9.41 7.91 -32.27
C HIS B 87 10.36 6.85 -32.82
N GLY B 88 11.48 7.28 -33.41
CA GLY B 88 12.42 6.32 -33.95
C GLY B 88 13.01 5.44 -32.87
N GLN B 89 13.32 6.02 -31.71
CA GLN B 89 13.89 5.22 -30.65
C GLN B 89 12.87 4.17 -30.17
N ALA B 90 11.60 4.59 -30.02
CA ALA B 90 10.52 3.69 -29.58
C ALA B 90 10.31 2.57 -30.61
N LEU B 91 10.26 2.96 -31.90
CA LEU B 91 10.04 2.02 -32.97
C LEU B 91 11.17 0.99 -33.05
N THR B 92 12.41 1.50 -32.87
CA THR B 92 13.59 0.64 -32.88
C THR B 92 13.46 -0.44 -31.80
N TYR B 93 13.13 -0.05 -30.56
CA TYR B 93 12.96 -1.00 -29.45
C TYR B 93 11.76 -1.92 -29.70
N ALA B 94 10.65 -1.39 -30.26
CA ALA B 94 9.52 -2.28 -30.55
C ALA B 94 9.97 -3.38 -31.54
N ALA B 95 10.76 -2.96 -32.53
CA ALA B 95 11.27 -3.87 -33.56
C ALA B 95 12.08 -4.97 -32.90
N LYS B 96 13.00 -4.56 -32.00
N LYS B 96 13.00 -4.56 -32.00
CA LYS B 96 13.84 -5.47 -31.23
CA LYS B 96 13.84 -5.47 -31.23
C LYS B 96 13.03 -6.53 -30.50
C LYS B 96 13.03 -6.53 -30.50
N LEU B 97 12.04 -6.10 -29.71
CA LEU B 97 11.20 -7.00 -28.95
C LEU B 97 10.49 -8.01 -29.85
N GLU B 98 10.16 -7.61 -31.09
CA GLU B 98 9.45 -8.43 -32.05
C GLU B 98 10.41 -9.19 -32.98
N GLY B 99 11.74 -9.00 -32.84
CA GLY B 99 12.72 -9.76 -33.64
C GLY B 99 12.74 -9.37 -35.13
N ILE B 100 12.47 -8.08 -35.42
CA ILE B 100 12.44 -7.56 -36.79
C ILE B 100 13.41 -6.35 -36.87
N PRO B 101 14.18 -6.16 -37.98
CA PRO B 101 15.07 -5.00 -38.10
C PRO B 101 14.26 -3.71 -38.25
N ALA B 102 14.83 -2.62 -37.73
CA ALA B 102 14.23 -1.30 -37.84
C ALA B 102 15.15 -0.42 -38.70
N TYR B 103 14.56 0.30 -39.65
CA TYR B 103 15.35 1.17 -40.51
C TYR B 103 15.00 2.61 -40.17
N ILE B 104 16.04 3.43 -39.91
CA ILE B 104 15.83 4.85 -39.68
C ILE B 104 16.36 5.59 -40.90
N VAL B 105 15.46 6.35 -41.55
CA VAL B 105 15.84 7.13 -42.72
C VAL B 105 16.25 8.52 -42.22
N VAL B 106 17.54 8.84 -42.40
CA VAL B 106 18.08 10.11 -41.93
C VAL B 106 18.68 10.87 -43.13
N PRO B 107 18.57 12.21 -43.20
CA PRO B 107 19.25 12.98 -44.24
C PRO B 107 20.76 12.77 -44.05
N GLN B 108 21.54 12.81 -45.14
CA GLN B 108 22.99 12.75 -45.08
C GLN B 108 23.55 14.04 -44.43
N THR B 109 22.68 15.05 -44.28
CA THR B 109 22.95 16.33 -43.62
C THR B 109 22.75 16.22 -42.11
N ALA B 110 22.38 15.03 -41.61
CA ALA B 110 22.20 14.87 -40.16
C ALA B 110 23.58 14.87 -39.50
N PRO B 111 23.75 15.35 -38.24
CA PRO B 111 25.05 15.38 -37.58
C PRO B 111 25.52 13.95 -37.27
N ASP B 112 26.83 13.69 -37.46
CA ASP B 112 27.40 12.38 -37.17
C ASP B 112 27.05 11.92 -35.75
N CYS B 113 26.86 12.82 -34.77
CA CYS B 113 26.54 12.35 -33.43
C CYS B 113 25.16 11.67 -33.41
N LYS B 114 24.22 12.15 -34.24
CA LYS B 114 22.90 11.53 -34.38
C LYS B 114 23.05 10.17 -35.05
N LYS B 115 23.77 10.13 -36.17
CA LYS B 115 24.00 8.91 -36.94
C LYS B 115 24.55 7.80 -36.02
N LEU B 116 25.45 8.16 -35.11
CA LEU B 116 26.15 7.17 -34.28
C LEU B 116 25.25 6.68 -33.13
N ALA B 117 24.50 7.60 -32.48
CA ALA B 117 23.49 7.26 -31.48
C ALA B 117 22.42 6.31 -32.06
N ILE B 118 21.95 6.58 -33.28
CA ILE B 118 20.93 5.76 -33.91
C ILE B 118 21.48 4.34 -34.05
N GLN B 119 22.73 4.24 -34.51
CA GLN B 119 23.33 2.93 -34.75
C GLN B 119 23.59 2.25 -33.42
N ALA B 120 24.06 3.02 -32.43
CA ALA B 120 24.34 2.49 -31.10
C ALA B 120 23.07 1.92 -30.49
N TYR B 121 21.91 2.59 -30.72
CA TYR B 121 20.63 2.11 -30.24
C TYR B 121 20.21 0.81 -30.93
N GLY B 122 20.82 0.48 -32.09
CA GLY B 122 20.58 -0.82 -32.70
C GLY B 122 19.86 -0.75 -34.05
N ALA B 123 19.51 0.47 -34.48
CA ALA B 123 18.80 0.58 -35.75
C ALA B 123 19.82 0.51 -36.88
N SER B 124 19.37 0.17 -38.09
CA SER B 124 20.20 0.31 -39.29
C SER B 124 19.88 1.67 -39.89
N ILE B 125 20.90 2.28 -40.50
CA ILE B 125 20.63 3.62 -41.01
C ILE B 125 20.55 3.59 -42.53
N VAL B 126 19.64 4.40 -43.10
CA VAL B 126 19.57 4.61 -44.53
C VAL B 126 19.55 6.13 -44.77
N TYR B 127 20.23 6.62 -45.84
CA TYR B 127 20.44 8.04 -46.05
C TYR B 127 19.54 8.60 -47.15
N CYS B 128 19.03 9.84 -46.97
CA CYS B 128 18.20 10.52 -47.97
C CYS B 128 18.69 11.95 -48.19
N GLU B 129 17.88 12.78 -48.87
CA GLU B 129 18.19 14.22 -48.99
C GLU B 129 17.45 14.97 -47.87
N PRO B 130 18.01 16.06 -47.29
CA PRO B 130 17.27 16.88 -46.33
C PRO B 130 16.16 17.45 -47.21
N SER B 131 14.89 17.32 -46.77
CA SER B 131 13.76 17.36 -47.68
C SER B 131 12.67 16.41 -47.17
N ASP B 132 11.47 16.97 -47.02
CA ASP B 132 10.30 16.25 -46.54
C ASP B 132 9.96 15.17 -47.57
N GLU B 133 10.24 15.48 -48.83
CA GLU B 133 9.82 14.67 -49.96
C GLU B 133 10.81 13.51 -50.14
N SER B 134 12.11 13.82 -50.07
CA SER B 134 13.11 12.78 -50.10
C SER B 134 12.90 11.85 -48.90
N ARG B 135 12.78 12.46 -47.70
CA ARG B 135 12.59 11.68 -46.49
C ARG B 135 11.45 10.68 -46.75
N GLU B 136 10.29 11.20 -47.20
CA GLU B 136 9.11 10.40 -47.52
C GLU B 136 9.49 9.31 -48.54
N ASN B 137 10.12 9.76 -49.63
CA ASN B 137 10.43 8.93 -50.79
C ASN B 137 11.35 7.75 -50.41
N VAL B 138 12.49 8.02 -49.76
CA VAL B 138 13.44 6.97 -49.43
C VAL B 138 12.84 5.99 -48.42
N ALA B 139 12.08 6.52 -47.45
CA ALA B 139 11.45 5.64 -46.46
C ALA B 139 10.53 4.66 -47.18
N LYS B 140 9.78 5.15 -48.16
CA LYS B 140 8.82 4.29 -48.83
C LYS B 140 9.56 3.22 -49.65
N ARG B 141 10.72 3.58 -50.20
CA ARG B 141 11.57 2.72 -51.01
C ARG B 141 12.20 1.63 -50.14
N VAL B 142 12.65 2.00 -48.93
CA VAL B 142 13.19 1.01 -48.01
C VAL B 142 12.06 0.07 -47.60
N THR B 143 10.88 0.66 -47.35
CA THR B 143 9.69 -0.07 -46.92
C THR B 143 9.33 -1.08 -48.01
N GLU B 144 9.44 -0.68 -49.28
CA GLU B 144 9.14 -1.59 -50.39
C GLU B 144 10.14 -2.75 -50.46
N GLU B 145 11.44 -2.45 -50.41
CA GLU B 145 12.50 -3.46 -50.50
C GLU B 145 12.44 -4.46 -49.32
N THR B 146 12.12 -3.95 -48.13
CA THR B 146 12.26 -4.70 -46.89
C THR B 146 11.03 -5.60 -46.73
N GLU B 147 10.03 -5.37 -47.58
N GLU B 147 10.04 -5.38 -47.60
CA GLU B 147 8.64 -5.74 -47.35
CA GLU B 147 8.67 -5.76 -47.36
C GLU B 147 8.28 -5.37 -45.90
C GLU B 147 8.28 -5.38 -45.93
N GLY B 148 8.57 -4.13 -45.52
CA GLY B 148 8.34 -3.71 -44.14
C GLY B 148 7.16 -2.76 -44.07
N ILE B 149 6.96 -2.15 -42.89
CA ILE B 149 5.88 -1.17 -42.72
C ILE B 149 6.48 0.15 -42.25
N MET B 150 5.86 1.26 -42.64
CA MET B 150 6.19 2.51 -42.01
C MET B 150 5.14 2.74 -40.92
N VAL B 151 5.60 3.27 -39.79
CA VAL B 151 4.73 3.56 -38.67
C VAL B 151 4.78 5.07 -38.45
N HIS B 152 3.69 5.73 -38.82
CA HIS B 152 3.53 7.15 -38.64
C HIS B 152 3.61 7.48 -37.13
N PRO B 153 4.32 8.57 -36.75
CA PRO B 153 4.47 8.91 -35.33
C PRO B 153 3.19 9.29 -34.58
N ASN B 154 2.11 9.68 -35.30
CA ASN B 154 0.97 10.23 -34.59
C ASN B 154 -0.38 10.03 -35.32
N GLN B 155 -0.41 9.68 -36.62
CA GLN B 155 -1.68 9.55 -37.32
C GLN B 155 -2.16 8.11 -37.49
N GLU B 156 -1.26 7.14 -37.30
CA GLU B 156 -1.57 5.72 -37.47
C GLU B 156 -2.50 5.29 -36.32
N PRO B 157 -3.71 4.78 -36.61
CA PRO B 157 -4.66 4.42 -35.54
C PRO B 157 -4.09 3.52 -34.45
N ALA B 158 -3.26 2.49 -34.77
CA ALA B 158 -2.69 1.63 -33.73
C ALA B 158 -1.75 2.45 -32.80
N VAL B 159 -1.13 3.50 -33.34
CA VAL B 159 -0.25 4.35 -32.57
C VAL B 159 -1.10 5.14 -31.59
N ILE B 160 -2.15 5.79 -32.08
CA ILE B 160 -3.02 6.64 -31.29
C ILE B 160 -3.61 5.79 -30.15
N ALA B 161 -4.11 4.60 -30.50
CA ALA B 161 -4.67 3.72 -29.47
C ALA B 161 -3.63 3.42 -28.39
N GLY B 162 -2.38 3.08 -28.81
CA GLY B 162 -1.35 2.73 -27.85
C GLY B 162 -1.08 3.93 -26.91
N GLN B 163 -1.02 5.15 -27.44
CA GLN B 163 -0.67 6.29 -26.59
C GLN B 163 -1.80 6.47 -25.53
N GLY B 164 -3.04 6.25 -25.96
CA GLY B 164 -4.21 6.40 -25.08
C GLY B 164 -4.15 5.54 -23.82
N THR B 165 -3.28 4.49 -23.83
CA THR B 165 -3.12 3.66 -22.64
C THR B 165 -2.62 4.47 -21.44
N ILE B 166 -1.94 5.61 -21.70
CA ILE B 166 -1.52 6.46 -20.58
C ILE B 166 -2.71 6.81 -19.70
N ALA B 167 -3.85 7.10 -20.34
CA ALA B 167 -5.05 7.51 -19.64
C ALA B 167 -5.67 6.38 -18.81
N LEU B 168 -5.58 5.12 -19.28
CA LEU B 168 -6.13 4.03 -18.47
C LEU B 168 -5.33 3.97 -17.17
N GLU B 169 -4.02 4.12 -17.27
CA GLU B 169 -3.18 4.05 -16.05
C GLU B 169 -3.50 5.24 -15.14
N VAL B 170 -3.51 6.47 -15.72
CA VAL B 170 -3.74 7.66 -14.91
C VAL B 170 -5.07 7.53 -14.15
N LEU B 171 -6.14 7.17 -14.87
CA LEU B 171 -7.48 7.09 -14.22
C LEU B 171 -7.45 6.06 -13.08
N ASN B 172 -6.70 4.95 -13.25
CA ASN B 172 -6.62 3.96 -12.19
C ASN B 172 -5.72 4.43 -11.07
N GLN B 173 -4.66 5.17 -11.37
CA GLN B 173 -3.65 5.53 -10.38
C GLN B 173 -4.06 6.76 -9.57
N VAL B 174 -4.96 7.57 -10.15
CA VAL B 174 -5.42 8.82 -9.53
C VAL B 174 -6.95 8.84 -9.55
N PRO B 175 -7.61 8.09 -8.66
CA PRO B 175 -9.07 7.98 -8.67
C PRO B 175 -9.82 9.30 -8.59
N LEU B 176 -9.25 10.33 -7.96
CA LEU B 176 -9.92 11.62 -7.75
C LEU B 176 -9.49 12.63 -8.82
N VAL B 177 -8.82 12.19 -9.89
CA VAL B 177 -8.31 13.11 -10.92
C VAL B 177 -9.50 13.87 -11.52
N ASP B 178 -9.30 15.18 -11.74
CA ASP B 178 -10.30 16.08 -12.32
C ASP B 178 -9.91 16.51 -13.74
N ALA B 179 -8.64 16.34 -14.16
CA ALA B 179 -8.20 16.86 -15.45
C ALA B 179 -6.85 16.23 -15.79
N LEU B 180 -6.65 15.94 -17.09
CA LEU B 180 -5.31 15.53 -17.54
C LEU B 180 -4.79 16.65 -18.44
N VAL B 181 -3.48 16.95 -18.30
CA VAL B 181 -2.85 18.00 -19.08
C VAL B 181 -1.84 17.31 -19.95
N VAL B 182 -1.94 17.54 -21.28
CA VAL B 182 -1.20 16.71 -22.22
C VAL B 182 -0.52 17.62 -23.22
N PRO B 183 0.80 17.48 -23.42
CA PRO B 183 1.47 18.25 -24.50
C PRO B 183 1.00 17.68 -25.86
N VAL B 184 0.79 18.57 -26.84
CA VAL B 184 0.32 18.15 -28.17
C VAL B 184 1.27 18.60 -29.27
N GLY B 185 1.65 17.65 -30.14
CA GLY B 185 2.26 17.93 -31.44
C GLY B 185 1.34 17.39 -32.51
N GLY B 186 1.62 16.17 -33.00
CA GLY B 186 0.74 15.49 -33.94
C GLY B 186 -0.60 15.08 -33.33
N GLY B 187 -0.67 15.03 -31.98
CA GLY B 187 -1.94 14.77 -31.32
C GLY B 187 -2.28 13.27 -31.19
N GLY B 188 -1.31 12.36 -31.45
CA GLY B 188 -1.59 10.96 -31.16
C GLY B 188 -1.83 10.71 -29.67
N MET B 189 -0.96 11.30 -28.83
CA MET B 189 -1.19 11.14 -27.41
C MET B 189 -2.46 11.85 -26.96
N LEU B 190 -2.62 13.11 -27.33
CA LEU B 190 -3.81 13.83 -26.88
C LEU B 190 -5.08 13.09 -27.31
N ALA B 191 -5.15 12.61 -28.56
CA ALA B 191 -6.37 12.04 -29.11
C ALA B 191 -6.63 10.67 -28.42
N GLY B 192 -5.58 9.84 -28.24
CA GLY B 192 -5.76 8.58 -27.53
C GLY B 192 -6.25 8.82 -26.11
N ILE B 193 -5.69 9.85 -25.46
CA ILE B 193 -6.08 10.11 -24.07
C ILE B 193 -7.51 10.63 -24.07
N ALA B 194 -7.84 11.51 -25.03
CA ALA B 194 -9.20 12.09 -24.99
C ALA B 194 -10.23 10.97 -25.16
N ILE B 195 -10.00 10.09 -26.14
CA ILE B 195 -10.95 9.00 -26.38
C ILE B 195 -11.17 8.23 -25.08
N THR B 196 -10.04 7.98 -24.37
CA THR B 196 -10.11 7.08 -23.23
C THR B 196 -10.90 7.75 -22.11
N VAL B 197 -10.45 8.97 -21.74
CA VAL B 197 -11.05 9.68 -20.63
C VAL B 197 -12.55 9.89 -20.86
N LYS B 198 -12.91 10.31 -22.08
CA LYS B 198 -14.31 10.63 -22.37
C LYS B 198 -15.18 9.36 -22.42
N ALA B 199 -14.62 8.18 -22.78
CA ALA B 199 -15.37 6.93 -22.77
C ALA B 199 -15.61 6.51 -21.32
N LEU B 200 -14.63 6.76 -20.43
CA LEU B 200 -14.63 6.17 -19.10
C LEU B 200 -15.25 7.12 -18.04
N LYS B 201 -14.95 8.42 -18.10
N LYS B 201 -14.95 8.41 -18.11
CA LYS B 201 -15.36 9.36 -17.08
CA LYS B 201 -15.37 9.36 -17.08
C LYS B 201 -15.33 10.75 -17.67
C LYS B 201 -15.33 10.75 -17.68
N PRO B 202 -16.30 11.10 -18.56
CA PRO B 202 -16.25 12.36 -19.28
C PRO B 202 -16.33 13.62 -18.43
N SER B 203 -16.66 13.53 -17.14
CA SER B 203 -16.59 14.71 -16.32
C SER B 203 -15.10 15.11 -16.11
N VAL B 204 -14.14 14.21 -16.35
CA VAL B 204 -12.70 14.50 -16.26
C VAL B 204 -12.28 15.34 -17.46
N LYS B 205 -11.70 16.52 -17.19
CA LYS B 205 -11.31 17.45 -18.25
C LYS B 205 -10.07 16.90 -18.97
N VAL B 206 -9.99 17.07 -20.30
CA VAL B 206 -8.76 16.80 -21.03
C VAL B 206 -8.30 18.13 -21.61
N TYR B 207 -7.09 18.56 -21.20
CA TYR B 207 -6.53 19.84 -21.65
C TYR B 207 -5.27 19.57 -22.43
N ALA B 208 -5.10 20.30 -23.55
CA ALA B 208 -3.86 20.21 -24.30
C ALA B 208 -2.95 21.39 -23.95
N ALA B 209 -1.64 21.18 -24.13
CA ALA B 209 -0.68 22.25 -23.91
C ALA B 209 0.22 22.28 -25.16
N GLU B 210 0.49 23.47 -25.65
CA GLU B 210 1.19 23.59 -26.93
C GLU B 210 2.05 24.84 -26.86
N PRO B 211 3.26 24.83 -27.47
CA PRO B 211 4.01 26.08 -27.62
C PRO B 211 3.24 27.11 -28.46
N SER B 212 3.19 28.35 -27.96
CA SER B 212 2.75 29.53 -28.72
C SER B 212 3.38 29.57 -30.11
N ASN B 213 4.68 29.24 -30.20
CA ASN B 213 5.42 29.23 -31.45
C ASN B 213 5.01 28.13 -32.42
N ALA B 214 4.16 27.19 -31.97
CA ALA B 214 3.72 26.10 -32.83
C ALA B 214 2.23 25.84 -32.57
N ASP B 215 1.38 26.85 -32.75
CA ASP B 215 0.07 26.91 -32.10
C ASP B 215 -1.06 26.42 -33.04
N ASP B 216 -0.76 25.44 -33.90
CA ASP B 216 -1.78 24.93 -34.84
C ASP B 216 -2.97 24.25 -34.13
N CYS B 217 -2.73 23.55 -33.02
CA CYS B 217 -3.87 22.92 -32.33
C CYS B 217 -4.80 24.00 -31.77
N TYR B 218 -4.21 25.03 -31.15
CA TYR B 218 -4.98 26.19 -30.68
C TYR B 218 -5.75 26.87 -31.84
N GLN B 219 -5.03 27.19 -32.93
CA GLN B 219 -5.64 27.89 -34.06
C GLN B 219 -6.76 27.02 -34.64
N SER B 220 -6.54 25.70 -34.71
CA SER B 220 -7.51 24.77 -35.24
C SER B 220 -8.76 24.75 -34.37
N LYS B 221 -8.65 24.68 -33.06
CA LYS B 221 -9.82 24.79 -32.21
C LYS B 221 -10.52 26.15 -32.36
N LEU B 222 -9.75 27.23 -32.57
CA LEU B 222 -10.28 28.59 -32.66
C LEU B 222 -11.12 28.79 -33.93
N LYS B 223 -10.65 28.22 -35.05
N LYS B 223 -10.66 28.21 -35.05
CA LYS B 223 -11.29 28.38 -36.36
CA LYS B 223 -11.32 28.42 -36.32
C LYS B 223 -12.35 27.33 -36.58
C LYS B 223 -12.35 27.33 -36.58
N GLY B 224 -12.25 26.19 -35.87
CA GLY B 224 -13.20 25.09 -36.03
C GLY B 224 -12.85 24.19 -37.23
N LYS B 225 -11.62 24.31 -37.75
CA LYS B 225 -11.16 23.47 -38.85
C LYS B 225 -9.68 23.20 -38.68
N LEU B 226 -9.15 22.18 -39.35
CA LEU B 226 -7.75 21.83 -39.22
C LEU B 226 -6.90 22.90 -39.92
N MET B 227 -6.07 23.59 -39.15
CA MET B 227 -5.16 24.61 -39.68
C MET B 227 -3.72 24.21 -39.32
N PRO B 228 -3.00 23.37 -40.12
CA PRO B 228 -1.63 22.96 -39.78
C PRO B 228 -0.70 24.18 -39.78
N ASN B 229 0.47 24.08 -39.12
CA ASN B 229 1.52 25.07 -39.20
C ASN B 229 1.91 25.27 -40.67
N LEU B 230 1.96 26.53 -41.12
CA LEU B 230 2.29 26.86 -42.52
C LEU B 230 3.77 26.55 -42.83
N TYR B 231 4.64 26.78 -41.83
N TYR B 231 4.64 26.77 -41.82
CA TYR B 231 6.07 26.48 -41.93
CA TYR B 231 6.08 26.58 -41.89
C TYR B 231 6.54 25.72 -40.69
C TYR B 231 6.55 25.73 -40.70
N PRO B 232 7.66 24.97 -40.82
CA PRO B 232 8.26 24.25 -39.69
C PRO B 232 8.44 25.19 -38.51
N PRO B 233 7.85 24.89 -37.32
CA PRO B 233 7.92 25.83 -36.20
C PRO B 233 9.31 25.86 -35.59
N GLU B 234 9.63 26.95 -34.89
N GLU B 234 9.65 27.00 -34.94
CA GLU B 234 10.88 27.00 -34.15
CA GLU B 234 10.82 27.14 -34.10
C GLU B 234 10.53 27.05 -32.67
C GLU B 234 10.37 27.00 -32.65
N THR B 235 10.88 25.97 -31.94
CA THR B 235 10.57 25.77 -30.52
C THR B 235 11.62 24.84 -29.94
N ILE B 236 11.97 25.10 -28.68
N ILE B 236 11.97 25.10 -28.68
CA ILE B 236 12.84 24.22 -27.90
CA ILE B 236 12.85 24.21 -27.92
C ILE B 236 12.12 22.90 -27.60
C ILE B 236 12.11 22.89 -27.62
N ALA B 237 10.77 22.92 -27.70
CA ALA B 237 9.94 21.73 -27.45
C ALA B 237 9.94 20.91 -28.73
N ASP B 238 11.10 20.28 -29.01
CA ASP B 238 11.34 19.69 -30.32
C ASP B 238 10.42 18.49 -30.58
N GLY B 239 9.82 17.88 -29.52
CA GLY B 239 8.95 16.71 -29.74
C GLY B 239 7.51 17.05 -30.16
N VAL B 240 7.15 18.35 -30.17
CA VAL B 240 5.79 18.76 -30.55
C VAL B 240 5.84 19.79 -31.70
N LYS B 241 6.75 19.51 -32.65
CA LYS B 241 6.88 20.31 -33.87
C LYS B 241 5.90 19.86 -34.94
N SER B 242 5.39 18.63 -34.85
CA SER B 242 4.38 18.17 -35.80
C SER B 242 3.07 18.94 -35.65
N SER B 243 2.37 19.15 -36.79
CA SER B 243 0.98 19.59 -36.75
C SER B 243 0.07 18.40 -36.44
N ILE B 244 -1.12 18.69 -35.92
CA ILE B 244 -2.20 17.70 -35.86
C ILE B 244 -2.58 17.33 -37.29
N GLY B 245 -3.26 16.19 -37.45
CA GLY B 245 -3.57 15.66 -38.78
C GLY B 245 -5.02 15.18 -38.84
N LEU B 246 -5.42 14.56 -39.95
CA LEU B 246 -6.85 14.31 -40.16
C LEU B 246 -7.38 13.23 -39.22
N ASN B 247 -6.48 12.40 -38.63
CA ASN B 247 -6.90 11.26 -37.82
C ASN B 247 -7.08 11.72 -36.37
N THR B 248 -6.28 12.71 -35.91
CA THR B 248 -6.31 13.16 -34.53
C THR B 248 -7.18 14.43 -34.42
N TRP B 249 -7.29 15.24 -35.48
CA TRP B 249 -8.11 16.46 -35.38
C TRP B 249 -9.56 16.22 -34.94
N PRO B 250 -10.36 15.34 -35.58
CA PRO B 250 -11.77 15.15 -35.18
C PRO B 250 -11.87 14.88 -33.67
N ILE B 251 -10.98 14.00 -33.13
CA ILE B 251 -11.05 13.66 -31.71
C ILE B 251 -10.79 14.90 -30.85
N ILE B 252 -9.76 15.64 -31.24
CA ILE B 252 -9.37 16.80 -30.46
C ILE B 252 -10.47 17.87 -30.52
N ARG B 253 -10.99 18.12 -31.73
CA ARG B 253 -12.08 19.09 -31.90
C ARG B 253 -13.25 18.78 -30.96
N ASP B 254 -13.65 17.50 -30.87
CA ASP B 254 -14.88 17.12 -30.16
C ASP B 254 -14.69 16.77 -28.68
N LEU B 255 -13.50 16.22 -28.30
CA LEU B 255 -13.37 15.65 -26.95
C LEU B 255 -12.26 16.29 -26.11
N VAL B 256 -11.56 17.31 -26.62
CA VAL B 256 -10.59 18.03 -25.81
C VAL B 256 -11.27 19.32 -25.33
N ASP B 257 -11.18 19.56 -24.02
CA ASP B 257 -11.93 20.65 -23.41
C ASP B 257 -11.26 22.01 -23.69
N ASP B 258 -9.92 22.05 -23.73
CA ASP B 258 -9.27 23.36 -23.90
C ASP B 258 -7.80 23.21 -24.28
N ILE B 259 -7.21 24.26 -24.87
CA ILE B 259 -5.82 24.24 -25.36
C ILE B 259 -5.13 25.43 -24.72
N PHE B 260 -4.00 25.15 -24.07
CA PHE B 260 -3.23 26.21 -23.43
C PHE B 260 -1.92 26.38 -24.22
N THR B 261 -1.60 27.62 -24.63
CA THR B 261 -0.36 27.83 -25.36
C THR B 261 0.64 28.47 -24.41
N VAL B 262 1.93 28.20 -24.60
CA VAL B 262 2.90 28.68 -23.63
C VAL B 262 4.08 29.20 -24.46
N THR B 263 4.72 30.28 -23.99
CA THR B 263 5.82 30.92 -24.68
C THR B 263 7.08 30.09 -24.46
N GLU B 264 8.07 30.22 -25.36
CA GLU B 264 9.37 29.61 -25.18
C GLU B 264 9.96 29.87 -23.80
N ASP B 265 9.84 31.12 -23.30
CA ASP B 265 10.37 31.40 -21.96
C ASP B 265 9.62 30.63 -20.88
N GLU B 266 8.32 30.47 -21.05
CA GLU B 266 7.51 29.70 -20.11
C GLU B 266 7.90 28.21 -20.13
N ILE B 267 8.15 27.65 -21.33
CA ILE B 267 8.61 26.27 -21.42
C ILE B 267 9.94 26.08 -20.71
N LYS B 268 10.84 27.00 -21.02
CA LYS B 268 12.14 26.92 -20.38
C LYS B 268 12.08 27.07 -18.87
N CYS B 269 11.31 28.02 -18.35
N CYS B 269 11.33 28.04 -18.38
CA CYS B 269 11.27 28.18 -16.91
CA CYS B 269 11.21 28.20 -16.94
C CYS B 269 10.59 26.98 -16.22
C CYS B 269 10.69 26.90 -16.32
N ALA B 270 9.57 26.39 -16.83
CA ALA B 270 8.90 25.20 -16.29
C ALA B 270 9.84 23.98 -16.28
N THR B 271 10.61 23.81 -17.37
CA THR B 271 11.55 22.70 -17.45
C THR B 271 12.57 22.82 -16.33
N GLN B 272 13.14 24.04 -16.19
CA GLN B 272 14.22 24.21 -15.21
C GLN B 272 13.64 24.02 -13.80
N LEU B 273 12.45 24.51 -13.57
CA LEU B 273 11.75 24.31 -12.30
C LEU B 273 11.61 22.83 -11.95
N VAL B 274 11.17 22.00 -12.94
CA VAL B 274 11.08 20.54 -12.71
C VAL B 274 12.44 19.93 -12.41
N TRP B 275 13.48 20.27 -13.20
CA TRP B 275 14.82 19.83 -12.88
C TRP B 275 15.23 20.15 -11.44
N GLU B 276 15.05 21.41 -11.02
CA GLU B 276 15.64 21.93 -9.79
C GLU B 276 14.81 21.51 -8.57
N ARG B 277 13.49 21.60 -8.71
CA ARG B 277 12.62 21.36 -7.56
C ARG B 277 12.02 19.96 -7.51
N MET B 278 11.89 19.23 -8.66
CA MET B 278 11.35 17.87 -8.59
C MET B 278 12.46 16.83 -8.79
N LYS B 279 13.62 17.24 -9.29
CA LYS B 279 14.80 16.37 -9.52
C LYS B 279 14.53 15.38 -10.66
N LEU B 280 13.66 15.77 -11.62
CA LEU B 280 13.31 14.84 -12.72
C LEU B 280 13.83 15.45 -14.02
N LEU B 281 14.74 14.74 -14.69
N LEU B 281 14.69 14.70 -14.73
CA LEU B 281 15.28 15.20 -15.96
CA LEU B 281 15.31 15.19 -15.97
C LEU B 281 14.30 15.03 -17.13
C LEU B 281 14.30 15.04 -17.13
N ILE B 282 13.28 15.89 -17.15
CA ILE B 282 12.36 15.93 -18.30
C ILE B 282 13.00 16.66 -19.47
N GLU B 283 12.62 16.25 -20.67
CA GLU B 283 12.96 17.06 -21.85
C GLU B 283 12.05 18.29 -21.91
N PRO B 284 12.49 19.40 -22.53
CA PRO B 284 11.70 20.61 -22.55
C PRO B 284 10.33 20.39 -23.18
N THR B 285 10.21 19.38 -24.08
CA THR B 285 8.90 19.07 -24.63
C THR B 285 7.95 18.69 -23.48
N ALA B 286 8.45 17.96 -22.47
CA ALA B 286 7.58 17.58 -21.35
C ALA B 286 7.38 18.73 -20.35
N GLY B 287 8.21 19.76 -20.47
CA GLY B 287 7.96 21.00 -19.77
C GLY B 287 6.73 21.77 -20.26
N VAL B 288 6.24 21.48 -21.48
CA VAL B 288 5.15 22.28 -22.07
C VAL B 288 3.89 22.15 -21.19
N GLY B 289 3.60 20.94 -20.72
CA GLY B 289 2.42 20.72 -19.90
C GLY B 289 2.55 21.37 -18.53
N VAL B 290 3.76 21.35 -17.97
CA VAL B 290 3.99 22.00 -16.67
C VAL B 290 3.81 23.52 -16.84
N ALA B 291 4.40 24.11 -17.89
CA ALA B 291 4.23 25.53 -18.23
C ALA B 291 2.77 25.87 -18.40
N ALA B 292 1.99 24.98 -19.03
CA ALA B 292 0.57 25.22 -19.15
C ALA B 292 -0.10 25.44 -17.81
N VAL B 293 0.21 24.63 -16.81
CA VAL B 293 -0.53 24.70 -15.55
C VAL B 293 -0.06 25.92 -14.78
N LEU B 294 1.20 26.36 -15.00
CA LEU B 294 1.77 27.53 -14.33
C LEU B 294 1.32 28.82 -15.03
N SER B 295 0.71 28.74 -16.24
CA SER B 295 0.37 29.87 -17.10
C SER B 295 -0.78 30.68 -16.52
N GLN B 296 -0.92 31.93 -16.98
CA GLN B 296 -1.96 32.78 -16.43
C GLN B 296 -3.33 32.25 -16.86
N HIS B 297 -3.44 31.75 -18.10
CA HIS B 297 -4.69 31.21 -18.63
C HIS B 297 -5.21 30.04 -17.79
N PHE B 298 -4.31 29.20 -17.26
CA PHE B 298 -4.74 28.07 -16.46
C PHE B 298 -5.38 28.56 -15.14
N GLN B 299 -4.95 29.73 -14.65
CA GLN B 299 -5.55 30.27 -13.43
C GLN B 299 -7.03 30.57 -13.66
N THR B 300 -7.45 30.72 -14.93
CA THR B 300 -8.84 30.93 -15.27
C THR B 300 -9.68 29.65 -15.20
N VAL B 301 -9.05 28.47 -15.05
CA VAL B 301 -9.75 27.19 -14.96
C VAL B 301 -10.47 27.10 -13.62
N SER B 302 -11.69 26.55 -13.64
N SER B 302 -11.69 26.55 -13.65
CA SER B 302 -12.57 26.55 -12.50
CA SER B 302 -12.58 26.42 -12.51
C SER B 302 -11.93 25.85 -11.29
C SER B 302 -11.86 25.87 -11.29
N PRO B 303 -12.14 26.39 -10.07
CA PRO B 303 -11.52 25.88 -8.85
C PRO B 303 -11.96 24.47 -8.51
N GLU B 304 -13.11 24.01 -9.03
CA GLU B 304 -13.56 22.63 -8.86
C GLU B 304 -12.62 21.65 -9.57
N VAL B 305 -11.83 22.14 -10.56
CA VAL B 305 -10.85 21.32 -11.27
C VAL B 305 -9.53 21.38 -10.51
N LYS B 306 -9.41 20.53 -9.48
CA LYS B 306 -8.41 20.68 -8.42
C LYS B 306 -7.27 19.68 -8.61
N ASN B 307 -7.64 18.43 -8.89
CA ASN B 307 -6.70 17.32 -8.99
C ASN B 307 -6.31 17.17 -10.47
N ILE B 308 -5.10 17.62 -10.79
N ILE B 308 -5.10 17.65 -10.81
CA ILE B 308 -4.68 17.65 -12.20
CA ILE B 308 -4.64 17.70 -12.20
C ILE B 308 -3.46 16.76 -12.42
C ILE B 308 -3.46 16.74 -12.40
N CYS B 309 -3.58 15.83 -13.38
CA CYS B 309 -2.46 14.98 -13.77
C CYS B 309 -1.82 15.52 -15.05
N ILE B 310 -0.51 15.88 -14.93
CA ILE B 310 0.27 16.33 -16.07
C ILE B 310 1.07 15.12 -16.58
N VAL B 311 1.11 14.89 -17.92
CA VAL B 311 1.89 13.80 -18.46
C VAL B 311 3.31 14.34 -18.70
N LEU B 312 4.28 13.83 -17.94
CA LEU B 312 5.68 14.17 -18.20
C LEU B 312 6.14 13.19 -19.28
N SER B 313 6.01 13.63 -20.53
CA SER B 313 5.94 12.74 -21.65
C SER B 313 7.28 12.14 -22.01
N GLY B 314 8.41 12.76 -21.59
CA GLY B 314 9.70 12.22 -22.06
C GLY B 314 10.88 12.74 -21.28
N GLY B 315 12.01 11.98 -21.29
CA GLY B 315 13.21 12.36 -20.57
C GLY B 315 14.48 12.22 -21.43
N ASN B 316 14.30 12.21 -22.76
CA ASN B 316 15.40 12.07 -23.70
C ASN B 316 16.00 13.45 -23.97
N VAL B 317 16.91 13.87 -23.08
CA VAL B 317 17.52 15.18 -23.08
C VAL B 317 18.96 15.08 -23.57
N ASP B 318 19.35 15.97 -24.49
CA ASP B 318 20.77 16.15 -24.80
C ASP B 318 21.43 16.89 -23.64
N LEU B 319 22.15 16.14 -22.78
CA LEU B 319 22.77 16.69 -21.59
C LEU B 319 23.95 17.60 -21.94
N THR B 320 24.67 17.26 -23.02
CA THR B 320 25.79 18.06 -23.50
C THR B 320 25.26 19.41 -24.00
CA ALA C 3 -13.01 -15.45 -29.41
C ALA C 3 -13.50 -14.04 -29.13
N GLN C 4 -14.83 -13.84 -29.17
CA GLN C 4 -15.53 -12.70 -28.58
C GLN C 4 -16.79 -13.18 -27.83
N TYR C 5 -17.02 -12.55 -26.67
CA TYR C 5 -17.92 -13.00 -25.62
C TYR C 5 -18.91 -11.87 -25.35
N ASP C 6 -19.86 -12.07 -24.43
CA ASP C 6 -20.84 -11.05 -24.11
C ASP C 6 -20.18 -9.86 -23.40
N ILE C 7 -18.94 -10.03 -22.90
CA ILE C 7 -18.17 -8.90 -22.37
C ILE C 7 -16.74 -9.00 -22.86
N SER C 8 -16.03 -7.88 -22.72
CA SER C 8 -14.61 -7.94 -22.91
C SER C 8 -14.00 -7.21 -21.71
N PHE C 9 -12.69 -7.23 -21.63
CA PHE C 9 -12.00 -6.48 -20.61
C PHE C 9 -12.37 -5.00 -20.57
N ALA C 10 -12.53 -4.36 -21.72
CA ALA C 10 -12.97 -2.94 -21.80
C ALA C 10 -14.18 -2.77 -20.84
N ASP C 11 -15.11 -3.76 -20.81
CA ASP C 11 -16.34 -3.63 -20.01
C ASP C 11 -16.02 -3.69 -18.51
N VAL C 12 -15.00 -4.48 -18.16
CA VAL C 12 -14.58 -4.58 -16.77
C VAL C 12 -13.92 -3.25 -16.35
N GLU C 13 -13.04 -2.69 -17.17
CA GLU C 13 -12.46 -1.39 -16.92
C GLU C 13 -13.55 -0.35 -16.67
N LYS C 14 -14.55 -0.26 -17.57
CA LYS C 14 -15.66 0.67 -17.36
C LYS C 14 -16.37 0.42 -16.03
N ALA C 15 -16.69 -0.84 -15.71
CA ALA C 15 -17.36 -1.18 -14.45
C ALA C 15 -16.53 -0.66 -13.26
N HIS C 16 -15.22 -0.88 -13.33
CA HIS C 16 -14.35 -0.45 -12.23
C HIS C 16 -14.51 1.07 -11.99
N ILE C 17 -14.49 1.88 -13.05
CA ILE C 17 -14.64 3.32 -12.93
C ILE C 17 -16.06 3.63 -12.41
N ASN C 18 -17.03 2.84 -12.86
N ASN C 18 -17.04 2.84 -12.86
N ASN C 18 -17.03 2.84 -12.86
CA ASN C 18 -18.43 3.07 -12.52
CA ASN C 18 -18.43 3.06 -12.50
CA ASN C 18 -18.42 3.07 -12.51
C ASN C 18 -18.68 2.87 -11.01
C ASN C 18 -18.68 2.87 -11.01
C ASN C 18 -18.68 2.87 -11.01
N ILE C 19 -17.97 1.91 -10.40
CA ILE C 19 -18.39 1.41 -9.08
C ILE C 19 -17.40 1.75 -7.99
N ARG C 20 -16.13 2.08 -8.36
CA ARG C 20 -15.09 2.04 -7.37
C ARG C 20 -15.36 3.05 -6.25
N ASP C 21 -16.09 4.14 -6.52
CA ASP C 21 -16.28 5.18 -5.52
C ASP C 21 -17.27 4.71 -4.45
N SER C 22 -17.93 3.59 -4.65
CA SER C 22 -19.07 3.19 -3.81
C SER C 22 -18.90 1.77 -3.23
N ILE C 23 -17.82 1.04 -3.57
CA ILE C 23 -17.62 -0.28 -3.01
C ILE C 23 -16.31 -0.29 -2.23
N HIS C 24 -16.07 -1.36 -1.45
CA HIS C 24 -14.81 -1.48 -0.70
C HIS C 24 -13.74 -2.13 -1.57
N LEU C 25 -12.53 -1.57 -1.64
N LEU C 25 -12.56 -1.52 -1.72
CA LEU C 25 -11.40 -2.35 -2.12
CA LEU C 25 -11.37 -2.30 -2.04
C LEU C 25 -11.05 -3.27 -0.96
C LEU C 25 -11.18 -3.24 -0.85
N THR C 26 -11.61 -4.51 -0.97
CA THR C 26 -11.55 -5.44 0.17
C THR C 26 -10.12 -5.97 0.34
N PRO C 27 -9.67 -6.28 1.59
N PRO C 27 -9.67 -6.28 1.59
CA PRO C 27 -8.30 -6.70 1.83
CA PRO C 27 -8.30 -6.70 1.83
C PRO C 27 -8.06 -8.14 1.38
C PRO C 27 -8.06 -8.14 1.38
N VAL C 28 -6.79 -8.46 1.21
CA VAL C 28 -6.34 -9.82 0.98
C VAL C 28 -5.69 -10.28 2.27
N LEU C 29 -6.24 -11.34 2.92
CA LEU C 29 -5.57 -11.82 4.14
C LEU C 29 -4.87 -13.14 3.84
N THR C 30 -4.04 -13.61 4.79
CA THR C 30 -3.27 -14.84 4.72
C THR C 30 -3.49 -15.57 6.03
N SER C 31 -3.23 -16.88 5.99
CA SER C 31 -3.26 -17.80 7.11
C SER C 31 -2.04 -18.73 7.01
N SER C 32 -1.13 -18.66 8.03
CA SER C 32 -0.05 -19.65 8.16
C SER C 32 -0.60 -21.08 8.20
N ILE C 33 -1.70 -21.29 8.94
CA ILE C 33 -2.28 -22.61 9.15
C ILE C 33 -2.72 -23.17 7.80
N LEU C 34 -3.48 -22.37 6.99
CA LEU C 34 -3.98 -22.92 5.74
C LEU C 34 -2.84 -23.09 4.72
N ASN C 35 -1.82 -22.23 4.77
CA ASN C 35 -0.65 -22.40 3.93
C ASN C 35 -0.07 -23.79 4.24
N GLN C 36 0.08 -24.05 5.54
CA GLN C 36 0.71 -25.31 5.97
C GLN C 36 -0.09 -26.49 5.48
N LEU C 37 -1.44 -26.40 5.56
CA LEU C 37 -2.32 -27.52 5.26
C LEU C 37 -2.35 -27.84 3.76
N THR C 38 -1.98 -26.86 2.91
CA THR C 38 -2.18 -26.97 1.47
C THR C 38 -0.85 -27.17 0.76
N GLY C 39 0.22 -26.73 1.41
CA GLY C 39 1.54 -26.58 0.83
C GLY C 39 1.69 -25.37 -0.11
N ARG C 40 0.67 -24.46 -0.13
CA ARG C 40 0.69 -23.30 -1.03
C ARG C 40 0.85 -22.01 -0.23
N ASN C 41 1.14 -20.91 -0.94
CA ASN C 41 1.06 -19.56 -0.39
C ASN C 41 -0.32 -19.01 -0.74
N LEU C 42 -1.26 -19.09 0.23
CA LEU C 42 -2.65 -18.75 -0.06
C LEU C 42 -2.87 -17.29 0.24
N PHE C 43 -3.78 -16.68 -0.53
CA PHE C 43 -4.19 -15.31 -0.34
C PHE C 43 -5.71 -15.26 -0.45
N PHE C 44 -6.34 -14.61 0.53
CA PHE C 44 -7.78 -14.70 0.66
C PHE C 44 -8.38 -13.35 0.34
N LYS C 45 -9.06 -13.27 -0.81
CA LYS C 45 -9.65 -11.98 -1.19
C LYS C 45 -11.01 -11.86 -0.51
N CYS C 46 -11.14 -10.82 0.34
CA CYS C 46 -12.18 -10.89 1.39
C CYS C 46 -13.46 -10.17 0.93
N GLU C 47 -14.16 -10.78 -0.07
CA GLU C 47 -15.42 -10.19 -0.49
C GLU C 47 -16.49 -10.37 0.58
N LEU C 48 -16.24 -11.19 1.63
CA LEU C 48 -17.23 -11.21 2.72
C LEU C 48 -17.30 -9.85 3.44
N PHE C 49 -16.27 -8.97 3.25
CA PHE C 49 -16.25 -7.65 3.87
C PHE C 49 -16.83 -6.60 2.93
N GLN C 50 -17.24 -7.02 1.72
CA GLN C 50 -17.75 -6.08 0.75
C GLN C 50 -19.07 -5.50 1.27
N LYS C 51 -19.45 -4.32 0.75
CA LYS C 51 -20.78 -3.81 1.09
C LYS C 51 -21.84 -4.84 0.76
N THR C 52 -22.84 -5.00 1.64
CA THR C 52 -23.92 -5.99 1.55
C THR C 52 -23.51 -7.38 1.93
N GLY C 53 -22.21 -7.62 2.23
CA GLY C 53 -21.78 -8.93 2.71
C GLY C 53 -21.41 -9.96 1.60
N SER C 54 -21.45 -9.53 0.32
CA SER C 54 -20.91 -10.35 -0.77
C SER C 54 -20.44 -9.48 -1.93
N PHE C 55 -19.74 -10.14 -2.87
CA PHE C 55 -19.20 -9.43 -4.02
C PHE C 55 -20.31 -8.92 -4.92
N1 LLP C 56 -20.57 -17.05 -3.69
C2 LLP C 56 -21.46 -16.21 -3.16
C2' LLP C 56 -21.34 -15.86 -1.71
C3 LLP C 56 -22.52 -15.72 -3.93
O3 LLP C 56 -23.39 -14.88 -3.37
C4 LLP C 56 -22.59 -16.06 -5.30
C4' LLP C 56 -23.65 -15.48 -6.13
C5 LLP C 56 -21.64 -16.94 -5.82
C6 LLP C 56 -20.65 -17.41 -4.99
C5' LLP C 56 -21.69 -17.46 -7.24
OP4 LLP C 56 -21.59 -16.41 -8.23
P LLP C 56 -22.12 -16.77 -9.73
OP1 LLP C 56 -21.80 -15.50 -10.56
OP2 LLP C 56 -21.30 -17.97 -10.14
OP3 LLP C 56 -23.57 -17.02 -9.57
N LLP C 56 -21.58 -9.33 -4.70
CA LLP C 56 -22.62 -9.10 -5.71
CB LLP C 56 -23.88 -9.94 -5.43
CG LLP C 56 -23.69 -11.42 -5.71
CD LLP C 56 -24.97 -12.18 -5.95
CE LLP C 56 -24.75 -13.47 -6.66
NZ LLP C 56 -24.41 -14.51 -5.72
C LLP C 56 -22.93 -7.61 -5.92
O LLP C 56 -23.52 -7.26 -6.94
N ILE C 57 -22.61 -6.73 -4.96
CA ILE C 57 -22.81 -5.30 -5.14
C ILE C 57 -21.99 -4.81 -6.35
N ARG C 58 -20.88 -5.47 -6.74
CA ARG C 58 -20.07 -4.98 -7.87
C ARG C 58 -20.93 -5.04 -9.16
N GLY C 59 -21.42 -6.25 -9.48
CA GLY C 59 -22.26 -6.45 -10.67
C GLY C 59 -23.57 -5.70 -10.56
N ALA C 60 -24.18 -5.70 -9.35
CA ALA C 60 -25.46 -5.01 -9.17
C ALA C 60 -25.33 -3.51 -9.42
N LEU C 61 -24.35 -2.87 -8.78
CA LEU C 61 -24.19 -1.43 -8.92
C LEU C 61 -23.84 -1.07 -10.35
N ASN C 62 -22.98 -1.88 -11.00
CA ASN C 62 -22.59 -1.62 -12.38
C ASN C 62 -23.83 -1.66 -13.29
N ALA C 63 -24.75 -2.60 -12.99
CA ALA C 63 -25.96 -2.76 -13.77
C ALA C 63 -26.89 -1.58 -13.53
N VAL C 64 -27.02 -1.13 -12.27
CA VAL C 64 -27.95 -0.07 -11.93
C VAL C 64 -27.41 1.25 -12.50
N ARG C 65 -26.08 1.35 -12.63
CA ARG C 65 -25.42 2.52 -13.22
C ARG C 65 -25.26 2.45 -14.75
N SER C 66 -25.59 1.31 -15.35
N SER C 66 -25.66 1.35 -15.39
CA SER C 66 -25.37 1.10 -16.77
CA SER C 66 -25.41 1.24 -16.82
C SER C 66 -26.69 0.94 -17.52
C SER C 66 -26.67 0.84 -17.60
N LEU C 67 -27.62 0.16 -16.95
CA LEU C 67 -28.81 -0.34 -17.65
C LEU C 67 -29.88 0.76 -17.69
N VAL C 68 -30.72 0.73 -18.74
CA VAL C 68 -31.69 1.79 -18.96
C VAL C 68 -33.10 1.18 -18.92
N PRO C 69 -34.10 1.88 -18.34
CA PRO C 69 -35.48 1.40 -18.33
C PRO C 69 -36.13 1.62 -19.71
N ASP C 70 -37.26 0.95 -19.94
CA ASP C 70 -38.10 1.18 -21.11
C ASP C 70 -39.00 2.39 -20.82
N ALA C 71 -38.43 3.58 -20.97
CA ALA C 71 -39.04 4.85 -20.61
C ALA C 71 -38.23 5.97 -21.26
N LEU C 72 -38.77 7.21 -21.25
CA LEU C 72 -38.08 8.33 -21.85
C LEU C 72 -36.81 8.63 -21.05
N GLU C 73 -36.94 8.60 -19.71
CA GLU C 73 -35.84 8.98 -18.84
C GLU C 73 -34.80 7.86 -18.83
N ARG C 74 -33.53 8.26 -18.95
CA ARG C 74 -32.49 7.28 -19.21
C ARG C 74 -32.05 6.64 -17.88
N LYS C 75 -32.41 7.22 -16.74
CA LYS C 75 -31.95 6.61 -15.49
C LYS C 75 -33.10 5.76 -14.94
N PRO C 76 -32.84 4.50 -14.48
CA PRO C 76 -33.84 3.75 -13.71
C PRO C 76 -34.40 4.58 -12.54
N LYS C 77 -35.72 4.44 -12.35
CA LYS C 77 -36.47 5.12 -11.31
C LYS C 77 -36.82 4.13 -10.19
N ALA C 78 -36.50 2.86 -10.41
CA ALA C 78 -36.66 1.81 -9.39
C ALA C 78 -35.84 0.59 -9.85
N VAL C 79 -35.62 -0.35 -8.92
N VAL C 79 -35.62 -0.35 -8.92
N VAL C 79 -35.59 -0.34 -8.92
CA VAL C 79 -35.08 -1.67 -9.23
CA VAL C 79 -35.08 -1.67 -9.23
CA VAL C 79 -35.09 -1.67 -9.25
C VAL C 79 -36.11 -2.67 -8.71
C VAL C 79 -36.11 -2.67 -8.71
C VAL C 79 -36.11 -2.66 -8.72
N VAL C 80 -36.27 -3.80 -9.41
CA VAL C 80 -37.28 -4.79 -9.08
C VAL C 80 -36.56 -6.13 -9.15
N THR C 81 -36.78 -6.98 -8.13
CA THR C 81 -36.07 -8.26 -8.08
C THR C 81 -36.98 -9.35 -7.50
N HIS C 82 -36.64 -10.61 -7.80
CA HIS C 82 -37.29 -11.74 -7.15
C HIS C 82 -36.47 -12.24 -5.96
N SER C 83 -35.26 -11.68 -5.76
CA SER C 83 -34.30 -12.28 -4.82
C SER C 83 -34.29 -11.61 -3.44
N SER C 84 -34.34 -12.43 -2.37
CA SER C 84 -34.17 -11.97 -1.01
C SER C 84 -32.76 -12.33 -0.52
N GLY C 85 -31.99 -13.03 -1.36
CA GLY C 85 -30.62 -13.46 -1.05
C GLY C 85 -29.56 -12.41 -1.46
N ASN C 86 -28.32 -12.86 -1.71
CA ASN C 86 -27.18 -11.95 -1.92
C ASN C 86 -27.45 -10.98 -3.07
N HIS C 87 -28.01 -11.49 -4.17
CA HIS C 87 -28.36 -10.66 -5.34
C HIS C 87 -29.34 -9.55 -4.98
N GLY C 88 -30.45 -9.93 -4.32
CA GLY C 88 -31.48 -9.00 -3.96
C GLY C 88 -31.00 -7.93 -3.01
N GLN C 89 -30.16 -8.34 -2.04
CA GLN C 89 -29.63 -7.42 -1.04
C GLN C 89 -28.69 -6.43 -1.75
N ALA C 90 -27.88 -6.96 -2.70
CA ALA C 90 -26.95 -6.11 -3.43
C ALA C 90 -27.73 -5.10 -4.26
N LEU C 91 -28.74 -5.59 -5.01
CA LEU C 91 -29.58 -4.72 -5.82
C LEU C 91 -30.27 -3.66 -4.98
N THR C 92 -30.78 -4.05 -3.80
CA THR C 92 -31.45 -3.11 -2.91
C THR C 92 -30.48 -2.01 -2.46
N TYR C 93 -29.24 -2.38 -2.11
CA TYR C 93 -28.27 -1.37 -1.69
C TYR C 93 -27.94 -0.46 -2.86
N ALA C 94 -27.73 -1.05 -4.05
CA ALA C 94 -27.44 -0.26 -5.24
C ALA C 94 -28.55 0.79 -5.43
N ALA C 95 -29.83 0.36 -5.23
CA ALA C 95 -30.96 1.28 -5.36
C ALA C 95 -30.85 2.41 -4.35
N LYS C 96 -30.51 2.08 -3.09
CA LYS C 96 -30.33 3.09 -2.05
C LYS C 96 -29.27 4.11 -2.49
N LEU C 97 -28.12 3.66 -3.02
CA LEU C 97 -27.06 4.57 -3.42
C LEU C 97 -27.57 5.55 -4.48
N GLU C 98 -28.46 5.07 -5.37
CA GLU C 98 -28.96 5.86 -6.48
C GLU C 98 -30.24 6.61 -6.08
N GLY C 99 -30.68 6.48 -4.82
CA GLY C 99 -31.85 7.20 -4.33
C GLY C 99 -33.12 6.82 -5.08
N ILE C 100 -33.26 5.50 -5.35
CA ILE C 100 -34.44 4.96 -6.01
C ILE C 100 -35.02 3.83 -5.15
N PRO C 101 -36.36 3.63 -5.13
CA PRO C 101 -36.95 2.45 -4.48
C PRO C 101 -36.48 1.12 -5.08
N ALA C 102 -36.39 0.11 -4.21
CA ALA C 102 -36.11 -1.28 -4.55
C ALA C 102 -37.34 -2.09 -4.14
N TYR C 103 -37.89 -2.85 -5.10
CA TYR C 103 -39.14 -3.59 -4.85
C TYR C 103 -38.79 -5.05 -4.99
N ILE C 104 -39.36 -5.88 -4.09
CA ILE C 104 -39.10 -7.30 -4.22
C ILE C 104 -40.46 -7.95 -4.34
N VAL C 105 -40.59 -8.81 -5.37
CA VAL C 105 -41.85 -9.48 -5.62
C VAL C 105 -41.84 -10.72 -4.74
N VAL C 106 -42.86 -10.83 -3.87
CA VAL C 106 -42.94 -11.89 -2.86
C VAL C 106 -44.29 -12.61 -2.98
N PRO C 107 -44.37 -13.96 -3.11
CA PRO C 107 -45.64 -14.69 -2.96
C PRO C 107 -46.35 -14.33 -1.66
N GLN C 108 -47.69 -14.20 -1.73
CA GLN C 108 -48.51 -13.77 -0.60
C GLN C 108 -48.41 -14.74 0.57
N THR C 109 -47.89 -15.95 0.32
CA THR C 109 -47.83 -17.02 1.31
C THR C 109 -46.43 -17.13 1.93
N ALA C 110 -45.57 -16.13 1.71
CA ALA C 110 -44.26 -16.11 2.36
C ALA C 110 -44.41 -15.92 3.87
N PRO C 111 -43.59 -16.58 4.75
CA PRO C 111 -43.73 -16.45 6.22
C PRO C 111 -43.39 -15.05 6.73
N ASP C 112 -43.95 -14.66 7.89
CA ASP C 112 -43.75 -13.34 8.48
C ASP C 112 -42.30 -13.09 8.87
N CYS C 113 -41.49 -14.17 8.96
CA CYS C 113 -40.07 -14.03 9.28
C CYS C 113 -39.28 -13.59 8.04
N LYS C 114 -39.60 -14.17 6.87
CA LYS C 114 -38.95 -13.83 5.62
C LYS C 114 -39.26 -12.38 5.24
N LYS C 115 -40.52 -11.94 5.44
CA LYS C 115 -40.98 -10.61 5.07
C LYS C 115 -40.27 -9.56 5.92
N LEU C 116 -40.12 -9.83 7.23
CA LEU C 116 -39.44 -8.92 8.14
C LEU C 116 -37.96 -8.83 7.75
N ALA C 117 -37.34 -9.97 7.40
CA ALA C 117 -35.97 -10.04 6.89
C ALA C 117 -35.78 -9.15 5.67
N ILE C 118 -36.71 -9.24 4.71
CA ILE C 118 -36.64 -8.48 3.46
C ILE C 118 -36.68 -6.98 3.76
N GLN C 119 -37.60 -6.59 4.64
CA GLN C 119 -37.85 -5.19 4.94
C GLN C 119 -36.72 -4.61 5.79
N ALA C 120 -35.96 -5.49 6.46
CA ALA C 120 -34.86 -5.07 7.31
C ALA C 120 -33.74 -4.46 6.46
N TYR C 121 -33.53 -4.99 5.23
CA TYR C 121 -32.48 -4.44 4.38
C TYR C 121 -33.01 -3.33 3.49
N GLY C 122 -34.31 -3.06 3.57
CA GLY C 122 -34.86 -1.82 3.05
C GLY C 122 -35.66 -2.01 1.75
N ALA C 123 -35.87 -3.25 1.34
CA ALA C 123 -36.63 -3.48 0.12
C ALA C 123 -38.12 -3.31 0.45
N SER C 124 -38.91 -2.88 -0.54
CA SER C 124 -40.36 -2.72 -0.42
C SER C 124 -41.00 -3.95 -1.09
N ILE C 125 -41.92 -4.61 -0.36
CA ILE C 125 -42.50 -5.87 -0.82
C ILE C 125 -43.69 -5.58 -1.72
N VAL C 126 -43.73 -6.20 -2.95
CA VAL C 126 -44.97 -6.24 -3.73
C VAL C 126 -45.37 -7.72 -3.81
N TYR C 127 -46.66 -8.02 -3.50
CA TYR C 127 -47.15 -9.40 -3.39
C TYR C 127 -47.53 -9.95 -4.77
N CYS C 128 -47.24 -11.24 -4.99
CA CYS C 128 -47.73 -11.96 -6.15
C CYS C 128 -48.45 -13.24 -5.66
N GLU C 129 -49.06 -13.99 -6.58
CA GLU C 129 -49.52 -15.33 -6.26
C GLU C 129 -48.36 -16.32 -6.36
N PRO C 130 -48.35 -17.43 -5.59
CA PRO C 130 -47.28 -18.43 -5.64
C PRO C 130 -47.30 -19.33 -6.88
N SER C 131 -47.16 -18.73 -8.07
CA SER C 131 -46.86 -19.43 -9.31
C SER C 131 -45.70 -18.71 -9.99
N ASP C 132 -44.92 -19.43 -10.81
CA ASP C 132 -43.87 -18.84 -11.63
C ASP C 132 -44.50 -17.88 -12.64
N GLU C 133 -45.78 -18.15 -12.99
CA GLU C 133 -46.55 -17.26 -13.86
C GLU C 133 -46.72 -15.92 -13.16
N SER C 134 -47.32 -15.93 -11.96
CA SER C 134 -47.68 -14.69 -11.31
C SER C 134 -46.42 -13.88 -10.92
N ARG C 135 -45.38 -14.55 -10.40
CA ARG C 135 -44.11 -13.91 -10.07
C ARG C 135 -43.61 -13.06 -11.24
N GLU C 136 -43.42 -13.67 -12.42
CA GLU C 136 -42.89 -12.96 -13.59
C GLU C 136 -43.81 -11.82 -13.97
N ASN C 137 -45.13 -12.08 -14.02
CA ASN C 137 -46.09 -11.10 -14.48
C ASN C 137 -46.14 -9.89 -13.54
N VAL C 138 -46.13 -10.15 -12.22
CA VAL C 138 -46.02 -9.04 -11.26
C VAL C 138 -44.73 -8.25 -11.40
N ALA C 139 -43.58 -8.94 -11.54
CA ALA C 139 -42.28 -8.28 -11.68
C ALA C 139 -42.27 -7.43 -12.95
N LYS C 140 -42.81 -7.96 -14.07
CA LYS C 140 -42.86 -7.20 -15.32
C LYS C 140 -43.71 -5.94 -15.15
N ARG C 141 -44.88 -6.08 -14.52
CA ARG C 141 -45.79 -4.96 -14.32
C ARG C 141 -45.12 -3.90 -13.44
N VAL C 142 -44.54 -4.32 -12.31
N VAL C 142 -44.55 -4.31 -12.31
CA VAL C 142 -43.92 -3.36 -11.41
CA VAL C 142 -43.95 -3.33 -11.42
C VAL C 142 -42.78 -2.63 -12.12
C VAL C 142 -42.77 -2.63 -12.10
N THR C 143 -41.90 -3.39 -12.80
CA THR C 143 -40.75 -2.79 -13.47
C THR C 143 -41.25 -1.72 -14.45
N GLU C 144 -42.28 -2.06 -15.25
CA GLU C 144 -42.81 -1.14 -16.25
C GLU C 144 -43.49 0.08 -15.60
N GLU C 145 -44.36 -0.14 -14.61
CA GLU C 145 -45.09 0.95 -14.00
C GLU C 145 -44.17 1.90 -13.21
N THR C 146 -43.04 1.39 -12.68
CA THR C 146 -42.13 2.21 -11.87
C THR C 146 -41.01 2.79 -12.73
N GLU C 147 -41.02 2.47 -14.03
CA GLU C 147 -39.97 2.91 -14.95
C GLU C 147 -38.64 2.38 -14.38
N GLY C 148 -38.66 1.11 -13.95
CA GLY C 148 -37.54 0.49 -13.22
C GLY C 148 -36.72 -0.42 -14.14
N ILE C 149 -35.74 -1.13 -13.53
CA ILE C 149 -35.02 -2.15 -14.30
C ILE C 149 -35.03 -3.47 -13.49
N MET C 150 -34.74 -4.57 -14.19
CA MET C 150 -34.47 -5.85 -13.55
C MET C 150 -33.07 -6.28 -14.00
N VAL C 151 -32.40 -7.01 -13.13
CA VAL C 151 -31.00 -7.35 -13.33
C VAL C 151 -30.84 -8.84 -13.08
N HIS C 152 -30.41 -9.61 -14.08
CA HIS C 152 -30.11 -11.04 -13.89
C HIS C 152 -28.88 -11.24 -13.01
N PRO C 153 -28.92 -12.21 -12.06
CA PRO C 153 -27.84 -12.43 -11.10
C PRO C 153 -26.51 -12.88 -11.67
N ASN C 154 -26.48 -13.45 -12.89
CA ASN C 154 -25.21 -13.96 -13.39
C ASN C 154 -25.02 -13.89 -14.90
N GLN C 155 -26.09 -13.69 -15.71
CA GLN C 155 -25.95 -13.70 -17.16
C GLN C 155 -25.97 -12.28 -17.75
N GLU C 156 -26.35 -11.27 -16.95
CA GLU C 156 -26.43 -9.88 -17.40
C GLU C 156 -25.01 -9.36 -17.69
N PRO C 157 -24.68 -8.91 -18.92
CA PRO C 157 -23.32 -8.41 -19.19
C PRO C 157 -22.80 -7.35 -18.23
N ALA C 158 -23.65 -6.38 -17.79
CA ALA C 158 -23.19 -5.39 -16.83
C ALA C 158 -22.76 -6.07 -15.50
N VAL C 159 -23.47 -7.14 -15.10
CA VAL C 159 -23.15 -7.91 -13.89
C VAL C 159 -21.81 -8.65 -14.06
N ILE C 160 -21.68 -9.38 -15.18
CA ILE C 160 -20.44 -10.13 -15.42
C ILE C 160 -19.23 -9.18 -15.38
N ALA C 161 -19.35 -7.99 -16.02
CA ALA C 161 -18.27 -7.03 -16.04
C ALA C 161 -17.96 -6.49 -14.63
N GLY C 162 -19.01 -6.24 -13.81
CA GLY C 162 -18.75 -5.72 -12.47
C GLY C 162 -17.99 -6.78 -11.69
N GLN C 163 -18.37 -8.09 -11.81
CA GLN C 163 -17.73 -9.11 -11.01
C GLN C 163 -16.25 -9.25 -11.39
N GLY C 164 -15.91 -8.90 -12.66
CA GLY C 164 -14.51 -8.99 -13.10
C GLY C 164 -13.61 -8.05 -12.27
N THR C 165 -14.20 -6.97 -11.74
CA THR C 165 -13.39 -6.00 -10.95
C THR C 165 -12.71 -6.70 -9.77
N ILE C 166 -13.26 -7.84 -9.30
CA ILE C 166 -12.55 -8.62 -8.25
C ILE C 166 -11.12 -8.93 -8.68
N ALA C 167 -10.98 -9.44 -9.88
CA ALA C 167 -9.63 -9.85 -10.34
C ALA C 167 -8.73 -8.64 -10.56
N LEU C 168 -9.32 -7.50 -10.99
N LEU C 168 -9.33 -7.50 -10.96
CA LEU C 168 -8.51 -6.29 -11.22
CA LEU C 168 -8.55 -6.28 -11.21
C LEU C 168 -7.80 -5.96 -9.91
C LEU C 168 -7.82 -5.94 -9.91
N GLU C 169 -8.56 -6.04 -8.81
CA GLU C 169 -7.98 -5.69 -7.53
C GLU C 169 -6.98 -6.79 -7.10
N VAL C 170 -7.34 -8.09 -7.25
CA VAL C 170 -6.44 -9.15 -6.82
C VAL C 170 -5.07 -9.02 -7.52
N LEU C 171 -5.07 -8.78 -8.85
N LEU C 171 -5.06 -8.77 -8.84
CA LEU C 171 -3.79 -8.69 -9.58
CA LEU C 171 -3.80 -8.69 -9.58
C LEU C 171 -2.90 -7.55 -9.08
C LEU C 171 -2.91 -7.55 -9.09
N ASN C 172 -3.49 -6.47 -8.55
CA ASN C 172 -2.75 -5.37 -7.96
C ASN C 172 -2.33 -5.72 -6.55
N GLN C 173 -3.20 -6.43 -5.78
CA GLN C 173 -2.88 -6.69 -4.37
C GLN C 173 -1.91 -7.85 -4.22
N VAL C 174 -1.87 -8.74 -5.22
CA VAL C 174 -1.01 -9.93 -5.15
C VAL C 174 -0.25 -10.04 -6.48
N PRO C 175 0.73 -9.12 -6.74
CA PRO C 175 1.38 -9.00 -8.04
C PRO C 175 1.99 -10.32 -8.52
N LEU C 176 2.40 -11.21 -7.63
CA LEU C 176 3.03 -12.47 -8.04
C LEU C 176 2.02 -13.62 -8.04
N VAL C 177 0.71 -13.31 -8.03
CA VAL C 177 -0.25 -14.40 -7.93
C VAL C 177 -0.07 -15.35 -9.12
N ASP C 178 -0.23 -16.66 -8.86
CA ASP C 178 -0.11 -17.69 -9.90
C ASP C 178 -1.47 -18.29 -10.27
N ALA C 179 -2.49 -18.10 -9.40
CA ALA C 179 -3.81 -18.67 -9.70
C ALA C 179 -4.90 -18.00 -8.88
N LEU C 180 -6.11 -17.91 -9.47
CA LEU C 180 -7.29 -17.51 -8.70
C LEU C 180 -8.19 -18.73 -8.60
N VAL C 181 -8.85 -18.87 -7.42
CA VAL C 181 -9.81 -19.94 -7.22
C VAL C 181 -11.12 -19.24 -6.88
N VAL C 182 -12.14 -19.56 -7.67
CA VAL C 182 -13.42 -18.90 -7.69
C VAL C 182 -14.54 -19.93 -7.55
N PRO C 183 -15.47 -19.75 -6.59
CA PRO C 183 -16.66 -20.63 -6.52
C PRO C 183 -17.54 -20.33 -7.72
N VAL C 184 -18.21 -21.33 -8.30
CA VAL C 184 -19.01 -21.06 -9.51
C VAL C 184 -20.43 -21.59 -9.32
N GLY C 185 -21.42 -20.74 -9.56
CA GLY C 185 -22.82 -21.10 -9.70
C GLY C 185 -23.25 -20.76 -11.13
N GLY C 186 -23.94 -19.62 -11.32
CA GLY C 186 -24.32 -19.16 -12.66
C GLY C 186 -23.08 -18.76 -13.48
N GLY C 187 -21.95 -18.45 -12.78
CA GLY C 187 -20.68 -18.19 -13.46
C GLY C 187 -20.51 -16.75 -13.90
N GLY C 188 -21.29 -15.81 -13.34
CA GLY C 188 -21.02 -14.39 -13.58
C GLY C 188 -19.66 -13.98 -13.00
N MET C 189 -19.46 -14.37 -11.76
CA MET C 189 -18.17 -14.07 -11.09
C MET C 189 -17.01 -14.78 -11.80
N LEU C 190 -17.17 -16.08 -12.11
CA LEU C 190 -16.07 -16.81 -12.73
C LEU C 190 -15.76 -16.24 -14.12
N ALA C 191 -16.79 -15.96 -14.93
CA ALA C 191 -16.56 -15.40 -16.26
C ALA C 191 -15.95 -14.01 -16.22
N GLY C 192 -16.46 -13.11 -15.36
CA GLY C 192 -15.86 -11.78 -15.26
C GLY C 192 -14.37 -11.89 -14.92
N ILE C 193 -14.06 -12.75 -13.94
CA ILE C 193 -12.68 -12.92 -13.49
C ILE C 193 -11.85 -13.53 -14.61
N ALA C 194 -12.40 -14.53 -15.32
CA ALA C 194 -11.56 -15.15 -16.36
C ALA C 194 -11.23 -14.12 -17.47
N ILE C 195 -12.24 -13.33 -17.91
CA ILE C 195 -11.99 -12.28 -18.90
C ILE C 195 -10.86 -11.37 -18.44
N THR C 196 -10.90 -11.00 -17.13
CA THR C 196 -10.01 -9.99 -16.62
C THR C 196 -8.61 -10.61 -16.55
N VAL C 197 -8.51 -11.81 -15.97
CA VAL C 197 -7.22 -12.44 -15.77
C VAL C 197 -6.56 -12.70 -17.13
N LYS C 198 -7.32 -13.27 -18.07
CA LYS C 198 -6.72 -13.64 -19.35
C LYS C 198 -6.32 -12.40 -20.13
N ALA C 199 -7.04 -11.27 -19.96
CA ALA C 199 -6.63 -10.02 -20.59
C ALA C 199 -5.36 -9.44 -19.97
N LEU C 200 -5.23 -9.50 -18.64
CA LEU C 200 -4.18 -8.75 -17.95
C LEU C 200 -2.90 -9.57 -17.73
N LYS C 201 -3.03 -10.86 -17.40
N LYS C 201 -3.05 -10.86 -17.45
CA LYS C 201 -1.88 -11.70 -17.12
CA LYS C 201 -1.92 -11.71 -17.07
C LYS C 201 -2.28 -13.15 -17.38
C LYS C 201 -2.29 -13.15 -17.39
N PRO C 202 -2.34 -13.56 -18.68
CA PRO C 202 -2.89 -14.87 -19.06
C PRO C 202 -2.10 -16.08 -18.55
N SER C 203 -0.88 -15.86 -18.06
CA SER C 203 -0.14 -16.96 -17.45
C SER C 203 -0.75 -17.32 -16.09
N VAL C 204 -1.52 -16.40 -15.48
CA VAL C 204 -2.21 -16.70 -14.20
C VAL C 204 -3.35 -17.70 -14.48
N LYS C 205 -3.42 -18.79 -13.67
CA LYS C 205 -4.45 -19.81 -13.86
C LYS C 205 -5.77 -19.31 -13.25
N VAL C 206 -6.89 -19.71 -13.85
CA VAL C 206 -8.22 -19.40 -13.29
C VAL C 206 -8.90 -20.74 -13.05
N TYR C 207 -9.11 -21.06 -11.75
CA TYR C 207 -9.70 -22.33 -11.40
C TYR C 207 -11.07 -22.09 -10.76
N ALA C 208 -12.06 -22.94 -11.11
CA ALA C 208 -13.40 -22.87 -10.56
C ALA C 208 -13.52 -23.98 -9.52
N ALA C 209 -14.40 -23.74 -8.55
CA ALA C 209 -14.68 -24.68 -7.48
C ALA C 209 -16.21 -24.78 -7.38
N GLU C 210 -16.72 -26.03 -7.37
N GLU C 210 -16.71 -26.02 -7.29
CA GLU C 210 -18.17 -26.21 -7.31
CA GLU C 210 -18.13 -26.30 -7.40
C GLU C 210 -18.52 -27.42 -6.46
C GLU C 210 -18.50 -27.42 -6.44
N PRO C 211 -19.71 -27.45 -5.83
CA PRO C 211 -20.13 -28.66 -5.13
C PRO C 211 -20.29 -29.80 -6.15
N SER C 212 -19.78 -30.98 -5.77
CA SER C 212 -19.96 -32.29 -6.39
C SER C 212 -21.44 -32.52 -6.64
N ASN C 213 -22.28 -32.04 -5.72
CA ASN C 213 -23.72 -32.19 -5.81
C ASN C 213 -24.32 -31.27 -6.85
N ALA C 214 -23.53 -30.35 -7.41
CA ALA C 214 -24.08 -29.44 -8.41
C ALA C 214 -23.05 -29.21 -9.52
N ASP C 215 -22.63 -30.31 -10.18
CA ASP C 215 -21.36 -30.35 -10.87
C ASP C 215 -21.52 -30.05 -12.38
N ASP C 216 -22.49 -29.20 -12.70
CA ASP C 216 -22.71 -28.81 -14.11
C ASP C 216 -21.47 -28.19 -14.78
N CYS C 217 -20.68 -27.35 -14.06
N CYS C 217 -20.68 -27.39 -14.04
CA CYS C 217 -19.51 -26.70 -14.66
CA CYS C 217 -19.53 -26.71 -14.66
C CYS C 217 -18.50 -27.78 -15.07
C CYS C 217 -18.45 -27.72 -15.02
N TYR C 218 -18.19 -28.70 -14.13
CA TYR C 218 -17.26 -29.77 -14.39
C TYR C 218 -17.76 -30.62 -15.58
N GLN C 219 -19.06 -30.93 -15.60
CA GLN C 219 -19.61 -31.83 -16.64
C GLN C 219 -19.51 -31.14 -17.99
N SER C 220 -19.89 -29.85 -17.99
CA SER C 220 -19.89 -29.05 -19.20
C SER C 220 -18.49 -28.96 -19.78
N LYS C 221 -17.46 -28.73 -18.93
CA LYS C 221 -16.06 -28.62 -19.37
C LYS C 221 -15.54 -29.97 -19.87
N LEU C 222 -15.96 -31.06 -19.23
CA LEU C 222 -15.58 -32.39 -19.65
C LEU C 222 -16.15 -32.71 -21.05
N LYS C 223 -17.42 -32.36 -21.26
CA LYS C 223 -18.19 -32.75 -22.44
C LYS C 223 -17.94 -31.77 -23.59
N GLY C 224 -17.51 -30.57 -23.23
CA GLY C 224 -17.24 -29.52 -24.20
C GLY C 224 -18.53 -28.83 -24.64
N LYS C 225 -19.59 -28.91 -23.82
CA LYS C 225 -20.88 -28.31 -24.13
C LYS C 225 -21.67 -28.04 -22.84
N LEU C 226 -22.60 -27.07 -22.88
CA LEU C 226 -23.30 -26.63 -21.69
C LEU C 226 -24.27 -27.74 -21.29
N MET C 227 -24.02 -28.34 -20.11
CA MET C 227 -24.84 -29.41 -19.54
C MET C 227 -25.39 -28.95 -18.18
N PRO C 228 -26.53 -28.25 -18.15
CA PRO C 228 -27.06 -27.69 -16.89
C PRO C 228 -27.46 -28.81 -15.92
N ASN C 229 -27.50 -28.51 -14.59
CA ASN C 229 -28.01 -29.48 -13.63
C ASN C 229 -29.41 -29.86 -14.10
N LEU C 230 -29.70 -31.17 -14.16
CA LEU C 230 -30.98 -31.69 -14.64
C LEU C 230 -32.14 -31.36 -13.68
N TYR C 231 -31.82 -31.26 -12.37
N TYR C 231 -31.82 -31.25 -12.38
CA TYR C 231 -32.77 -30.79 -11.38
CA TYR C 231 -32.75 -30.83 -11.35
C TYR C 231 -32.07 -29.89 -10.34
C TYR C 231 -32.07 -29.89 -10.34
N PRO C 232 -32.82 -28.99 -9.67
CA PRO C 232 -32.26 -28.09 -8.63
C PRO C 232 -31.43 -28.83 -7.59
N PRO C 233 -30.17 -28.41 -7.37
CA PRO C 233 -29.22 -29.24 -6.63
C PRO C 233 -29.55 -29.05 -5.14
N GLU C 234 -29.24 -30.08 -4.33
CA GLU C 234 -29.24 -29.97 -2.89
C GLU C 234 -27.79 -29.73 -2.47
N THR C 235 -27.56 -28.58 -1.83
CA THR C 235 -26.22 -28.29 -1.36
C THR C 235 -26.31 -27.21 -0.28
N ILE C 236 -25.40 -27.31 0.69
N ILE C 236 -25.41 -27.28 0.70
CA ILE C 236 -25.23 -26.30 1.72
CA ILE C 236 -25.33 -26.22 1.71
C ILE C 236 -24.77 -24.99 1.06
C ILE C 236 -24.69 -24.96 1.09
N ALA C 237 -24.08 -25.11 -0.10
CA ALA C 237 -23.53 -23.95 -0.81
C ALA C 237 -24.67 -23.29 -1.60
N ASP C 238 -25.60 -22.62 -0.90
N ASP C 238 -25.54 -22.56 -0.88
CA ASP C 238 -26.87 -22.19 -1.46
CA ASP C 238 -26.84 -22.15 -1.38
C ASP C 238 -26.68 -21.13 -2.54
C ASP C 238 -26.63 -21.19 -2.54
N GLY C 239 -25.52 -20.44 -2.51
CA GLY C 239 -25.26 -19.37 -3.44
C GLY C 239 -24.80 -19.85 -4.82
N VAL C 240 -24.53 -21.15 -4.99
CA VAL C 240 -24.04 -21.70 -6.26
C VAL C 240 -24.92 -22.89 -6.75
N LYS C 241 -26.24 -22.74 -6.53
CA LYS C 241 -27.21 -23.74 -6.98
C LYS C 241 -27.61 -23.54 -8.44
N SER C 242 -27.45 -22.29 -8.94
CA SER C 242 -27.63 -21.96 -10.35
C SER C 242 -26.66 -22.75 -11.23
N SER C 243 -27.14 -23.17 -12.41
CA SER C 243 -26.29 -23.73 -13.44
C SER C 243 -25.67 -22.55 -14.20
N ILE C 244 -24.55 -22.84 -14.87
N ILE C 244 -24.54 -22.82 -14.87
CA ILE C 244 -23.97 -21.94 -15.85
CA ILE C 244 -24.00 -21.82 -15.79
C ILE C 244 -25.02 -21.66 -16.93
C ILE C 244 -24.96 -21.67 -16.96
N GLY C 245 -24.99 -20.45 -17.54
CA GLY C 245 -25.94 -20.05 -18.55
C GLY C 245 -25.26 -19.79 -19.90
N LEU C 246 -26.08 -19.37 -20.88
CA LEU C 246 -25.65 -19.21 -22.26
C LEU C 246 -24.63 -18.09 -22.45
N ASN C 247 -24.61 -17.11 -21.53
CA ASN C 247 -23.71 -15.97 -21.70
C ASN C 247 -22.38 -16.28 -21.03
N THR C 248 -22.40 -16.96 -19.83
CA THR C 248 -21.16 -17.25 -19.15
C THR C 248 -20.45 -18.49 -19.68
N TRP C 249 -21.19 -19.50 -20.20
CA TRP C 249 -20.56 -20.75 -20.62
C TRP C 249 -19.41 -20.53 -21.61
N PRO C 250 -19.54 -19.79 -22.74
CA PRO C 250 -18.42 -19.72 -23.70
C PRO C 250 -17.12 -19.18 -23.08
N ILE C 251 -17.26 -18.21 -22.18
CA ILE C 251 -16.13 -17.63 -21.44
C ILE C 251 -15.51 -18.75 -20.61
N ILE C 252 -16.35 -19.47 -19.90
CA ILE C 252 -15.82 -20.49 -18.98
C ILE C 252 -15.18 -21.65 -19.75
N ARG C 253 -15.83 -22.11 -20.83
CA ARG C 253 -15.27 -23.11 -21.74
C ARG C 253 -13.84 -22.77 -22.16
N ASP C 254 -13.62 -21.52 -22.63
CA ASP C 254 -12.37 -21.11 -23.29
C ASP C 254 -11.29 -20.59 -22.34
N LEU C 255 -11.67 -19.95 -21.21
CA LEU C 255 -10.74 -19.14 -20.45
C LEU C 255 -10.50 -19.68 -19.03
N VAL C 256 -11.24 -20.71 -18.61
CA VAL C 256 -11.07 -21.27 -17.27
C VAL C 256 -10.22 -22.53 -17.39
N ASP C 257 -9.15 -22.58 -16.62
CA ASP C 257 -8.13 -23.64 -16.80
C ASP C 257 -8.61 -24.99 -16.25
N ASP C 258 -9.36 -24.96 -15.14
CA ASP C 258 -9.80 -26.24 -14.58
C ASP C 258 -10.95 -25.99 -13.60
N ILE C 259 -11.69 -27.08 -13.29
N ILE C 259 -11.73 -27.07 -13.33
CA ILE C 259 -12.81 -27.06 -12.37
CA ILE C 259 -12.84 -27.06 -12.38
C ILE C 259 -12.60 -28.16 -11.32
C ILE C 259 -12.59 -28.14 -11.33
N PHE C 260 -12.67 -27.78 -10.05
CA PHE C 260 -12.54 -28.70 -8.92
C PHE C 260 -13.88 -28.80 -8.22
N THR C 261 -14.33 -30.03 -8.06
CA THR C 261 -15.60 -30.29 -7.38
C THR C 261 -15.27 -30.77 -5.96
N VAL C 262 -16.18 -30.48 -5.02
CA VAL C 262 -15.95 -30.80 -3.64
C VAL C 262 -17.25 -31.32 -3.03
N THR C 263 -17.11 -32.26 -2.08
CA THR C 263 -18.25 -32.92 -1.45
C THR C 263 -18.83 -31.97 -0.41
N GLU C 264 -20.10 -32.23 -0.04
CA GLU C 264 -20.73 -31.50 1.03
C GLU C 264 -19.85 -31.50 2.28
N ASP C 265 -19.27 -32.67 2.64
CA ASP C 265 -18.46 -32.77 3.85
C ASP C 265 -17.24 -31.87 3.71
N GLU C 266 -16.66 -31.82 2.52
CA GLU C 266 -15.48 -30.99 2.29
C GLU C 266 -15.84 -29.51 2.45
N ILE C 267 -17.00 -29.08 1.90
CA ILE C 267 -17.47 -27.71 2.04
C ILE C 267 -17.66 -27.39 3.52
N LYS C 268 -18.36 -28.27 4.25
CA LYS C 268 -18.66 -27.98 5.63
C LYS C 268 -17.36 -27.90 6.43
N CYS C 269 -16.45 -28.88 6.25
N CYS C 269 -16.48 -28.89 6.24
CA CYS C 269 -15.18 -28.85 6.95
CA CYS C 269 -15.18 -28.89 6.89
C CYS C 269 -14.35 -27.61 6.57
C CYS C 269 -14.41 -27.60 6.57
N ALA C 270 -14.34 -27.22 5.28
CA ALA C 270 -13.52 -26.04 4.89
C ALA C 270 -14.09 -24.78 5.57
N THR C 271 -15.43 -24.69 5.62
CA THR C 271 -16.13 -23.55 6.15
C THR C 271 -15.82 -23.42 7.66
N GLN C 272 -15.82 -24.56 8.37
N GLN C 272 -16.02 -24.51 8.40
CA GLN C 272 -15.48 -24.66 9.80
CA GLN C 272 -15.83 -24.49 9.84
C GLN C 272 -14.03 -24.24 10.04
C GLN C 272 -14.37 -24.16 10.16
N LEU C 273 -13.12 -24.67 9.15
N LEU C 273 -13.43 -24.65 9.33
CA LEU C 273 -11.70 -24.38 9.34
CA LEU C 273 -11.99 -24.38 9.45
C LEU C 273 -11.51 -22.86 9.22
C LEU C 273 -11.71 -22.89 9.34
N VAL C 274 -12.23 -22.22 8.27
CA VAL C 274 -12.05 -20.78 8.12
C VAL C 274 -12.60 -20.00 9.32
N TRP C 275 -13.78 -20.37 9.83
CA TRP C 275 -14.30 -19.76 11.05
C TRP C 275 -13.30 -19.89 12.21
N GLU C 276 -12.88 -21.11 12.49
CA GLU C 276 -12.05 -21.38 13.65
C GLU C 276 -10.62 -20.92 13.44
N ARG C 277 -10.03 -21.13 12.29
N ARG C 277 -10.04 -21.14 12.29
CA ARG C 277 -8.62 -20.80 12.33
CA ARG C 277 -8.62 -20.81 12.33
C ARG C 277 -8.38 -19.42 11.75
C ARG C 277 -8.38 -19.43 11.75
N MET C 278 -9.32 -18.91 10.93
CA MET C 278 -9.13 -17.60 10.32
C MET C 278 -9.97 -16.53 11.03
N LYS C 279 -10.99 -16.97 11.77
CA LYS C 279 -11.93 -16.05 12.46
C LYS C 279 -12.69 -15.17 11.45
N LEU C 280 -12.94 -15.71 10.24
CA LEU C 280 -13.73 -15.02 9.22
C LEU C 280 -15.07 -15.76 9.06
N LEU C 281 -16.16 -15.03 9.23
N LEU C 281 -16.19 -15.04 9.19
CA LEU C 281 -17.49 -15.63 9.14
CA LEU C 281 -17.51 -15.63 9.15
C LEU C 281 -17.93 -15.73 7.69
C LEU C 281 -17.94 -15.75 7.67
N ILE C 282 -17.25 -16.63 6.94
CA ILE C 282 -17.69 -16.90 5.53
C ILE C 282 -19.01 -17.67 5.53
N GLU C 283 -19.82 -17.45 4.46
CA GLU C 283 -20.96 -18.35 4.29
C GLU C 283 -20.43 -19.63 3.65
N PRO C 284 -21.11 -20.77 3.80
CA PRO C 284 -20.65 -22.03 3.18
C PRO C 284 -20.36 -22.01 1.70
N THR C 285 -21.09 -21.19 0.93
CA THR C 285 -20.80 -21.08 -0.50
C THR C 285 -19.37 -20.56 -0.69
N ALA C 286 -18.90 -19.67 0.22
CA ALA C 286 -17.52 -19.16 0.15
C ALA C 286 -16.54 -20.21 0.69
N GLY C 287 -17.01 -21.24 1.38
CA GLY C 287 -16.07 -22.32 1.74
C GLY C 287 -15.75 -23.24 0.55
N VAL C 288 -16.54 -23.12 -0.54
CA VAL C 288 -16.33 -24.02 -1.68
C VAL C 288 -14.91 -23.90 -2.25
N GLY C 289 -14.42 -22.66 -2.44
CA GLY C 289 -13.09 -22.44 -2.99
C GLY C 289 -12.00 -22.91 -2.04
N VAL C 290 -12.20 -22.68 -0.72
CA VAL C 290 -11.26 -23.21 0.26
C VAL C 290 -11.20 -24.74 0.19
N ALA C 291 -12.35 -25.38 0.12
CA ALA C 291 -12.44 -26.84 0.07
C ALA C 291 -11.71 -27.36 -1.16
N ALA C 292 -11.86 -26.67 -2.29
CA ALA C 292 -11.17 -27.00 -3.52
C ALA C 292 -9.64 -27.05 -3.31
N VAL C 293 -9.06 -26.03 -2.66
N VAL C 293 -9.05 -26.02 -2.68
CA VAL C 293 -7.60 -25.97 -2.58
CA VAL C 293 -7.60 -25.96 -2.56
C VAL C 293 -7.07 -26.99 -1.55
C VAL C 293 -7.08 -27.04 -1.59
N LEU C 294 -7.91 -27.38 -0.59
CA LEU C 294 -7.63 -28.49 0.35
C LEU C 294 -7.88 -29.89 -0.24
N SER C 295 -8.55 -29.99 -1.40
CA SER C 295 -9.02 -31.28 -1.86
C SER C 295 -7.83 -32.06 -2.42
N GLN C 296 -7.98 -33.38 -2.53
N GLN C 296 -7.99 -33.39 -2.55
N GLN C 296 -7.99 -33.39 -2.54
CA GLN C 296 -6.92 -34.26 -3.03
CA GLN C 296 -6.95 -34.29 -3.03
CA GLN C 296 -6.96 -34.29 -3.02
C GLN C 296 -6.54 -33.87 -4.45
C GLN C 296 -6.55 -33.94 -4.46
C GLN C 296 -6.55 -33.95 -4.45
N HIS C 297 -7.55 -33.72 -5.32
CA HIS C 297 -7.36 -33.36 -6.72
C HIS C 297 -6.49 -32.11 -6.90
N PHE C 298 -6.64 -31.13 -6.00
CA PHE C 298 -5.85 -29.91 -6.08
C PHE C 298 -4.38 -30.17 -5.72
N GLN C 299 -4.15 -31.14 -4.80
N GLN C 299 -4.12 -31.14 -4.80
CA GLN C 299 -2.82 -31.49 -4.28
CA GLN C 299 -2.77 -31.37 -4.29
C GLN C 299 -1.84 -31.80 -5.39
C GLN C 299 -1.83 -31.81 -5.40
N THR C 300 -2.40 -32.24 -6.54
CA THR C 300 -1.64 -32.72 -7.70
C THR C 300 -1.29 -31.57 -8.65
N VAL C 301 -1.96 -30.40 -8.49
CA VAL C 301 -1.67 -29.20 -9.26
C VAL C 301 -0.18 -28.90 -9.14
N SER C 302 0.45 -28.47 -10.25
CA SER C 302 1.89 -28.31 -10.32
C SER C 302 2.39 -27.37 -9.21
N PRO C 303 3.53 -27.66 -8.55
CA PRO C 303 4.09 -26.81 -7.48
C PRO C 303 4.51 -25.41 -7.93
N GLU C 304 4.63 -25.22 -9.26
CA GLU C 304 4.94 -23.91 -9.82
C GLU C 304 3.79 -22.94 -9.54
N VAL C 305 2.57 -23.48 -9.37
CA VAL C 305 1.41 -22.66 -9.05
C VAL C 305 1.35 -22.51 -7.52
N LYS C 306 2.13 -21.55 -7.00
CA LYS C 306 2.38 -21.49 -5.57
C LYS C 306 1.46 -20.45 -4.91
N ASN C 307 1.38 -19.27 -5.54
CA ASN C 307 0.67 -18.15 -4.94
C ASN C 307 -0.77 -18.21 -5.46
N ILE C 308 -1.70 -18.63 -4.59
N ILE C 308 -1.69 -18.67 -4.59
CA ILE C 308 -3.06 -18.88 -5.00
CA ILE C 308 -3.08 -18.94 -4.91
C ILE C 308 -4.00 -17.98 -4.19
C ILE C 308 -3.95 -17.92 -4.17
N CYS C 309 -4.76 -17.18 -4.93
CA CYS C 309 -5.78 -16.29 -4.37
C CYS C 309 -7.12 -16.98 -4.45
N ILE C 310 -7.73 -17.18 -3.27
CA ILE C 310 -9.08 -17.75 -3.19
C ILE C 310 -10.05 -16.58 -2.93
N VAL C 311 -11.15 -16.54 -3.71
CA VAL C 311 -12.17 -15.52 -3.48
C VAL C 311 -13.07 -15.97 -2.34
N LEU C 312 -13.01 -15.31 -1.17
CA LEU C 312 -14.04 -15.61 -0.13
C LEU C 312 -15.26 -14.75 -0.43
N SER C 313 -16.22 -15.34 -1.19
CA SER C 313 -17.17 -14.58 -1.92
C SER C 313 -18.25 -13.92 -1.06
N GLY C 314 -18.52 -14.44 0.13
CA GLY C 314 -19.65 -13.89 0.89
C GLY C 314 -19.53 -14.25 2.36
N GLY C 315 -20.20 -13.45 3.19
CA GLY C 315 -20.30 -13.79 4.60
C GLY C 315 -21.74 -13.68 5.10
N ASN C 316 -22.73 -13.83 4.22
CA ASN C 316 -24.11 -13.68 4.65
C ASN C 316 -24.65 -15.03 5.09
N VAL C 317 -24.30 -15.41 6.32
CA VAL C 317 -24.70 -16.70 6.89
C VAL C 317 -25.76 -16.48 7.97
N ASP C 318 -26.78 -17.34 8.00
CA ASP C 318 -27.79 -17.31 9.04
C ASP C 318 -27.22 -17.88 10.34
N LEU C 319 -27.06 -17.01 11.35
CA LEU C 319 -26.66 -17.38 12.71
C LEU C 319 -27.91 -17.57 13.58
N GLN D 4 23.52 0.68 25.00
N GLN D 4 23.42 0.31 24.58
CA GLN D 4 24.88 0.29 24.48
CA GLN D 4 24.92 0.26 24.45
C GLN D 4 25.41 1.41 23.59
C GLN D 4 25.41 1.42 23.58
N TYR D 5 24.57 1.87 22.63
CA TYR D 5 24.98 2.92 21.69
C TYR D 5 24.36 4.28 22.05
N ASP D 6 24.78 5.34 21.34
CA ASP D 6 24.28 6.68 21.60
C ASP D 6 22.81 6.81 21.22
N ILE D 7 22.29 5.97 20.31
CA ILE D 7 20.84 5.82 20.20
C ILE D 7 20.45 4.36 20.36
N SER D 8 19.12 4.09 20.44
CA SER D 8 18.63 2.74 20.22
C SER D 8 17.48 2.87 19.24
N PHE D 9 16.92 1.73 18.83
N PHE D 9 16.92 1.71 18.83
CA PHE D 9 15.82 1.74 17.89
CA PHE D 9 15.81 1.71 17.90
C PHE D 9 14.62 2.48 18.50
C PHE D 9 14.63 2.49 18.50
N ALA D 10 14.45 2.47 19.83
CA ALA D 10 13.37 3.24 20.45
C ALA D 10 13.47 4.72 20.06
N ASP D 11 14.68 5.28 19.94
CA ASP D 11 14.84 6.68 19.52
C ASP D 11 14.41 6.84 18.04
N VAL D 12 14.68 5.84 17.21
CA VAL D 12 14.18 5.92 15.83
C VAL D 12 12.67 5.94 15.72
N GLU D 13 12.02 5.04 16.48
N GLU D 13 12.03 5.05 16.50
CA GLU D 13 10.56 5.03 16.46
CA GLU D 13 10.57 5.01 16.51
C GLU D 13 10.03 6.37 17.00
C GLU D 13 10.02 6.34 17.02
N LYS D 14 10.62 6.91 18.08
CA LYS D 14 10.21 8.24 18.54
C LYS D 14 10.34 9.26 17.42
N ALA D 15 11.47 9.22 16.67
CA ALA D 15 11.73 10.18 15.62
C ALA D 15 10.67 10.05 14.53
N HIS D 16 10.31 8.81 14.18
CA HIS D 16 9.32 8.56 13.13
C HIS D 16 8.01 9.24 13.55
N ILE D 17 7.56 9.01 14.78
CA ILE D 17 6.30 9.69 15.22
C ILE D 17 6.48 11.23 15.17
N ASN D 18 7.63 11.72 15.61
N ASN D 18 7.63 11.73 15.62
CA ASN D 18 7.96 13.14 15.72
CA ASN D 18 7.92 13.17 15.68
C ASN D 18 7.95 13.85 14.35
C ASN D 18 7.85 13.83 14.30
N ILE D 19 8.42 13.19 13.26
CA ILE D 19 8.65 13.89 11.99
C ILE D 19 7.67 13.53 10.88
N ARG D 20 7.01 12.37 10.97
CA ARG D 20 6.35 11.83 9.79
C ARG D 20 5.26 12.75 9.20
N ASP D 21 4.68 13.64 10.01
N ASP D 21 4.66 13.64 10.00
CA ASP D 21 3.61 14.48 9.49
CA ASP D 21 3.59 14.46 9.44
C ASP D 21 4.18 15.56 8.55
C ASP D 21 4.15 15.66 8.66
N SER D 22 5.50 15.82 8.66
CA SER D 22 6.15 16.97 8.01
C SER D 22 7.20 16.58 6.96
N ILE D 23 7.42 15.29 6.69
CA ILE D 23 8.37 14.87 5.66
C ILE D 23 7.61 14.02 4.63
N HIS D 24 8.25 13.77 3.51
CA HIS D 24 7.70 12.89 2.48
C HIS D 24 8.11 11.46 2.75
N LEU D 25 7.12 10.55 2.62
CA LEU D 25 7.46 9.13 2.55
C LEU D 25 7.89 8.86 1.11
N THR D 26 9.20 8.92 0.85
CA THR D 26 9.68 9.05 -0.54
C THR D 26 9.52 7.68 -1.19
N PRO D 27 9.30 7.67 -2.52
CA PRO D 27 9.08 6.40 -3.20
C PRO D 27 10.36 5.58 -3.36
N VAL D 28 10.16 4.31 -3.68
CA VAL D 28 11.25 3.44 -4.11
C VAL D 28 11.06 3.15 -5.61
N LEU D 29 12.03 3.53 -6.44
CA LEU D 29 11.97 3.29 -7.88
C LEU D 29 12.95 2.20 -8.27
N THR D 30 12.72 1.65 -9.50
CA THR D 30 13.56 0.59 -10.01
C THR D 30 14.05 0.98 -11.42
N SER D 31 15.03 0.24 -11.92
CA SER D 31 15.63 0.48 -13.21
C SER D 31 16.03 -0.86 -13.82
N SER D 32 15.43 -1.19 -14.97
CA SER D 32 15.78 -2.41 -15.68
C SER D 32 17.26 -2.41 -16.04
N ILE D 33 17.78 -1.28 -16.58
CA ILE D 33 19.17 -1.27 -17.02
C ILE D 33 20.14 -1.44 -15.84
N LEU D 34 19.87 -0.78 -14.71
N LEU D 34 19.88 -0.80 -14.69
CA LEU D 34 20.76 -0.91 -13.55
CA LEU D 34 20.84 -0.96 -13.60
C LEU D 34 20.76 -2.36 -13.05
C LEU D 34 20.76 -2.38 -13.01
N ASN D 35 19.59 -3.01 -13.05
CA ASN D 35 19.48 -4.42 -12.71
C ASN D 35 20.38 -5.29 -13.62
N GLN D 36 20.27 -5.05 -14.94
N GLN D 36 20.30 -5.04 -14.93
CA GLN D 36 21.06 -5.72 -15.97
CA GLN D 36 21.07 -5.84 -15.88
C GLN D 36 22.54 -5.56 -15.65
C GLN D 36 22.57 -5.55 -15.71
N LEU D 37 22.94 -4.32 -15.34
CA LEU D 37 24.34 -3.94 -15.20
C LEU D 37 24.96 -4.58 -13.95
N THR D 38 24.14 -4.82 -12.91
CA THR D 38 24.68 -5.24 -11.63
C THR D 38 24.47 -6.74 -11.43
N GLY D 39 23.44 -7.31 -12.06
CA GLY D 39 23.11 -8.70 -11.75
C GLY D 39 22.26 -8.80 -10.48
N ARG D 40 21.72 -7.66 -9.98
CA ARG D 40 20.99 -7.65 -8.72
C ARG D 40 19.59 -7.08 -9.00
N ASN D 41 18.65 -7.32 -8.10
N ASN D 41 18.70 -7.28 -8.06
CA ASN D 41 17.40 -6.58 -8.21
CA ASN D 41 17.42 -6.60 -8.15
C ASN D 41 17.58 -5.34 -7.33
C ASN D 41 17.56 -5.32 -7.31
N LEU D 42 17.68 -4.15 -7.95
CA LEU D 42 17.96 -2.90 -7.26
C LEU D 42 16.67 -2.15 -6.96
N PHE D 43 16.67 -1.46 -5.82
CA PHE D 43 15.55 -0.63 -5.38
C PHE D 43 16.15 0.70 -4.93
N PHE D 44 15.60 1.81 -5.43
CA PHE D 44 16.19 3.12 -5.17
C PHE D 44 15.29 3.91 -4.23
N LYS D 45 15.77 4.13 -3.01
CA LYS D 45 14.97 4.90 -2.05
C LYS D 45 15.26 6.37 -2.33
N CYS D 46 14.21 7.11 -2.76
CA CYS D 46 14.47 8.36 -3.46
C CYS D 46 14.46 9.52 -2.48
N GLU D 47 15.47 9.58 -1.58
CA GLU D 47 15.56 10.75 -0.70
C GLU D 47 15.94 12.04 -1.48
N LEU D 48 16.25 11.94 -2.79
CA LEU D 48 16.46 13.22 -3.51
C LEU D 48 15.08 13.94 -3.68
N PHE D 49 13.96 13.23 -3.43
CA PHE D 49 12.63 13.83 -3.58
C PHE D 49 12.14 14.29 -2.21
N GLN D 50 12.98 14.15 -1.19
CA GLN D 50 12.56 14.55 0.17
C GLN D 50 12.46 16.08 0.21
N LYS D 51 11.71 16.59 1.19
N LYS D 51 11.71 16.60 1.20
CA LYS D 51 11.73 18.02 1.49
CA LYS D 51 11.74 18.03 1.49
C LYS D 51 13.17 18.51 1.69
C LYS D 51 13.16 18.51 1.69
N THR D 52 13.49 19.65 1.05
CA THR D 52 14.79 20.35 1.04
C THR D 52 15.77 19.67 0.08
N GLY D 53 15.41 18.55 -0.54
CA GLY D 53 16.23 17.91 -1.56
C GLY D 53 17.28 16.93 -1.02
N SER D 54 17.16 16.59 0.27
CA SER D 54 17.99 15.52 0.83
C SER D 54 17.32 14.94 2.07
N PHE D 55 17.83 13.78 2.54
CA PHE D 55 17.27 13.10 3.70
C PHE D 55 17.50 13.88 5.00
N1 LLP D 56 24.39 12.20 0.92
C2 LLP D 56 23.97 13.45 0.95
C2' LLP D 56 23.26 13.99 -0.25
C3 LLP D 56 24.14 14.22 2.13
O3 LLP D 56 23.64 15.45 2.14
C4 LLP D 56 24.74 13.66 3.26
C4' LLP D 56 24.84 14.42 4.50
C5 LLP D 56 25.24 12.35 3.16
C6 LLP D 56 25.05 11.69 1.99
C5' LLP D 56 26.03 11.71 4.27
OP4 LLP D 56 25.38 11.58 5.57
P LLP D 56 26.26 11.43 6.88
OP1 LLP D 56 27.12 12.67 7.06
OP2 LLP D 56 25.26 11.21 7.94
OP3 LLP D 56 27.11 10.19 6.57
N LLP D 56 18.32 14.93 4.97
CA LLP D 56 18.76 15.55 6.23
CB LLP D 56 19.93 16.50 5.96
CG LLP D 56 21.29 15.80 5.85
CD LLP D 56 22.44 16.79 5.80
CE LLP D 56 23.82 16.12 5.90
NZ LLP D 56 24.11 15.50 4.61
C LLP D 56 17.62 16.28 6.97
O LLP D 56 17.77 16.61 8.14
N ILE D 57 16.51 16.58 6.29
CA ILE D 57 15.38 17.14 7.03
C ILE D 57 14.91 16.16 8.11
N ARG D 58 15.19 14.84 7.98
CA ARG D 58 14.69 13.89 8.99
C ARG D 58 15.43 14.13 10.32
N GLY D 59 16.76 14.10 10.29
CA GLY D 59 17.52 14.39 11.51
C GLY D 59 17.27 15.81 12.03
N ALA D 60 17.19 16.77 11.12
CA ALA D 60 17.15 18.18 11.45
C ALA D 60 15.81 18.45 12.16
N LEU D 61 14.70 17.93 11.58
CA LEU D 61 13.40 18.16 12.22
C LEU D 61 13.32 17.44 13.57
N ASN D 62 13.91 16.23 13.65
CA ASN D 62 13.90 15.49 14.91
C ASN D 62 14.67 16.23 16.00
N ALA D 63 15.70 16.96 15.61
CA ALA D 63 16.53 17.63 16.61
C ALA D 63 15.85 18.92 17.06
N VAL D 64 15.10 19.56 16.16
CA VAL D 64 14.50 20.87 16.47
C VAL D 64 13.18 20.66 17.21
N ARG D 65 12.43 19.61 16.84
CA ARG D 65 11.06 19.43 17.31
C ARG D 65 11.06 18.49 18.51
N SER D 66 10.24 18.83 19.52
CA SER D 66 10.03 17.98 20.68
C SER D 66 8.74 17.19 20.48
N LEU D 67 8.93 15.88 20.66
N LEU D 67 8.91 15.87 20.62
CA LEU D 67 7.90 14.86 20.57
CA LEU D 67 7.83 14.91 20.51
C LEU D 67 6.76 15.16 21.52
C LEU D 67 6.96 15.05 21.75
N VAL D 68 7.06 15.41 22.81
N VAL D 68 7.58 15.40 22.88
CA VAL D 68 6.07 15.63 23.86
CA VAL D 68 6.93 15.41 24.18
C VAL D 68 6.22 17.05 24.44
C VAL D 68 6.92 16.83 24.77
N ARG D 74 12.89 23.83 28.23
CA ARG D 74 13.27 24.91 27.27
C ARG D 74 13.41 24.30 25.87
N LYS D 75 12.35 24.47 25.05
CA LYS D 75 12.37 24.20 23.62
C LYS D 75 13.35 25.16 22.95
N PRO D 76 13.93 24.79 21.77
CA PRO D 76 14.83 25.72 21.08
C PRO D 76 14.11 27.01 20.71
N LYS D 77 14.76 28.16 20.91
CA LYS D 77 14.25 29.47 20.49
C LYS D 77 14.87 29.93 19.16
N ALA D 78 15.85 29.17 18.66
CA ALA D 78 16.48 29.46 17.37
C ALA D 78 17.37 28.25 17.02
N VAL D 79 17.76 28.19 15.75
CA VAL D 79 18.79 27.26 15.27
C VAL D 79 19.88 28.08 14.61
N VAL D 80 21.14 27.63 14.83
CA VAL D 80 22.29 28.29 14.27
C VAL D 80 23.16 27.20 13.63
N THR D 81 23.70 27.51 12.44
CA THR D 81 24.52 26.54 11.70
C THR D 81 25.61 27.28 10.92
N HIS D 82 26.73 26.58 10.70
N HIS D 82 26.72 26.58 10.68
CA HIS D 82 27.82 26.91 9.77
CA HIS D 82 27.82 26.93 9.77
C HIS D 82 27.56 26.42 8.34
C HIS D 82 27.56 26.43 8.35
N SER D 83 26.55 25.55 8.18
CA SER D 83 26.31 24.86 6.91
C SER D 83 25.45 25.71 5.96
N SER D 84 26.00 25.95 4.76
N SER D 84 25.99 25.99 4.76
CA SER D 84 25.28 26.48 3.62
CA SER D 84 25.23 26.51 3.64
C SER D 84 24.83 25.33 2.71
C SER D 84 24.80 25.35 2.73
N GLY D 85 25.10 24.10 3.12
CA GLY D 85 24.78 22.92 2.31
C GLY D 85 23.47 22.23 2.72
N ASN D 86 23.41 20.90 2.51
CA ASN D 86 22.19 20.15 2.78
C ASN D 86 21.75 20.27 4.24
N HIS D 87 22.72 20.22 5.15
CA HIS D 87 22.44 20.34 6.58
C HIS D 87 21.79 21.68 6.91
N GLY D 88 22.42 22.77 6.45
CA GLY D 88 21.88 24.10 6.73
C GLY D 88 20.51 24.32 6.11
N GLN D 89 20.32 23.82 4.88
N GLN D 89 20.31 23.84 4.87
CA GLN D 89 19.05 23.89 4.18
CA GLN D 89 19.03 23.92 4.21
C GLN D 89 18.00 23.14 5.00
C GLN D 89 17.98 23.12 4.98
N ALA D 90 18.38 21.97 5.52
CA ALA D 90 17.47 21.14 6.29
C ALA D 90 17.12 21.84 7.61
N LEU D 91 18.14 22.35 8.31
N LEU D 91 18.13 22.35 8.31
CA LEU D 91 17.94 23.03 9.59
CA LEU D 91 17.90 23.01 9.59
C LEU D 91 17.03 24.25 9.44
C LEU D 91 17.01 24.25 9.43
N THR D 92 17.21 25.02 8.35
CA THR D 92 16.42 26.22 8.08
C THR D 92 14.95 25.84 7.91
N TYR D 93 14.67 24.81 7.11
CA TYR D 93 13.31 24.38 6.84
C TYR D 93 12.63 23.92 8.11
N ALA D 94 13.38 23.16 8.93
CA ALA D 94 12.88 22.63 10.17
C ALA D 94 12.49 23.79 11.11
N ALA D 95 13.39 24.77 11.22
CA ALA D 95 13.17 25.98 12.02
C ALA D 95 11.91 26.70 11.55
N LYS D 96 11.81 26.94 10.24
CA LYS D 96 10.63 27.57 9.67
C LYS D 96 9.37 26.81 10.08
N LEU D 97 9.40 25.47 9.97
CA LEU D 97 8.27 24.64 10.36
C LEU D 97 7.89 24.86 11.82
N GLU D 98 8.89 25.06 12.70
CA GLU D 98 8.66 25.16 14.13
C GLU D 98 8.37 26.60 14.53
N GLY D 99 8.45 27.54 13.57
CA GLY D 99 8.23 28.96 13.84
C GLY D 99 9.38 29.60 14.60
N ILE D 100 10.60 29.10 14.39
CA ILE D 100 11.76 29.64 15.10
C ILE D 100 12.80 30.11 14.07
N PRO D 101 13.58 31.15 14.42
CA PRO D 101 14.49 31.75 13.45
C PRO D 101 15.69 30.82 13.23
N ALA D 102 16.23 30.86 12.00
CA ALA D 102 17.40 30.08 11.60
C ALA D 102 18.51 31.09 11.23
N TYR D 103 19.71 30.92 11.79
CA TYR D 103 20.87 31.77 11.49
C TYR D 103 21.96 30.89 10.85
N ILE D 104 22.52 31.34 9.71
CA ILE D 104 23.65 30.69 9.08
C ILE D 104 24.83 31.62 9.28
N VAL D 105 25.92 31.07 9.81
CA VAL D 105 27.13 31.85 9.98
C VAL D 105 27.98 31.63 8.72
N VAL D 106 28.25 32.72 8.00
CA VAL D 106 28.94 32.64 6.71
C VAL D 106 30.17 33.57 6.68
N PRO D 107 31.39 33.10 6.30
CA PRO D 107 32.52 34.02 6.03
C PRO D 107 32.12 35.24 5.22
N GLN D 108 32.61 36.41 5.62
CA GLN D 108 32.50 37.64 4.83
C GLN D 108 33.00 37.41 3.40
N THR D 109 33.98 36.49 3.27
CA THR D 109 34.70 36.25 2.04
C THR D 109 34.01 35.13 1.25
N ALA D 110 32.72 34.89 1.54
CA ALA D 110 31.96 33.86 0.86
C ALA D 110 31.50 34.36 -0.50
N PRO D 111 31.30 33.44 -1.47
CA PRO D 111 30.60 33.74 -2.71
C PRO D 111 29.45 34.73 -2.49
N ASP D 112 29.31 35.73 -3.38
CA ASP D 112 28.10 36.54 -3.52
C ASP D 112 26.90 35.68 -3.96
N CYS D 113 27.19 34.58 -4.67
N CYS D 113 27.19 34.60 -4.70
CA CYS D 113 26.18 33.64 -5.15
CA CYS D 113 26.19 33.64 -5.15
C CYS D 113 25.39 33.16 -3.95
C CYS D 113 25.38 33.15 -3.96
N LYS D 114 26.03 32.93 -2.86
CA LYS D 114 25.53 31.86 -2.13
C LYS D 114 24.79 32.57 -1.03
N LYS D 115 25.21 33.83 -0.82
CA LYS D 115 24.62 34.68 0.19
C LYS D 115 23.13 34.83 -0.09
N LEU D 116 22.80 35.05 -1.38
CA LEU D 116 21.42 35.34 -1.80
C LEU D 116 20.53 34.10 -1.68
N ALA D 117 21.09 32.91 -1.97
CA ALA D 117 20.40 31.63 -1.82
C ALA D 117 19.87 31.49 -0.39
N ILE D 118 20.74 31.82 0.57
CA ILE D 118 20.45 31.57 1.97
C ILE D 118 19.22 32.37 2.35
N GLN D 119 19.18 33.65 1.93
CA GLN D 119 18.16 34.53 2.49
C GLN D 119 16.89 34.27 1.71
N ALA D 120 17.04 33.82 0.46
CA ALA D 120 15.89 33.34 -0.30
C ALA D 120 15.21 32.15 0.39
N TYR D 121 16.01 31.28 1.03
N TYR D 121 16.01 31.24 0.97
CA TYR D 121 15.48 30.11 1.72
CA TYR D 121 15.43 30.09 1.67
C TYR D 121 14.93 30.44 3.10
C TYR D 121 14.89 30.45 3.07
N GLY D 122 15.22 31.66 3.57
CA GLY D 122 14.53 32.23 4.73
C GLY D 122 15.40 32.15 5.98
N ALA D 123 16.71 31.90 5.81
CA ALA D 123 17.63 32.07 6.91
C ALA D 123 18.13 33.51 7.02
N SER D 124 18.46 33.93 8.24
CA SER D 124 19.21 35.15 8.50
C SER D 124 20.72 34.87 8.50
N ILE D 125 21.46 35.70 7.77
CA ILE D 125 22.91 35.56 7.64
C ILE D 125 23.56 36.33 8.78
N VAL D 126 24.55 35.71 9.42
N VAL D 126 24.55 35.71 9.42
CA VAL D 126 25.46 36.41 10.33
CA VAL D 126 25.46 36.39 10.33
C VAL D 126 26.86 36.16 9.77
C VAL D 126 26.87 36.15 9.78
N TYR D 127 27.51 37.24 9.30
CA TYR D 127 28.82 37.18 8.68
C TYR D 127 29.87 37.05 9.76
N CYS D 128 30.85 36.19 9.50
N CYS D 128 30.82 36.17 9.51
CA CYS D 128 31.99 36.08 10.39
CA CYS D 128 31.98 36.08 10.38
C CYS D 128 33.21 36.35 9.53
C CYS D 128 33.21 36.35 9.53
N GLU D 129 34.40 36.15 10.10
CA GLU D 129 35.66 36.20 9.36
C GLU D 129 36.01 34.77 8.94
N PRO D 130 36.84 34.58 7.89
CA PRO D 130 37.03 33.27 7.23
C PRO D 130 37.70 32.21 8.09
N SER D 131 38.40 32.61 9.15
CA SER D 131 38.91 31.71 10.18
C SER D 131 37.80 30.78 10.66
N ASP D 132 38.12 29.49 10.77
CA ASP D 132 37.38 28.52 11.58
C ASP D 132 37.17 29.06 13.00
N GLU D 133 38.26 29.60 13.58
CA GLU D 133 38.17 30.27 14.87
C GLU D 133 36.94 31.21 14.90
N SER D 134 36.86 32.13 13.93
CA SER D 134 35.84 33.17 13.94
C SER D 134 34.45 32.58 13.66
N ARG D 135 34.37 31.58 12.78
CA ARG D 135 33.11 30.93 12.50
C ARG D 135 32.53 30.35 13.80
N GLU D 136 33.38 29.61 14.54
CA GLU D 136 32.92 28.93 15.73
C GLU D 136 32.54 29.95 16.81
N ASN D 137 33.38 31.00 16.96
CA ASN D 137 33.15 32.05 17.94
C ASN D 137 31.82 32.75 17.64
N VAL D 138 31.56 33.09 16.39
CA VAL D 138 30.32 33.78 16.05
C VAL D 138 29.13 32.84 16.28
N ALA D 139 29.26 31.55 15.88
CA ALA D 139 28.15 30.62 16.02
C ALA D 139 27.74 30.48 17.49
N LYS D 140 28.74 30.26 18.35
CA LYS D 140 28.55 30.18 19.79
C LYS D 140 27.86 31.43 20.31
N ARG D 141 28.29 32.62 19.88
CA ARG D 141 27.71 33.84 20.38
C ARG D 141 26.23 33.92 19.96
N VAL D 142 25.98 33.62 18.68
CA VAL D 142 24.63 33.77 18.14
C VAL D 142 23.74 32.82 18.93
N THR D 143 24.23 31.58 19.13
CA THR D 143 23.52 30.53 19.85
C THR D 143 23.14 31.04 21.24
N GLU D 144 24.14 31.52 21.98
CA GLU D 144 23.90 32.02 23.33
C GLU D 144 22.95 33.22 23.36
N GLU D 145 23.15 34.18 22.46
N GLU D 145 23.13 34.17 22.45
CA GLU D 145 22.37 35.41 22.43
CA GLU D 145 22.36 35.40 22.45
C GLU D 145 20.91 35.11 22.09
C GLU D 145 20.91 35.13 22.07
N THR D 146 20.68 34.15 21.18
CA THR D 146 19.32 33.84 20.74
C THR D 146 18.71 32.72 21.60
N GLU D 147 19.47 32.19 22.59
CA GLU D 147 18.95 31.07 23.37
C GLU D 147 18.64 29.91 22.42
N GLY D 148 19.47 29.79 21.39
CA GLY D 148 19.14 28.76 20.41
C GLY D 148 19.97 27.50 20.62
N ILE D 149 19.98 26.63 19.58
CA ILE D 149 20.75 25.42 19.63
C ILE D 149 21.55 25.33 18.33
N MET D 150 22.69 24.64 18.42
CA MET D 150 23.38 24.18 17.24
C MET D 150 23.08 22.68 17.14
N VAL D 151 22.97 22.18 15.90
CA VAL D 151 22.70 20.77 15.66
C VAL D 151 23.88 20.20 14.86
N HIS D 152 24.61 19.28 15.47
CA HIS D 152 25.73 18.60 14.81
C HIS D 152 25.19 17.80 13.61
N PRO D 153 25.74 17.98 12.37
CA PRO D 153 25.18 17.31 11.20
C PRO D 153 25.18 15.77 11.18
N ASN D 154 25.91 15.11 12.09
CA ASN D 154 26.02 13.66 12.02
C ASN D 154 26.18 13.00 13.37
N GLN D 155 26.65 13.74 14.41
CA GLN D 155 26.97 13.09 15.68
C GLN D 155 25.86 13.32 16.70
N GLU D 156 24.93 14.25 16.42
CA GLU D 156 23.87 14.52 17.39
C GLU D 156 22.94 13.30 17.44
N PRO D 157 22.69 12.69 18.62
CA PRO D 157 21.80 11.54 18.74
C PRO D 157 20.42 11.75 18.08
N ALA D 158 19.82 12.94 18.22
CA ALA D 158 18.51 13.17 17.62
C ALA D 158 18.61 13.15 16.09
N VAL D 159 19.75 13.61 15.54
CA VAL D 159 19.99 13.54 14.10
C VAL D 159 20.13 12.09 13.62
N ILE D 160 20.94 11.32 14.33
CA ILE D 160 21.17 9.90 13.98
C ILE D 160 19.83 9.15 14.04
N ALA D 161 19.02 9.46 15.06
CA ALA D 161 17.75 8.77 15.21
C ALA D 161 16.81 9.14 14.05
N GLY D 162 16.75 10.44 13.73
CA GLY D 162 15.94 10.90 12.57
C GLY D 162 16.33 10.16 11.28
N GLN D 163 17.65 10.03 11.04
CA GLN D 163 18.05 9.41 9.79
C GLN D 163 17.63 7.94 9.71
N GLY D 164 17.59 7.25 10.85
CA GLY D 164 17.19 5.87 10.97
C GLY D 164 15.81 5.64 10.32
N THR D 165 14.92 6.67 10.31
CA THR D 165 13.58 6.48 9.80
C THR D 165 13.63 6.13 8.30
N ILE D 166 14.72 6.46 7.60
CA ILE D 166 14.84 6.02 6.18
C ILE D 166 14.64 4.49 6.13
N ALA D 167 15.30 3.78 7.04
CA ALA D 167 15.33 2.30 6.99
C ALA D 167 13.95 1.75 7.40
N LEU D 168 13.24 2.46 8.28
N LEU D 168 13.23 2.43 8.30
CA LEU D 168 11.92 1.99 8.69
CA LEU D 168 11.88 1.94 8.63
C LEU D 168 10.97 1.99 7.48
C LEU D 168 11.06 1.89 7.34
N GLU D 169 11.11 2.99 6.58
CA GLU D 169 10.25 3.05 5.37
C GLU D 169 10.77 1.98 4.40
N VAL D 170 12.11 1.86 4.23
CA VAL D 170 12.60 0.90 3.24
C VAL D 170 12.11 -0.51 3.58
N LEU D 171 12.22 -0.89 4.87
CA LEU D 171 11.82 -2.26 5.23
C LEU D 171 10.32 -2.50 4.97
N ASN D 172 9.51 -1.46 4.98
CA ASN D 172 8.08 -1.61 4.66
C ASN D 172 7.84 -1.61 3.16
N GLN D 173 8.62 -0.79 2.40
CA GLN D 173 8.37 -0.63 0.97
C GLN D 173 8.99 -1.78 0.21
N VAL D 174 10.05 -2.39 0.75
CA VAL D 174 10.74 -3.48 0.06
C VAL D 174 10.82 -4.65 1.03
N PRO D 175 9.71 -5.35 1.32
CA PRO D 175 9.69 -6.33 2.43
C PRO D 175 10.69 -7.47 2.25
N LEU D 176 11.08 -7.84 1.01
CA LEU D 176 12.08 -8.90 0.84
C LEU D 176 13.49 -8.34 0.55
N VAL D 177 13.77 -7.12 1.02
CA VAL D 177 15.09 -6.54 0.82
C VAL D 177 16.13 -7.44 1.48
N ASP D 178 17.28 -7.64 0.82
CA ASP D 178 18.41 -8.39 1.37
C ASP D 178 19.54 -7.49 1.88
N ALA D 179 19.62 -6.25 1.36
CA ALA D 179 20.71 -5.34 1.81
C ALA D 179 20.31 -3.86 1.59
N LEU D 180 20.83 -2.97 2.45
CA LEU D 180 20.78 -1.54 2.13
C LEU D 180 22.21 -1.07 1.86
N VAL D 181 22.34 -0.17 0.86
CA VAL D 181 23.63 0.46 0.52
C VAL D 181 23.51 1.96 0.78
N VAL D 182 24.37 2.48 1.66
CA VAL D 182 24.20 3.80 2.23
C VAL D 182 25.52 4.54 2.05
N PRO D 183 25.51 5.74 1.42
CA PRO D 183 26.71 6.55 1.34
C PRO D 183 27.06 7.02 2.75
N VAL D 184 28.36 7.08 3.07
CA VAL D 184 28.80 7.45 4.41
C VAL D 184 29.74 8.66 4.34
N GLY D 185 29.42 9.68 5.15
CA GLY D 185 30.31 10.77 5.46
C GLY D 185 30.56 10.78 6.96
N GLY D 186 29.78 11.56 7.69
CA GLY D 186 29.88 11.50 9.13
C GLY D 186 29.22 10.26 9.72
N GLY D 187 28.42 9.53 8.90
CA GLY D 187 27.83 8.29 9.39
C GLY D 187 26.58 8.46 10.27
N GLY D 188 25.92 9.64 10.25
CA GLY D 188 24.67 9.70 11.00
C GLY D 188 23.58 8.90 10.26
N MET D 189 23.56 9.05 8.94
CA MET D 189 22.60 8.24 8.19
C MET D 189 22.95 6.73 8.30
N LEU D 190 24.23 6.35 8.06
CA LEU D 190 24.61 4.94 8.08
C LEU D 190 24.24 4.37 9.45
N ALA D 191 24.57 5.10 10.52
CA ALA D 191 24.45 4.58 11.87
C ALA D 191 22.97 4.47 12.29
N GLY D 192 22.15 5.45 11.89
CA GLY D 192 20.70 5.40 12.16
C GLY D 192 20.07 4.23 11.43
N ILE D 193 20.51 4.05 10.18
CA ILE D 193 20.01 2.93 9.39
C ILE D 193 20.46 1.61 10.00
N ALA D 194 21.74 1.49 10.40
CA ALA D 194 22.22 0.21 10.90
C ALA D 194 21.42 -0.15 12.19
N ILE D 195 21.26 0.80 13.14
CA ILE D 195 20.45 0.57 14.34
C ILE D 195 19.08 -0.02 14.02
N THR D 196 18.42 0.60 13.06
CA THR D 196 17.07 0.25 12.68
C THR D 196 17.06 -1.15 12.04
N VAL D 197 17.91 -1.37 11.04
CA VAL D 197 17.89 -2.67 10.32
C VAL D 197 18.25 -3.81 11.29
N LYS D 198 19.27 -3.59 12.13
CA LYS D 198 19.72 -4.66 12.97
C LYS D 198 18.72 -4.97 14.08
N ALA D 199 17.91 -3.98 14.47
CA ALA D 199 16.84 -4.13 15.42
C ALA D 199 15.71 -4.89 14.78
N LEU D 200 15.28 -4.46 13.58
CA LEU D 200 14.04 -5.02 13.01
C LEU D 200 14.23 -6.29 12.18
N LYS D 201 15.38 -6.45 11.51
CA LYS D 201 15.56 -7.58 10.61
C LYS D 201 17.05 -7.79 10.35
N PRO D 202 17.75 -8.31 11.39
CA PRO D 202 19.21 -8.36 11.37
C PRO D 202 19.80 -9.27 10.27
N SER D 203 18.98 -10.10 9.59
CA SER D 203 19.49 -10.84 8.46
C SER D 203 19.74 -9.95 7.23
N VAL D 204 19.15 -8.76 7.20
CA VAL D 204 19.36 -7.79 6.13
C VAL D 204 20.75 -7.15 6.33
N LYS D 205 21.54 -7.12 5.25
CA LYS D 205 22.89 -6.56 5.32
C LYS D 205 22.83 -5.04 5.30
N VAL D 206 23.77 -4.41 5.99
CA VAL D 206 23.93 -2.98 5.86
C VAL D 206 25.35 -2.76 5.32
N TYR D 207 25.41 -2.09 4.15
CA TYR D 207 26.67 -1.80 3.50
C TYR D 207 26.81 -0.30 3.38
N ALA D 208 28.05 0.21 3.62
CA ALA D 208 28.36 1.61 3.39
C ALA D 208 29.11 1.73 2.06
N ALA D 209 28.96 2.92 1.47
CA ALA D 209 29.65 3.22 0.23
C ALA D 209 30.37 4.54 0.48
N GLU D 210 31.64 4.59 0.02
CA GLU D 210 32.46 5.71 0.45
C GLU D 210 33.45 6.04 -0.67
N PRO D 211 33.76 7.33 -0.90
CA PRO D 211 34.82 7.67 -1.84
C PRO D 211 36.17 7.18 -1.34
N SER D 212 36.92 6.54 -2.23
CA SER D 212 38.24 6.10 -1.82
C SER D 212 39.16 7.32 -1.53
N ASN D 213 38.86 8.52 -2.07
CA ASN D 213 39.61 9.74 -1.74
C ASN D 213 39.28 10.25 -0.33
N ALA D 214 38.22 9.72 0.30
CA ALA D 214 37.82 10.18 1.63
C ALA D 214 37.51 8.93 2.48
N ASP D 215 38.46 7.98 2.58
CA ASP D 215 38.12 6.62 3.01
C ASP D 215 38.34 6.37 4.51
N ASP D 216 38.05 7.35 5.40
CA ASP D 216 38.20 7.17 6.82
C ASP D 216 37.27 6.09 7.39
N CYS D 217 36.05 5.89 6.82
CA CYS D 217 35.17 4.89 7.45
C CYS D 217 35.73 3.52 7.13
N TYR D 218 36.15 3.31 5.88
CA TYR D 218 36.82 2.07 5.50
C TYR D 218 38.07 1.85 6.35
N GLN D 219 38.93 2.86 6.47
CA GLN D 219 40.17 2.71 7.25
C GLN D 219 39.83 2.36 8.70
N SER D 220 38.79 2.97 9.27
CA SER D 220 38.49 2.74 10.67
C SER D 220 37.98 1.30 10.85
N LYS D 221 37.12 0.80 9.93
CA LYS D 221 36.65 -0.57 10.02
C LYS D 221 37.83 -1.53 9.84
N LEU D 222 38.76 -1.21 8.94
CA LEU D 222 39.91 -2.07 8.72
C LEU D 222 40.74 -2.16 10.01
N LYS D 223 41.02 -1.00 10.62
CA LYS D 223 41.93 -0.94 11.76
C LYS D 223 41.25 -1.37 13.05
N GLY D 224 39.93 -1.20 13.14
CA GLY D 224 39.20 -1.53 14.35
C GLY D 224 39.15 -0.37 15.34
N LYS D 225 39.48 0.84 14.85
CA LYS D 225 39.42 2.02 15.70
C LYS D 225 39.10 3.23 14.82
N LEU D 226 38.57 4.30 15.47
CA LEU D 226 38.21 5.53 14.77
C LEU D 226 39.47 6.23 14.22
N MET D 227 39.57 6.31 12.89
N MET D 227 39.57 6.31 12.89
CA MET D 227 40.71 6.95 12.23
CA MET D 227 40.71 6.95 12.23
C MET D 227 40.18 8.02 11.29
C MET D 227 40.18 8.02 11.29
N PRO D 228 39.95 9.28 11.74
CA PRO D 228 39.37 10.32 10.89
C PRO D 228 40.35 10.71 9.76
N ASN D 229 39.82 11.35 8.71
CA ASN D 229 40.73 11.83 7.66
C ASN D 229 41.72 12.82 8.29
N LEU D 230 43.02 12.62 7.99
CA LEU D 230 44.07 13.51 8.48
C LEU D 230 43.87 14.91 7.92
N TYR D 231 43.52 15.01 6.63
CA TYR D 231 43.28 16.30 6.00
C TYR D 231 41.89 16.36 5.38
N PRO D 232 41.37 17.59 5.16
CA PRO D 232 40.12 17.74 4.42
C PRO D 232 40.26 17.00 3.10
N PRO D 233 39.36 16.05 2.77
CA PRO D 233 39.51 15.23 1.57
C PRO D 233 39.05 15.91 0.27
N GLU D 234 39.58 15.50 -0.87
CA GLU D 234 39.24 16.12 -2.14
C GLU D 234 38.39 15.10 -2.88
N THR D 235 37.10 15.43 -3.11
CA THR D 235 36.16 14.50 -3.71
C THR D 235 35.00 15.31 -4.30
N ILE D 236 34.43 14.82 -5.43
CA ILE D 236 33.25 15.42 -6.05
C ILE D 236 32.02 15.13 -5.16
N ALA D 237 32.15 14.14 -4.29
CA ALA D 237 31.07 13.75 -3.35
C ALA D 237 31.08 14.67 -2.13
N ASP D 238 30.70 15.96 -2.35
CA ASP D 238 30.94 17.04 -1.39
C ASP D 238 30.12 16.84 -0.11
N GLY D 239 29.07 16.02 -0.21
CA GLY D 239 28.23 15.75 0.97
C GLY D 239 28.80 14.70 1.93
N VAL D 240 29.92 14.02 1.54
CA VAL D 240 30.51 13.01 2.43
C VAL D 240 31.97 13.34 2.74
N LYS D 241 32.23 14.62 2.98
CA LYS D 241 33.61 15.05 3.29
C LYS D 241 33.87 14.96 4.80
N SER D 242 32.81 14.92 5.63
CA SER D 242 32.96 14.72 7.06
C SER D 242 33.57 13.35 7.33
N SER D 243 34.39 13.24 8.38
CA SER D 243 34.82 11.96 8.94
C SER D 243 33.73 11.43 9.87
N ILE D 244 33.71 10.09 10.02
CA ILE D 244 32.90 9.50 11.06
C ILE D 244 33.44 10.02 12.43
N GLY D 245 32.58 9.98 13.45
CA GLY D 245 32.86 10.56 14.77
C GLY D 245 32.56 9.60 15.91
N LEU D 246 32.59 10.16 17.12
CA LEU D 246 32.65 9.31 18.29
C LEU D 246 31.33 8.62 18.58
N ASN D 247 30.21 9.19 18.09
CA ASN D 247 28.90 8.61 18.36
C ASN D 247 28.54 7.64 17.22
N THR D 248 28.97 7.96 15.98
CA THR D 248 28.60 7.04 14.91
C THR D 248 29.53 5.83 14.81
N TRP D 249 30.82 5.98 15.14
CA TRP D 249 31.81 4.92 14.96
C TRP D 249 31.42 3.61 15.67
N PRO D 250 31.05 3.54 16.98
CA PRO D 250 30.77 2.27 17.62
C PRO D 250 29.62 1.51 16.94
N ILE D 251 28.60 2.24 16.45
CA ILE D 251 27.51 1.66 15.72
C ILE D 251 28.00 1.02 14.42
N ILE D 252 28.76 1.77 13.64
CA ILE D 252 29.27 1.32 12.35
C ILE D 252 30.26 0.16 12.57
N ARG D 253 31.08 0.25 13.61
CA ARG D 253 31.99 -0.85 13.95
C ARG D 253 31.21 -2.17 14.15
N ASP D 254 30.12 -2.10 14.92
CA ASP D 254 29.44 -3.32 15.34
C ASP D 254 28.30 -3.76 14.40
N LEU D 255 27.60 -2.82 13.71
CA LEU D 255 26.33 -3.16 13.06
C LEU D 255 26.41 -3.04 11.54
N VAL D 256 27.52 -2.50 10.98
CA VAL D 256 27.65 -2.36 9.52
C VAL D 256 28.49 -3.54 9.02
N ASP D 257 27.97 -4.21 8.00
CA ASP D 257 28.53 -5.49 7.56
C ASP D 257 29.79 -5.27 6.73
N ASP D 258 29.81 -4.23 5.87
CA ASP D 258 30.98 -4.02 5.01
C ASP D 258 30.94 -2.59 4.45
N ILE D 259 32.11 -2.14 3.98
CA ILE D 259 32.31 -0.79 3.45
C ILE D 259 32.96 -0.97 2.06
N PHE D 260 32.39 -0.36 1.02
CA PHE D 260 32.85 -0.41 -0.32
C PHE D 260 33.33 0.99 -0.69
N THR D 261 34.60 1.08 -1.16
CA THR D 261 35.18 2.34 -1.58
C THR D 261 35.07 2.42 -3.09
N VAL D 262 34.95 3.66 -3.59
CA VAL D 262 34.79 3.90 -5.03
C VAL D 262 35.59 5.11 -5.45
N THR D 263 36.15 5.05 -6.65
CA THR D 263 37.05 6.09 -7.14
C THR D 263 36.21 7.29 -7.56
N GLU D 264 36.87 8.45 -7.75
CA GLU D 264 36.24 9.62 -8.33
C GLU D 264 35.58 9.29 -9.66
N ASP D 265 36.33 8.60 -10.55
CA ASP D 265 35.74 8.23 -11.85
C ASP D 265 34.48 7.38 -11.68
N GLU D 266 34.53 6.40 -10.73
CA GLU D 266 33.38 5.54 -10.53
C GLU D 266 32.18 6.39 -10.09
N ILE D 267 32.40 7.33 -9.14
CA ILE D 267 31.31 8.20 -8.69
C ILE D 267 30.71 8.96 -9.86
N LYS D 268 31.57 9.58 -10.72
CA LYS D 268 31.11 10.38 -11.85
C LYS D 268 30.35 9.52 -12.85
N CYS D 269 30.86 8.34 -13.17
N CYS D 269 30.89 8.35 -13.14
CA CYS D 269 30.18 7.54 -14.17
CA CYS D 269 30.24 7.51 -14.13
C CYS D 269 28.85 7.01 -13.63
C CYS D 269 28.88 7.02 -13.62
N ALA D 270 28.82 6.66 -12.35
CA ALA D 270 27.55 6.20 -11.74
C ALA D 270 26.53 7.33 -11.66
N THR D 271 26.97 8.55 -11.34
CA THR D 271 26.07 9.68 -11.29
C THR D 271 25.48 9.93 -12.69
N GLN D 272 26.36 9.94 -13.71
CA GLN D 272 25.89 10.19 -15.07
C GLN D 272 24.93 9.10 -15.52
N LEU D 273 25.21 7.84 -15.16
CA LEU D 273 24.32 6.73 -15.47
C LEU D 273 22.91 6.95 -14.89
N VAL D 274 22.85 7.37 -13.63
CA VAL D 274 21.54 7.63 -13.03
C VAL D 274 20.86 8.77 -13.74
N TRP D 275 21.55 9.89 -14.03
CA TRP D 275 20.95 10.98 -14.77
C TRP D 275 20.40 10.49 -16.11
N GLU D 276 21.19 9.76 -16.91
CA GLU D 276 20.81 9.53 -18.31
C GLU D 276 19.80 8.39 -18.44
N ARG D 277 19.93 7.37 -17.59
CA ARG D 277 19.20 6.13 -17.73
C ARG D 277 18.00 6.08 -16.80
N MET D 278 18.09 6.73 -15.61
CA MET D 278 16.92 6.77 -14.72
C MET D 278 16.21 8.12 -14.76
N LYS D 279 16.84 9.19 -15.29
CA LYS D 279 16.31 10.55 -15.38
C LYS D 279 16.08 11.17 -13.99
N LEU D 280 16.89 10.79 -13.02
CA LEU D 280 16.84 11.33 -11.66
C LEU D 280 18.06 12.23 -11.46
N LEU D 281 17.80 13.49 -11.10
N LEU D 281 17.82 13.48 -11.08
CA LEU D 281 18.86 14.44 -10.83
CA LEU D 281 18.96 14.37 -10.97
C LEU D 281 19.45 14.20 -9.44
C LEU D 281 19.57 14.28 -9.56
N ILE D 282 20.19 13.11 -9.26
CA ILE D 282 20.94 12.92 -8.02
C ILE D 282 22.19 13.82 -7.95
N GLU D 283 22.59 14.21 -6.73
CA GLU D 283 23.87 14.88 -6.61
C GLU D 283 24.96 13.83 -6.62
N PRO D 284 26.23 14.18 -6.97
CA PRO D 284 27.27 13.14 -7.08
C PRO D 284 27.44 12.35 -5.76
N THR D 285 27.17 13.01 -4.62
CA THR D 285 27.33 12.28 -3.36
C THR D 285 26.37 11.07 -3.31
N ALA D 286 25.19 11.24 -3.91
CA ALA D 286 24.20 10.15 -3.96
C ALA D 286 24.64 9.12 -5.02
N GLY D 287 25.56 9.47 -5.94
CA GLY D 287 26.00 8.45 -6.88
C GLY D 287 27.00 7.49 -6.24
N VAL D 288 27.45 7.77 -5.02
CA VAL D 288 28.48 6.96 -4.37
C VAL D 288 27.94 5.56 -4.12
N GLY D 289 26.70 5.45 -3.64
CA GLY D 289 26.08 4.16 -3.39
C GLY D 289 25.84 3.36 -4.67
N VAL D 290 25.46 4.02 -5.74
CA VAL D 290 25.28 3.37 -7.04
C VAL D 290 26.64 2.86 -7.53
N ALA D 291 27.68 3.72 -7.49
CA ALA D 291 29.02 3.29 -7.89
C ALA D 291 29.47 2.07 -7.08
N ALA D 292 29.13 2.00 -5.80
CA ALA D 292 29.53 0.87 -4.97
C ALA D 292 28.93 -0.43 -5.47
N VAL D 293 27.63 -0.42 -5.82
CA VAL D 293 27.02 -1.65 -6.28
C VAL D 293 27.55 -2.05 -7.68
N LEU D 294 28.00 -1.08 -8.49
CA LEU D 294 28.62 -1.34 -9.78
C LEU D 294 30.08 -1.78 -9.66
N SER D 295 30.71 -1.65 -8.47
CA SER D 295 32.16 -1.76 -8.37
C SER D 295 32.57 -3.24 -8.45
N GLN D 296 33.85 -3.46 -8.78
N GLN D 296 33.85 -3.46 -8.79
CA GLN D 296 34.41 -4.80 -8.83
CA GLN D 296 34.49 -4.76 -8.83
C GLN D 296 34.28 -5.49 -7.46
C GLN D 296 34.31 -5.47 -7.48
N HIS D 297 34.61 -4.79 -6.37
CA HIS D 297 34.60 -5.44 -5.06
C HIS D 297 33.21 -5.93 -4.66
N PHE D 298 32.15 -5.26 -5.16
CA PHE D 298 30.78 -5.64 -4.82
C PHE D 298 30.46 -7.04 -5.34
N GLN D 299 31.21 -7.55 -6.34
CA GLN D 299 31.00 -8.91 -6.83
C GLN D 299 31.34 -9.97 -5.80
N THR D 300 32.03 -9.62 -4.72
CA THR D 300 32.31 -10.57 -3.64
C THR D 300 31.10 -10.77 -2.75
N VAL D 301 30.04 -9.95 -2.95
CA VAL D 301 28.83 -10.09 -2.14
C VAL D 301 28.09 -11.34 -2.58
N SER D 302 27.69 -12.19 -1.62
CA SER D 302 27.01 -13.46 -1.89
C SER D 302 25.88 -13.30 -2.90
N PRO D 303 25.65 -14.32 -3.76
CA PRO D 303 24.54 -14.27 -4.73
C PRO D 303 23.18 -14.34 -4.04
N GLU D 304 23.14 -14.78 -2.78
CA GLU D 304 21.92 -14.77 -1.97
C GLU D 304 21.45 -13.33 -1.66
N VAL D 305 22.34 -12.32 -1.77
CA VAL D 305 22.04 -10.92 -1.48
C VAL D 305 21.57 -10.29 -2.79
N LYS D 306 20.28 -10.47 -3.11
CA LYS D 306 19.79 -10.17 -4.45
C LYS D 306 19.05 -8.83 -4.49
N ASN D 307 18.22 -8.61 -3.48
CA ASN D 307 17.33 -7.45 -3.43
C ASN D 307 18.04 -6.33 -2.65
N ILE D 308 18.55 -5.34 -3.40
CA ILE D 308 19.42 -4.37 -2.72
C ILE D 308 18.76 -2.99 -2.89
N CYS D 309 18.58 -2.32 -1.74
CA CYS D 309 18.01 -0.99 -1.73
C CYS D 309 19.17 0.02 -1.57
N ILE D 310 19.37 0.88 -2.58
CA ILE D 310 20.39 1.91 -2.49
C ILE D 310 19.66 3.22 -2.08
N VAL D 311 20.26 3.93 -1.11
CA VAL D 311 19.70 5.24 -0.74
C VAL D 311 20.23 6.33 -1.67
N LEU D 312 19.30 6.90 -2.51
CA LEU D 312 19.67 8.08 -3.30
C LEU D 312 19.44 9.29 -2.38
N SER D 313 20.55 9.72 -1.74
CA SER D 313 20.43 10.52 -0.51
C SER D 313 20.09 11.98 -0.83
N GLY D 314 20.32 12.48 -2.05
CA GLY D 314 20.12 13.91 -2.25
C GLY D 314 20.07 14.27 -3.73
N GLY D 315 19.42 15.39 -4.03
CA GLY D 315 19.36 15.93 -5.38
C GLY D 315 19.83 17.39 -5.49
N ASN D 316 20.53 17.91 -4.48
CA ASN D 316 20.85 19.33 -4.46
C ASN D 316 22.14 19.53 -5.25
N VAL D 317 21.98 19.61 -6.56
CA VAL D 317 23.10 19.69 -7.49
C VAL D 317 23.02 21.06 -8.14
N ASP D 318 24.16 21.69 -8.21
CA ASP D 318 24.40 22.91 -8.94
C ASP D 318 24.39 22.59 -10.43
N LEU D 319 23.24 22.86 -11.07
CA LEU D 319 23.08 22.62 -12.49
C LEU D 319 23.97 23.54 -13.32
N THR D 320 24.44 24.65 -12.71
CA THR D 320 25.39 25.52 -13.40
C THR D 320 26.67 24.74 -13.68
N SER D 321 27.18 24.03 -12.66
CA SER D 321 28.38 23.21 -12.79
C SER D 321 28.06 21.77 -13.19
N SER D 322 26.77 21.38 -13.09
CA SER D 322 26.31 20.02 -13.39
C SER D 322 27.32 19.29 -14.29
N TRP D 325 32.70 18.15 -16.55
CA TRP D 325 32.82 16.69 -16.83
C TRP D 325 32.99 16.46 -18.33
C1 EDO E . 4.28 -11.02 38.43
O1 EDO E . 3.22 -11.24 39.33
C2 EDO E . 5.09 -9.89 38.86
O2 EDO E . 4.44 -9.27 39.96
NA NA F . -6.63 14.94 15.15
CA CA G . -12.71 -5.40 35.58
NA NA H . 5.31 -2.96 41.13
C1 EDO I . -6.80 7.55 9.31
C1 EDO I . -6.59 7.18 7.99
O1 EDO I . -7.17 8.01 10.61
O1 EDO I . -5.49 6.62 7.30
C2 EDO I . -5.45 6.90 9.29
C2 EDO I . -6.28 7.44 9.42
O2 EDO I . -4.48 7.72 9.90
O2 EDO I . -4.89 7.54 9.70
C1 EDO J . 9.42 -15.21 36.58
O1 EDO J . 8.65 -13.99 36.68
C2 EDO J . 9.42 -15.90 37.85
O2 EDO J . 9.27 -17.29 37.73
C1 EDO K . -17.65 -7.66 41.96
O1 EDO K . -17.32 -8.17 43.23
C2 EDO K . -17.93 -8.73 40.99
O2 EDO K . -18.55 -9.88 41.54
C1 EDO L . -15.40 2.05 5.76
O1 EDO L . -15.26 3.35 6.35
C2 EDO L . -14.76 1.94 4.45
O2 EDO L . -13.53 2.63 4.41
C1 GOL M . -10.62 -10.87 42.49
O1 GOL M . -9.41 -10.79 43.23
C2 GOL M . -11.38 -12.18 42.68
O2 GOL M . -12.21 -12.08 43.84
C3 GOL M . -12.27 -12.52 41.51
O3 GOL M . -11.59 -13.22 40.48
C1 GOL N . -11.88 -2.48 5.22
O1 GOL N . -10.79 -2.48 6.15
C2 GOL N . -12.52 -3.84 5.08
O2 GOL N . -13.09 -4.23 6.33
C3 GOL N . -13.51 -3.90 3.92
O3 GOL N . -13.26 -2.92 2.91
NA NA O . 13.00 -19.07 39.73
C1 GOL P . -18.38 5.77 33.68
O1 GOL P . -19.61 6.44 33.48
C2 GOL P . -18.62 4.28 33.56
O2 GOL P . -19.41 3.89 34.68
C3 GOL P . -19.41 3.93 32.33
O3 GOL P . -18.98 4.62 31.18
N1 W0D Q . -6.70 -23.37 26.73
C4 W0D Q . -4.40 -23.50 27.79
C5 W0D Q . -3.15 -24.00 27.51
C6 W0D Q . -2.85 -24.66 26.32
C7 W0D Q . -3.80 -24.85 25.34
C8 W0D Q . -5.08 -24.37 25.61
C10 W0D Q . -11.17 -20.06 27.43
O W0D Q . -10.75 -23.01 26.82
C W0D Q . -10.17 -22.11 26.22
C9 W0D Q . -10.57 -20.70 26.40
O1 W0D Q . -10.37 -19.85 25.36
C12 W0D Q . -10.82 -18.62 25.75
C11 W0D Q . -11.33 -18.72 27.03
N W0D Q . -9.14 -22.32 25.40
C1 W0D Q . -8.60 -23.63 25.11
C2 W0D Q . -7.18 -23.82 25.54
N2 W0D Q . -6.25 -24.44 24.84
C3 W0D Q . -5.36 -23.72 26.81
N1 W0D R . -16.90 -17.25 25.67
C4 W0D R . -19.39 -16.85 25.33
C5 W0D R . -20.36 -17.04 24.38
C6 W0D R . -20.08 -17.62 23.15
C7 W0D R . -18.82 -18.06 22.82
C8 W0D R . -17.81 -17.88 23.77
C10 W0D R . -13.23 -22.70 24.41
O W0D R . -14.91 -20.69 25.91
C W0D R . -14.11 -20.35 25.03
C9 W0D R . -13.36 -21.36 24.26
O1 W0D R . -12.63 -20.93 23.17
C12 W0D R . -12.05 -22.02 22.62
C11 W0D R . -12.40 -23.14 23.36
N W0D R . -13.85 -19.08 24.70
C1 W0D R . -14.54 -17.94 25.31
C2 W0D R . -15.97 -17.82 24.88
N2 W0D R . -16.46 -18.21 23.72
C3 W0D R . -18.11 -17.28 24.99
C1 EDO S . 0.82 -16.50 37.95
O1 EDO S . 2.06 -16.23 38.59
C2 EDO S . 0.89 -17.37 36.75
O2 EDO S . -0.31 -17.63 36.24
NA NA T . 6.89 -0.50 15.50
NA NA T . 7.76 -0.13 15.89
C1 EDO U . 6.98 -4.55 -16.82
O1 EDO U . 6.28 -5.33 -17.77
C2 EDO U . 8.17 -4.02 -17.49
O2 EDO U . 8.47 -4.73 -18.66
CA CA V . 1.29 22.51 -32.29
NA NA W . -9.43 9.21 -40.67
N1 W0D X . 17.23 8.91 -31.88
C4 W0D X . 16.25 7.19 -33.46
C5 W0D X . 16.29 5.83 -33.71
C6 W0D X . 17.07 4.98 -32.93
C7 W0D X . 17.85 5.44 -31.89
C8 W0D X . 17.81 6.81 -31.62
C10 W0D X . 15.64 14.00 -30.32
O W0D X . 18.08 12.48 -31.17
C W0D X . 17.32 12.08 -30.29
C9 W0D X . 16.20 12.89 -29.82
O1 W0D X . 15.58 12.52 -28.65
C12 W0D X . 14.59 13.42 -28.43
C11 W0D X . 14.59 14.35 -29.45
N W0D X . 17.48 10.89 -29.71
C1 W0D X . 18.56 9.98 -30.05
C2 W0D X . 18.10 8.80 -30.85
N2 W0D X . 18.47 7.55 -30.64
C3 W0D X . 17.03 7.65 -32.40
N1 W0D Y . 15.87 19.17 -26.58
C4 W0D Y . 16.62 21.40 -25.66
C5 W0D Y . 17.52 21.93 -24.75
C6 W0D Y . 18.38 21.11 -24.01
C7 W0D Y . 18.38 19.74 -24.15
C8 W0D Y . 17.47 19.18 -25.05
C10 W0D Y . 18.17 13.12 -26.54
O W0D Y . 17.87 16.11 -28.60
C W0D Y . 17.58 15.35 -27.67
C9 W0D Y . 18.40 14.16 -27.36
O1 W0D Y . 19.62 14.04 -27.97
C12 W0D Y . 20.17 12.88 -27.53
C11 W0D Y . 19.32 12.28 -26.63
N W0D Y . 16.51 15.53 -26.89
C1 W0D Y . 15.67 16.73 -26.99
C2 W0D Y . 16.27 17.90 -26.30
N2 W0D Y . 17.24 17.85 -25.40
C3 W0D Y . 16.62 20.01 -25.79
C1 EDO Z . 6.18 8.45 -40.98
O1 EDO Z . 7.35 7.83 -40.43
C2 EDO Z . 5.23 7.48 -41.61
O2 EDO Z . 4.55 7.95 -42.78
C1 GOL AA . -2.95 -11.96 7.71
O1 GOL AA . -3.27 -11.22 6.53
C2 GOL AA . -3.98 -11.75 8.80
O2 GOL AA . -4.99 -12.74 8.62
C3 GOL AA . -3.35 -11.85 10.17
O3 GOL AA . -2.09 -11.21 10.25
CA CA BA . -22.19 -26.11 -10.54
CA CA BA . -23.27 -25.68 -10.41
C1 EDO CA . -24.77 -14.86 -25.69
O1 EDO CA . -24.26 -14.01 -26.72
C2 EDO CA . -24.23 -16.24 -25.59
O2 EDO CA . -22.99 -16.46 -26.26
C1 EDO DA . -34.58 -3.30 -18.15
C1 EDO DA . -34.49 -3.48 -18.08
O1 EDO DA . -35.05 -4.18 -17.16
O1 EDO DA . -35.21 -4.26 -17.15
C2 EDO DA . -33.11 -3.39 -18.39
C2 EDO DA . -33.02 -3.74 -18.13
O2 EDO DA . -32.55 -4.61 -17.94
O2 EDO DA . -32.24 -2.77 -18.83
C1 EDO EA . -32.57 -25.92 -12.02
O1 EDO EA . -31.64 -25.73 -10.97
C2 EDO EA . -32.05 -26.81 -13.09
O2 EDO EA . -31.04 -26.19 -13.88
C1 GOL FA . -15.21 3.01 1.11
O1 GOL FA . -14.23 2.05 0.73
C2 GOL FA . -15.85 3.66 -0.10
O2 GOL FA . -15.06 3.43 -1.27
C3 GOL FA . -17.26 3.22 -0.37
O3 GOL FA . -18.11 4.33 -0.62
C1 EDO GA . 1.17 -15.14 7.32
O1 EDO GA . -0.18 -15.44 7.67
C2 EDO GA . 1.87 -16.28 6.71
O2 EDO GA . 1.02 -17.10 5.94
C1 GOL HA . -11.24 -29.74 -16.80
C1 GOL HA . -11.29 -29.52 -16.76
O1 GOL HA . -11.94 -28.55 -17.09
O1 GOL HA . -12.01 -28.30 -16.92
C2 GOL HA . -11.99 -30.62 -15.84
C2 GOL HA . -11.96 -30.45 -15.78
O2 GOL HA . -11.09 -31.52 -15.19
O2 GOL HA . -11.00 -31.34 -15.20
C3 GOL HA . -13.09 -31.42 -16.52
C3 GOL HA . -13.10 -31.24 -16.39
O3 GOL HA . -14.35 -30.75 -16.45
O3 GOL HA . -14.35 -30.60 -16.21
NA NA IA . -36.27 -16.41 -3.78
NA NA JA . -22.09 -4.46 -21.50
MG MG KA . -8.09 -0.80 -18.07
CL CL LA . -33.84 -10.74 -9.75
NA NA MA . 7.82 12.06 -4.13
NA NA NA . 16.45 -13.36 1.10
CA CA OA . 34.72 9.13 4.57
C1 EDO PA . 10.20 -6.57 -2.68
O1 EDO PA . 10.02 -6.98 -1.38
C2 EDO PA . 11.07 -7.51 -3.44
O2 EDO PA . 10.80 -7.51 -4.83
C1 EDO QA . 3.85 21.18 10.73
O1 EDO QA . 4.05 20.64 9.44
C2 EDO QA . 4.89 22.18 11.05
O2 EDO QA . 5.06 22.46 12.42
C1 EDO RA . 26.39 -8.42 -14.26
O1 EDO RA . 27.46 -7.66 -13.71
C2 EDO RA . 26.26 -9.77 -13.63
O2 EDO RA . 25.14 -10.49 -14.11
C1 EDO SA . 11.30 -2.46 -13.53
O1 EDO SA . 12.26 -1.42 -13.54
C2 EDO SA . 11.86 -3.81 -13.27
O2 EDO SA . 13.15 -3.75 -12.67
C1 PGE TA . 36.58 19.67 2.95
O1 PGE TA . 37.34 19.26 1.80
C2 PGE TA . 36.40 18.57 3.97
O2 PGE TA . 35.76 19.03 5.16
C3 PGE TA . 36.68 19.15 6.26
C4 PGE TA . 37.15 17.80 6.70
O4 PGE TA . 38.76 15.18 9.80
C6 PGE TA . 38.87 16.56 9.44
C5 PGE TA . 38.87 16.75 7.96
O3 PGE TA . 38.21 17.97 7.63
C1 GOL UA . 37.20 -3.50 0.54
O1 GOL UA . 35.99 -3.43 1.30
C2 GOL UA . 37.71 -2.15 0.07
O2 GOL UA . 38.51 -2.33 -1.09
C3 GOL UA . 36.63 -1.16 -0.21
O3 GOL UA . 35.92 -1.48 -1.42
C1 PGE VA . 27.25 22.68 12.21
O1 PGE VA . 26.08 23.27 11.79
C2 PGE VA . 27.31 22.51 13.69
O2 PGE VA . 28.57 21.92 14.09
C3 PGE VA . 28.77 21.97 15.49
C4 PGE VA . 27.51 21.51 16.13
O4 PGE VA . 25.29 21.04 20.29
C6 PGE VA . 26.48 21.40 19.65
C5 PGE VA . 26.43 21.07 18.19
O3 PGE VA . 27.64 21.46 17.55
N1 W0D WA . 22.16 26.36 0.82
C4 W0D WA . 22.10 26.94 3.28
C5 W0D WA . 21.27 27.46 4.22
C6 W0D WA . 19.97 27.86 3.90
C7 W0D WA . 19.48 27.74 2.62
C8 W0D WA . 20.32 27.22 1.66
C10 W0D WA . 25.62 23.30 -1.49
O W0D WA . 24.29 25.96 -1.46
C W0D WA . 23.65 24.91 -1.53
C9 W0D WA . 24.32 23.61 -1.49
O1 W0D WA . 23.53 22.49 -1.46
C12 W0D WA . 24.38 21.42 -1.45
C11 W0D WA . 25.68 21.88 -1.46
N W0D WA . 22.31 24.88 -1.66
C1 W0D WA . 21.49 26.07 -1.56
C2 W0D WA . 21.23 26.48 -0.15
N2 W0D WA . 20.11 27.00 0.29
C3 W0D WA . 21.61 26.82 1.99
N1 W0D XA . 28.27 18.99 -5.99
C4 W0D XA . 29.74 18.43 -7.98
C5 W0D XA . 29.75 18.52 -9.35
C6 W0D XA . 28.68 19.10 -10.05
C7 W0D XA . 27.57 19.59 -9.40
C8 W0D XA . 27.55 19.50 -8.00
C10 W0D XA . 24.74 24.52 -5.06
O W0D XA . 27.03 22.58 -4.68
C W0D XA . 25.85 22.22 -4.70
C9 W0D XA . 24.75 23.18 -4.90
O1 W0D XA . 23.47 22.68 -4.95
C12 W0D XA . 22.64 23.74 -5.12
C11 W0D XA . 23.38 24.90 -5.21
N W0D XA . 25.48 20.94 -4.57
C1 W0D XA . 26.41 19.82 -4.58
C2 W0D XA . 27.07 19.60 -5.90
N2 W0D XA . 26.59 19.94 -7.08
C3 W0D XA . 28.63 18.93 -7.33
MG MG YA . 29.11 8.91 22.91
#